data_6U4M
#
_entry.id   6U4M
#
loop_
_entity.id
_entity.type
_entity.pdbx_description
1 polymer Paxillin
2 non-polymer 'ZINC ION'
#
_entity_poly.entity_id   1
_entity_poly.type   'polypeptide(L)'
_entity_poly.pdbx_seq_one_letter_code
;GAMDPEFYHERRGSLCSGCQKPITGRCITAMAKKFHPEHFVCAFCLKQLNKGTFKEQNDKPYCQNCFLKLFC
;
_entity_poly.pdbx_strand_id   A
#
# COMPACT_ATOMS: atom_id res chain seq x y z
N TYR A 8 -13.61 20.03 7.59
CA TYR A 8 -12.47 19.33 8.23
C TYR A 8 -12.45 17.86 7.78
N HIS A 9 -11.34 17.20 7.95
CA HIS A 9 -11.24 15.77 7.52
C HIS A 9 -11.90 14.88 8.59
N GLU A 10 -11.53 13.63 8.64
CA GLU A 10 -12.13 12.70 9.65
C GLU A 10 -11.49 12.98 11.02
N ARG A 11 -11.42 11.98 11.87
CA ARG A 11 -10.82 12.18 13.21
C ARG A 11 -9.29 12.28 13.09
N ARG A 12 -8.68 11.32 12.43
CA ARG A 12 -7.19 11.34 12.27
C ARG A 12 -6.85 11.36 10.79
N GLY A 13 -7.19 10.31 10.09
CA GLY A 13 -6.88 10.24 8.63
C GLY A 13 -5.91 9.08 8.36
N SER A 14 -5.25 8.59 9.37
CA SER A 14 -4.28 7.46 9.20
C SER A 14 -3.08 7.94 8.38
N LEU A 15 -1.90 7.88 8.94
CA LEU A 15 -0.69 8.34 8.20
C LEU A 15 -0.36 7.35 7.09
N CYS A 16 0.01 7.85 5.94
CA CYS A 16 0.37 6.95 4.81
C CYS A 16 1.79 6.48 5.04
N SER A 17 1.97 5.22 5.32
CA SER A 17 3.35 4.72 5.56
C SER A 17 4.22 5.16 4.39
N GLY A 18 5.14 6.04 4.66
CA GLY A 18 6.00 6.59 3.57
C GLY A 18 5.81 8.11 3.56
N CYS A 19 4.64 8.55 3.93
CA CYS A 19 4.36 10.02 3.96
C CYS A 19 4.32 10.50 5.41
N GLN A 20 3.96 9.62 6.33
CA GLN A 20 3.88 10.01 7.76
C GLN A 20 2.90 11.17 7.89
N LYS A 21 1.93 11.23 7.01
CA LYS A 21 0.90 12.31 7.06
C LYS A 21 -0.48 11.65 6.88
N PRO A 22 -1.47 12.12 7.60
CA PRO A 22 -2.83 11.54 7.51
C PRO A 22 -3.30 11.32 6.08
N ILE A 23 -4.19 10.37 5.92
CA ILE A 23 -4.72 10.05 4.57
C ILE A 23 -6.16 10.56 4.48
N THR A 24 -6.35 11.74 3.96
CA THR A 24 -7.73 12.30 3.85
C THR A 24 -8.43 11.75 2.61
N GLY A 25 -9.18 10.70 2.77
CA GLY A 25 -9.90 10.08 1.62
C GLY A 25 -9.69 8.57 1.67
N ARG A 26 -9.70 7.91 0.54
CA ARG A 26 -9.48 6.44 0.54
C ARG A 26 -8.13 6.15 1.21
N CYS A 27 -7.95 4.96 1.71
CA CYS A 27 -6.66 4.64 2.37
C CYS A 27 -6.41 3.13 2.32
N ILE A 28 -5.20 2.74 2.00
CA ILE A 28 -4.87 1.30 1.93
C ILE A 28 -4.32 0.84 3.28
N THR A 29 -4.54 -0.40 3.63
CA THR A 29 -4.04 -0.92 4.93
C THR A 29 -3.24 -2.20 4.66
N ALA A 30 -1.94 -2.12 4.74
CA ALA A 30 -1.10 -3.32 4.49
C ALA A 30 -0.88 -4.07 5.81
N MET A 31 0.35 -4.39 6.13
CA MET A 31 0.63 -5.10 7.41
C MET A 31 0.43 -4.11 8.56
N ALA A 32 -0.77 -3.61 8.70
CA ALA A 32 -1.06 -2.61 9.76
C ALA A 32 -0.53 -1.25 9.31
N LYS A 33 0.26 -1.24 8.26
CA LYS A 33 0.81 0.04 7.74
C LYS A 33 -0.15 0.62 6.72
N LYS A 34 -0.43 1.90 6.80
CA LYS A 34 -1.37 2.52 5.83
C LYS A 34 -0.59 3.13 4.67
N PHE A 35 -1.27 3.53 3.63
CA PHE A 35 -0.57 4.12 2.46
C PHE A 35 -1.57 4.96 1.67
N HIS A 36 -1.19 6.13 1.21
CA HIS A 36 -2.13 6.93 0.40
C HIS A 36 -2.51 6.05 -0.80
N PRO A 37 -3.78 5.99 -1.14
CA PRO A 37 -4.22 5.15 -2.29
C PRO A 37 -3.39 5.37 -3.55
N GLU A 38 -2.54 6.37 -3.53
CA GLU A 38 -1.67 6.66 -4.72
C GLU A 38 -0.21 6.40 -4.35
N HIS A 39 0.09 6.27 -3.07
CA HIS A 39 1.50 6.02 -2.65
C HIS A 39 1.69 4.54 -2.35
N PHE A 40 0.62 3.81 -2.27
CA PHE A 40 0.72 2.34 -2.00
C PHE A 40 1.18 1.67 -3.29
N VAL A 41 2.47 1.61 -3.50
CA VAL A 41 2.99 1.00 -4.75
C VAL A 41 3.64 -0.35 -4.44
N CYS A 42 4.01 -1.07 -5.47
CA CYS A 42 4.65 -2.40 -5.28
C CYS A 42 6.11 -2.22 -4.85
N ALA A 43 6.52 -2.90 -3.80
CA ALA A 43 7.94 -2.77 -3.34
C ALA A 43 8.87 -3.48 -4.34
N PHE A 44 8.59 -3.34 -5.61
CA PHE A 44 9.45 -3.99 -6.66
C PHE A 44 9.51 -3.06 -7.87
N CYS A 45 8.39 -2.82 -8.49
CA CYS A 45 8.34 -1.92 -9.66
C CYS A 45 7.96 -0.51 -9.20
N LEU A 46 7.37 -0.42 -8.03
CA LEU A 46 6.97 0.91 -7.48
C LEU A 46 6.08 1.66 -8.48
N LYS A 47 5.51 0.98 -9.43
CA LYS A 47 4.63 1.66 -10.42
C LYS A 47 3.35 2.12 -9.71
N GLN A 48 2.68 1.21 -9.06
CA GLN A 48 1.42 1.52 -8.33
C GLN A 48 0.90 0.24 -7.71
N LEU A 49 0.03 0.32 -6.75
CA LEU A 49 -0.48 -0.93 -6.13
C LEU A 49 -1.81 -0.66 -5.41
N ASN A 50 -2.60 -1.70 -5.24
CA ASN A 50 -3.90 -1.55 -4.55
C ASN A 50 -4.17 -2.81 -3.71
N LYS A 51 -4.45 -2.64 -2.45
CA LYS A 51 -4.73 -3.82 -1.57
C LYS A 51 -5.79 -4.71 -2.22
N GLY A 52 -6.65 -4.13 -3.01
CA GLY A 52 -7.73 -4.91 -3.67
C GLY A 52 -7.17 -6.14 -4.38
N THR A 53 -6.00 -6.06 -4.95
CA THR A 53 -5.44 -7.25 -5.66
C THR A 53 -3.91 -7.27 -5.57
N PHE A 54 -3.35 -6.87 -4.46
CA PHE A 54 -1.86 -6.90 -4.33
C PHE A 54 -1.43 -8.18 -3.63
N LYS A 55 -0.16 -8.34 -3.47
CA LYS A 55 0.40 -9.52 -2.77
C LYS A 55 1.58 -9.05 -1.93
N GLU A 56 2.13 -9.87 -1.09
CA GLU A 56 3.28 -9.40 -0.27
C GLU A 56 4.26 -10.54 -0.02
N GLN A 57 5.50 -10.19 0.16
CA GLN A 57 6.56 -11.21 0.41
C GLN A 57 7.67 -10.54 1.21
N ASN A 58 8.36 -11.27 2.04
CA ASN A 58 9.47 -10.66 2.84
C ASN A 58 8.97 -9.44 3.62
N ASP A 59 7.67 -9.34 3.83
CA ASP A 59 7.10 -8.18 4.60
C ASP A 59 7.02 -6.92 3.70
N LYS A 60 6.82 -7.09 2.43
CA LYS A 60 6.70 -5.91 1.53
C LYS A 60 5.65 -6.18 0.45
N PRO A 61 5.01 -5.15 -0.05
CA PRO A 61 3.94 -5.31 -1.08
C PRO A 61 4.47 -5.75 -2.44
N TYR A 62 3.63 -6.36 -3.20
CA TYR A 62 4.01 -6.83 -4.56
C TYR A 62 2.72 -7.05 -5.36
N CYS A 63 2.59 -6.45 -6.51
CA CYS A 63 1.34 -6.65 -7.30
C CYS A 63 1.13 -8.15 -7.47
N GLN A 64 -0.10 -8.59 -7.45
CA GLN A 64 -0.36 -10.05 -7.62
C GLN A 64 0.42 -10.53 -8.84
N ASN A 65 0.48 -9.71 -9.87
CA ASN A 65 1.24 -10.09 -11.08
C ASN A 65 2.73 -10.16 -10.71
N CYS A 66 3.17 -9.25 -9.89
CA CYS A 66 4.60 -9.27 -9.45
C CYS A 66 4.80 -10.50 -8.57
N PHE A 67 4.08 -10.59 -7.49
CA PHE A 67 4.20 -11.79 -6.60
C PHE A 67 4.11 -13.04 -7.47
N LEU A 68 3.17 -13.04 -8.38
CA LEU A 68 3.02 -14.19 -9.32
C LEU A 68 4.32 -14.34 -10.11
N LYS A 69 5.04 -13.25 -10.25
CA LYS A 69 6.33 -13.26 -11.00
C LYS A 69 7.47 -13.57 -10.05
N LEU A 70 7.41 -13.07 -8.83
CA LEU A 70 8.51 -13.32 -7.86
C LEU A 70 8.27 -14.65 -7.15
N PHE A 71 7.14 -14.80 -6.52
CA PHE A 71 6.84 -16.07 -5.79
C PHE A 71 6.58 -17.20 -6.78
N CYS A 72 6.25 -16.87 -8.01
CA CYS A 72 5.98 -17.93 -9.02
C CYS A 72 6.50 -17.49 -10.39
N TYR A 8 -11.05 19.11 18.30
CA TYR A 8 -12.13 19.16 17.27
C TYR A 8 -12.43 17.74 16.78
N HIS A 9 -11.41 16.94 16.60
CA HIS A 9 -11.62 15.54 16.12
C HIS A 9 -10.44 14.67 16.53
N GLU A 10 -10.37 13.48 16.01
CA GLU A 10 -9.24 12.55 16.34
C GLU A 10 -8.62 12.02 15.06
N ARG A 11 -9.41 11.43 14.21
CA ARG A 11 -8.88 10.87 12.93
C ARG A 11 -9.74 11.38 11.76
N ARG A 12 -9.38 12.51 11.20
CA ARG A 12 -10.15 13.07 10.07
C ARG A 12 -9.84 12.27 8.80
N GLY A 13 -8.86 11.41 8.85
CA GLY A 13 -8.50 10.60 7.65
C GLY A 13 -7.38 9.63 8.00
N SER A 14 -7.25 8.57 7.24
CA SER A 14 -6.19 7.56 7.51
C SER A 14 -4.85 8.07 6.97
N LEU A 15 -3.83 8.08 7.78
CA LEU A 15 -2.51 8.57 7.30
C LEU A 15 -1.90 7.55 6.34
N CYS A 16 -1.32 8.01 5.27
CA CYS A 16 -0.68 7.09 4.30
C CYS A 16 0.69 6.72 4.82
N SER A 17 0.88 5.50 5.22
CA SER A 17 2.21 5.10 5.75
C SER A 17 3.26 5.53 4.74
N GLY A 18 4.06 6.48 5.11
CA GLY A 18 5.08 7.02 4.17
C GLY A 18 4.85 8.53 4.07
N CYS A 19 3.60 8.92 4.17
CA CYS A 19 3.26 10.37 4.11
C CYS A 19 2.89 10.86 5.51
N GLN A 20 2.38 9.98 6.33
CA GLN A 20 1.99 10.37 7.72
C GLN A 20 0.95 11.51 7.62
N LYS A 21 0.18 11.50 6.56
CA LYS A 21 -0.86 12.53 6.36
C LYS A 21 -2.14 11.82 5.92
N PRO A 22 -3.28 12.25 6.38
CA PRO A 22 -4.57 11.61 6.02
C PRO A 22 -4.71 11.29 4.53
N ILE A 23 -5.49 10.29 4.23
CA ILE A 23 -5.70 9.88 2.81
C ILE A 23 -7.09 10.33 2.37
N THR A 24 -7.18 11.47 1.73
CA THR A 24 -8.51 11.97 1.28
C THR A 24 -8.92 11.26 -0.01
N GLY A 25 -9.83 10.33 0.09
CA GLY A 25 -10.28 9.57 -1.12
C GLY A 25 -10.10 8.07 -0.84
N ARG A 26 -9.84 7.29 -1.85
CA ARG A 26 -9.63 5.83 -1.61
C ARG A 26 -8.40 5.66 -0.73
N CYS A 27 -8.24 4.50 -0.15
CA CYS A 27 -7.05 4.29 0.73
C CYS A 27 -6.72 2.81 0.82
N ILE A 28 -5.47 2.48 0.74
CA ILE A 28 -5.05 1.05 0.82
C ILE A 28 -4.75 0.69 2.27
N THR A 29 -4.93 -0.55 2.63
CA THR A 29 -4.64 -0.98 4.02
C THR A 29 -3.75 -2.21 3.99
N ALA A 30 -2.50 -2.06 4.31
CA ALA A 30 -1.57 -3.22 4.28
C ALA A 30 -1.56 -3.88 5.67
N MET A 31 -0.40 -4.11 6.22
CA MET A 31 -0.33 -4.75 7.56
C MET A 31 -0.79 -3.72 8.60
N ALA A 32 -2.01 -3.29 8.49
CA ALA A 32 -2.55 -2.26 9.43
C ALA A 32 -2.00 -0.89 8.99
N LYS A 33 -1.03 -0.89 8.11
CA LYS A 33 -0.45 0.39 7.63
C LYS A 33 -1.24 0.86 6.40
N LYS A 34 -1.59 2.12 6.36
CA LYS A 34 -2.36 2.63 5.21
C LYS A 34 -1.40 3.24 4.18
N PHE A 35 -1.90 3.55 3.02
CA PHE A 35 -1.03 4.14 1.96
C PHE A 35 -1.90 4.89 0.96
N HIS A 36 -1.48 6.05 0.52
CA HIS A 36 -2.29 6.77 -0.49
C HIS A 36 -2.42 5.83 -1.68
N PRO A 37 -3.59 5.69 -2.25
CA PRO A 37 -3.78 4.78 -3.41
C PRO A 37 -2.75 5.02 -4.51
N GLU A 38 -1.98 6.07 -4.40
CA GLU A 38 -0.94 6.39 -5.41
C GLU A 38 0.44 6.19 -4.80
N HIS A 39 0.53 6.09 -3.49
CA HIS A 39 1.86 5.90 -2.83
C HIS A 39 2.03 4.43 -2.46
N PHE A 40 0.97 3.67 -2.50
CA PHE A 40 1.06 2.22 -2.18
C PHE A 40 1.66 1.53 -3.40
N VAL A 41 2.96 1.48 -3.47
CA VAL A 41 3.62 0.84 -4.64
C VAL A 41 4.20 -0.52 -4.26
N CYS A 42 4.69 -1.25 -5.23
CA CYS A 42 5.28 -2.59 -4.97
C CYS A 42 6.68 -2.44 -4.40
N ALA A 43 6.97 -3.13 -3.32
CA ALA A 43 8.33 -3.04 -2.72
C ALA A 43 9.34 -3.77 -3.62
N PHE A 44 9.21 -3.62 -4.92
CA PHE A 44 10.14 -4.29 -5.87
C PHE A 44 10.34 -3.37 -7.07
N CYS A 45 9.28 -3.08 -7.78
CA CYS A 45 9.39 -2.18 -8.96
C CYS A 45 8.98 -0.77 -8.53
N LEU A 46 8.27 -0.66 -7.44
CA LEU A 46 7.83 0.68 -6.93
C LEU A 46 7.08 1.44 -8.02
N LYS A 47 6.57 0.75 -9.02
CA LYS A 47 5.81 1.45 -10.09
C LYS A 47 4.47 1.91 -9.55
N GLN A 48 3.72 1.00 -8.98
CA GLN A 48 2.38 1.33 -8.41
C GLN A 48 1.79 0.06 -7.82
N LEU A 49 0.84 0.16 -6.95
CA LEU A 49 0.26 -1.08 -6.35
C LEU A 49 -1.12 -0.79 -5.75
N ASN A 50 -1.92 -1.82 -5.59
CA ASN A 50 -3.27 -1.65 -5.02
C ASN A 50 -3.67 -2.93 -4.28
N LYS A 51 -4.13 -2.81 -3.06
CA LYS A 51 -4.53 -4.02 -2.28
C LYS A 51 -5.50 -4.87 -3.11
N GLY A 52 -6.22 -4.24 -4.00
CA GLY A 52 -7.21 -4.98 -4.85
C GLY A 52 -6.53 -6.12 -5.61
N THR A 53 -5.27 -5.97 -5.98
CA THR A 53 -4.60 -7.06 -6.75
C THR A 53 -3.11 -7.14 -6.40
N PHE A 54 -2.74 -6.84 -5.17
CA PHE A 54 -1.30 -6.92 -4.81
C PHE A 54 -1.03 -8.21 -4.03
N LYS A 55 0.20 -8.42 -3.70
CA LYS A 55 0.61 -9.61 -2.91
C LYS A 55 1.70 -9.17 -1.94
N GLU A 56 2.05 -9.96 -0.98
CA GLU A 56 3.12 -9.52 -0.03
C GLU A 56 4.06 -10.69 0.28
N GLN A 57 5.29 -10.38 0.56
CA GLN A 57 6.29 -11.43 0.89
C GLN A 57 7.36 -10.80 1.77
N ASN A 58 7.95 -11.56 2.65
CA ASN A 58 9.00 -11.00 3.55
C ASN A 58 8.48 -9.76 4.30
N ASP A 59 7.18 -9.60 4.38
CA ASP A 59 6.59 -8.43 5.11
C ASP A 59 6.60 -7.17 4.23
N LYS A 60 6.50 -7.32 2.94
CA LYS A 60 6.49 -6.10 2.05
C LYS A 60 5.56 -6.37 0.86
N PRO A 61 5.01 -5.32 0.28
CA PRO A 61 4.07 -5.45 -0.87
C PRO A 61 4.74 -5.93 -2.15
N TYR A 62 3.97 -6.52 -3.00
CA TYR A 62 4.50 -7.03 -4.31
C TYR A 62 3.30 -7.23 -5.24
N CYS A 63 3.30 -6.62 -6.39
CA CYS A 63 2.14 -6.81 -7.32
C CYS A 63 1.92 -8.31 -7.50
N GLN A 64 0.70 -8.71 -7.63
CA GLN A 64 0.42 -10.16 -7.82
C GLN A 64 1.32 -10.68 -8.95
N ASN A 65 1.52 -9.87 -9.95
CA ASN A 65 2.42 -10.28 -11.07
C ASN A 65 3.84 -10.40 -10.52
N CYS A 66 4.21 -9.50 -9.65
CA CYS A 66 5.58 -9.55 -9.05
C CYS A 66 5.64 -10.79 -8.15
N PHE A 67 4.78 -10.86 -7.16
CA PHE A 67 4.75 -12.06 -6.26
C PHE A 67 4.73 -13.31 -7.14
N LEU A 68 3.91 -13.29 -8.15
CA LEU A 68 3.83 -14.44 -9.10
C LEU A 68 5.22 -14.63 -9.74
N LYS A 69 5.98 -13.56 -9.79
CA LYS A 69 7.34 -13.61 -10.38
C LYS A 69 8.36 -13.96 -9.29
N LEU A 70 8.18 -13.45 -8.09
CA LEU A 70 9.14 -13.73 -7.00
C LEU A 70 8.78 -15.06 -6.32
N PHE A 71 7.57 -15.16 -5.83
CA PHE A 71 7.15 -16.41 -5.14
C PHE A 71 6.96 -17.54 -6.16
N CYS A 72 6.79 -17.20 -7.41
CA CYS A 72 6.60 -18.26 -8.45
C CYS A 72 7.30 -17.84 -9.75
N TYR A 8 -16.15 9.88 14.29
CA TYR A 8 -16.00 10.78 15.47
C TYR A 8 -14.56 11.28 15.55
N HIS A 9 -13.62 10.39 15.46
CA HIS A 9 -12.18 10.80 15.53
C HIS A 9 -11.77 11.41 14.19
N GLU A 10 -11.10 10.64 13.35
CA GLU A 10 -10.66 11.16 12.01
C GLU A 10 -9.74 12.37 12.20
N ARG A 11 -10.31 13.54 12.40
CA ARG A 11 -9.49 14.77 12.58
C ARG A 11 -8.78 15.14 11.27
N ARG A 12 -7.80 14.36 10.89
CA ARG A 12 -7.06 14.66 9.63
C ARG A 12 -7.46 13.66 8.55
N GLY A 13 -7.10 12.42 8.73
CA GLY A 13 -7.44 11.39 7.73
C GLY A 13 -6.60 10.14 7.96
N SER A 14 -5.50 10.01 7.27
CA SER A 14 -4.62 8.82 7.44
C SER A 14 -3.26 9.12 6.82
N LEU A 15 -2.21 9.03 7.59
CA LEU A 15 -0.84 9.31 7.03
C LEU A 15 -0.44 8.21 6.06
N CYS A 16 0.13 8.58 4.94
CA CYS A 16 0.57 7.57 3.96
C CYS A 16 1.89 7.00 4.44
N SER A 17 1.92 5.76 4.83
CA SER A 17 3.19 5.17 5.32
C SER A 17 4.26 5.45 4.28
N GLY A 18 5.20 6.27 4.61
CA GLY A 18 6.27 6.66 3.65
C GLY A 18 6.24 8.18 3.51
N CYS A 19 5.07 8.76 3.67
CA CYS A 19 4.93 10.24 3.56
C CYS A 19 4.70 10.82 4.96
N GLN A 20 4.13 10.06 5.84
CA GLN A 20 3.85 10.56 7.22
C GLN A 20 2.96 11.80 7.14
N LYS A 21 2.15 11.86 6.11
CA LYS A 21 1.23 13.03 5.93
C LYS A 21 -0.14 12.48 5.56
N PRO A 22 -1.20 13.06 6.09
CA PRO A 22 -2.58 12.58 5.80
C PRO A 22 -2.82 12.29 4.32
N ILE A 23 -3.74 11.40 4.06
CA ILE A 23 -4.06 11.02 2.67
C ILE A 23 -5.39 11.65 2.27
N THR A 24 -5.36 12.79 1.64
CA THR A 24 -6.62 13.47 1.24
C THR A 24 -7.16 12.85 -0.05
N GLY A 25 -8.16 12.02 0.08
CA GLY A 25 -8.76 11.34 -1.11
C GLY A 25 -8.78 9.84 -0.85
N ARG A 26 -8.66 9.04 -1.88
CA ARG A 26 -8.65 7.57 -1.67
C ARG A 26 -7.43 7.21 -0.81
N CYS A 27 -7.42 6.05 -0.21
CA CYS A 27 -6.25 5.68 0.63
C CYS A 27 -6.12 4.17 0.71
N ILE A 28 -4.92 3.67 0.61
CA ILE A 28 -4.70 2.20 0.68
C ILE A 28 -4.40 1.81 2.12
N THR A 29 -4.81 0.63 2.51
CA THR A 29 -4.54 0.16 3.91
C THR A 29 -3.84 -1.19 3.84
N ALA A 30 -2.57 -1.21 4.12
CA ALA A 30 -1.81 -2.49 4.06
C ALA A 30 -1.83 -3.17 5.43
N MET A 31 -0.69 -3.56 5.93
CA MET A 31 -0.65 -4.21 7.27
C MET A 31 -0.93 -3.15 8.34
N ALA A 32 -2.09 -2.56 8.27
CA ALA A 32 -2.46 -1.48 9.24
C ALA A 32 -1.74 -0.20 8.80
N LYS A 33 -0.83 -0.31 7.88
CA LYS A 33 -0.08 0.89 7.39
C LYS A 33 -0.83 1.48 6.19
N LYS A 34 -0.99 2.77 6.16
CA LYS A 34 -1.71 3.40 5.02
C LYS A 34 -0.71 3.84 3.96
N PHE A 35 -1.19 4.22 2.80
CA PHE A 35 -0.28 4.66 1.71
C PHE A 35 -1.06 5.51 0.72
N HIS A 36 -0.49 6.59 0.25
CA HIS A 36 -1.23 7.41 -0.76
C HIS A 36 -1.53 6.47 -1.93
N PRO A 37 -2.73 6.52 -2.45
CA PRO A 37 -3.10 5.62 -3.59
C PRO A 37 -2.09 5.65 -4.73
N GLU A 38 -1.13 6.53 -4.66
CA GLU A 38 -0.09 6.63 -5.71
C GLU A 38 1.29 6.29 -5.12
N HIS A 39 1.39 6.24 -3.81
CA HIS A 39 2.71 5.91 -3.18
C HIS A 39 2.72 4.44 -2.76
N PHE A 40 1.58 3.81 -2.75
CA PHE A 40 1.52 2.37 -2.39
C PHE A 40 2.03 1.58 -3.58
N VAL A 41 3.32 1.37 -3.66
CA VAL A 41 3.89 0.63 -4.81
C VAL A 41 4.35 -0.78 -4.37
N CYS A 42 4.72 -1.59 -5.33
CA CYS A 42 5.18 -2.97 -5.01
C CYS A 42 6.61 -2.93 -4.48
N ALA A 43 6.86 -3.59 -3.38
CA ALA A 43 8.25 -3.61 -2.82
C ALA A 43 9.14 -4.50 -3.71
N PHE A 44 9.02 -4.37 -5.00
CA PHE A 44 9.84 -5.18 -5.94
C PHE A 44 10.12 -4.33 -7.19
N CYS A 45 9.08 -3.96 -7.88
CA CYS A 45 9.25 -3.12 -9.10
C CYS A 45 8.97 -1.66 -8.73
N LEU A 46 8.30 -1.44 -7.63
CA LEU A 46 7.99 -0.05 -7.18
C LEU A 46 7.28 0.74 -8.30
N LYS A 47 6.70 0.05 -9.24
CA LYS A 47 5.98 0.76 -10.35
C LYS A 47 4.69 1.38 -9.79
N GLN A 48 3.87 0.58 -9.16
CA GLN A 48 2.60 1.08 -8.57
C GLN A 48 1.89 -0.11 -7.92
N LEU A 49 1.00 0.15 -7.00
CA LEU A 49 0.31 -0.99 -6.34
C LEU A 49 -1.01 -0.53 -5.72
N ASN A 50 -1.89 -1.46 -5.46
CA ASN A 50 -3.21 -1.12 -4.85
C ASN A 50 -3.72 -2.34 -4.06
N LYS A 51 -4.07 -2.14 -2.81
CA LYS A 51 -4.58 -3.27 -1.98
C LYS A 51 -5.68 -4.03 -2.73
N GLY A 52 -6.36 -3.35 -3.61
CA GLY A 52 -7.47 -4.00 -4.39
C GLY A 52 -7.00 -5.33 -4.99
N THR A 53 -5.78 -5.43 -5.43
CA THR A 53 -5.30 -6.72 -6.03
C THR A 53 -3.81 -6.90 -5.81
N PHE A 54 -3.29 -6.49 -4.68
CA PHE A 54 -1.83 -6.68 -4.42
C PHE A 54 -1.61 -7.95 -3.60
N LYS A 55 -0.37 -8.24 -3.32
CA LYS A 55 -0.02 -9.43 -2.51
C LYS A 55 1.13 -9.02 -1.59
N GLU A 56 1.49 -9.84 -0.64
CA GLU A 56 2.61 -9.45 0.27
C GLU A 56 3.49 -10.66 0.56
N GLN A 57 4.74 -10.42 0.81
CA GLN A 57 5.69 -11.52 1.12
C GLN A 57 6.81 -10.95 1.97
N ASN A 58 7.35 -11.74 2.87
CA ASN A 58 8.45 -11.24 3.74
C ASN A 58 8.03 -9.94 4.46
N ASP A 59 6.74 -9.71 4.58
CA ASP A 59 6.24 -8.47 5.28
C ASP A 59 6.31 -7.24 4.37
N LYS A 60 6.20 -7.42 3.08
CA LYS A 60 6.24 -6.24 2.16
C LYS A 60 5.25 -6.46 1.01
N PRO A 61 4.81 -5.40 0.38
CA PRO A 61 3.82 -5.49 -0.74
C PRO A 61 4.42 -6.06 -2.02
N TYR A 62 3.58 -6.64 -2.83
CA TYR A 62 4.02 -7.22 -4.12
C TYR A 62 2.80 -7.35 -5.02
N CYS A 63 2.85 -6.82 -6.21
CA CYS A 63 1.66 -6.93 -7.11
C CYS A 63 1.26 -8.40 -7.19
N GLN A 64 0.00 -8.68 -7.30
CA GLN A 64 -0.45 -10.09 -7.40
C GLN A 64 0.36 -10.77 -8.51
N ASN A 65 0.64 -10.04 -9.56
CA ASN A 65 1.45 -10.60 -10.67
C ASN A 65 2.87 -10.84 -10.15
N CYS A 66 3.36 -9.95 -9.33
CA CYS A 66 4.73 -10.13 -8.76
C CYS A 66 4.69 -11.32 -7.82
N PHE A 67 3.87 -11.25 -6.80
CA PHE A 67 3.74 -12.40 -5.84
C PHE A 67 3.55 -13.68 -6.66
N LEU A 68 2.70 -13.61 -7.64
CA LEU A 68 2.46 -14.78 -8.52
C LEU A 68 3.79 -15.14 -9.20
N LYS A 69 4.65 -14.18 -9.33
CA LYS A 69 5.99 -14.40 -9.96
C LYS A 69 7.01 -14.82 -8.89
N LEU A 70 6.93 -14.23 -7.73
CA LEU A 70 7.90 -14.57 -6.64
C LEU A 70 7.43 -15.82 -5.90
N PHE A 71 6.22 -15.79 -5.39
CA PHE A 71 5.69 -16.96 -4.63
C PHE A 71 5.33 -18.09 -5.60
N CYS A 72 5.16 -17.79 -6.86
CA CYS A 72 4.82 -18.86 -7.84
C CYS A 72 5.50 -18.58 -9.19
N TYR A 8 -13.24 13.82 5.14
CA TYR A 8 -13.64 15.09 5.82
C TYR A 8 -13.07 15.11 7.25
N HIS A 9 -12.30 14.11 7.61
CA HIS A 9 -11.71 14.06 8.98
C HIS A 9 -10.59 15.11 9.10
N GLU A 10 -10.00 15.22 10.25
CA GLU A 10 -8.90 16.21 10.45
C GLU A 10 -7.77 15.56 11.26
N ARG A 11 -7.99 15.34 12.52
CA ARG A 11 -6.93 14.70 13.36
C ARG A 11 -6.77 13.23 12.95
N ARG A 12 -7.79 12.66 12.36
CA ARG A 12 -7.71 11.24 11.93
C ARG A 12 -7.31 11.19 10.46
N GLY A 13 -7.59 10.10 9.80
CA GLY A 13 -7.22 9.99 8.35
C GLY A 13 -6.16 8.92 8.16
N SER A 14 -5.51 8.51 9.23
CA SER A 14 -4.45 7.46 9.14
C SER A 14 -3.25 8.00 8.34
N LEU A 15 -2.09 8.03 8.94
CA LEU A 15 -0.90 8.55 8.22
C LEU A 15 -0.47 7.54 7.16
N CYS A 16 -0.08 8.02 6.00
CA CYS A 16 0.37 7.11 4.92
C CYS A 16 1.81 6.71 5.22
N SER A 17 2.04 5.47 5.54
CA SER A 17 3.44 5.06 5.84
C SER A 17 4.31 5.51 4.66
N GLY A 18 5.17 6.45 4.91
CA GLY A 18 6.04 7.00 3.83
C GLY A 18 5.78 8.51 3.77
N CYS A 19 4.58 8.92 4.11
CA CYS A 19 4.24 10.36 4.10
C CYS A 19 4.12 10.87 5.54
N GLN A 20 3.77 10.00 6.45
CA GLN A 20 3.61 10.42 7.87
C GLN A 20 2.56 11.54 7.94
N LYS A 21 1.63 11.52 7.03
CA LYS A 21 0.54 12.54 7.02
C LYS A 21 -0.79 11.80 6.79
N PRO A 22 -1.84 12.25 7.43
CA PRO A 22 -3.17 11.59 7.30
C PRO A 22 -3.53 11.25 5.85
N ILE A 23 -4.37 10.27 5.69
CA ILE A 23 -4.79 9.85 4.34
C ILE A 23 -6.25 10.27 4.11
N THR A 24 -6.46 11.37 3.44
CA THR A 24 -7.85 11.85 3.20
C THR A 24 -8.43 11.11 1.99
N GLY A 25 -9.47 10.34 2.21
CA GLY A 25 -10.10 9.56 1.10
C GLY A 25 -9.85 8.08 1.37
N ARG A 26 -9.75 7.28 0.34
CA ARG A 26 -9.49 5.83 0.55
C ARG A 26 -8.15 5.68 1.28
N CYS A 27 -7.82 4.49 1.67
CA CYS A 27 -6.53 4.27 2.38
C CYS A 27 -6.17 2.79 2.39
N ILE A 28 -4.93 2.49 2.11
CA ILE A 28 -4.50 1.07 2.09
C ILE A 28 -3.96 0.68 3.47
N THR A 29 -4.12 -0.56 3.85
CA THR A 29 -3.62 -1.02 5.18
C THR A 29 -2.74 -2.24 4.96
N ALA A 30 -1.45 -2.08 5.07
CA ALA A 30 -0.53 -3.23 4.88
C ALA A 30 -0.31 -3.94 6.21
N MET A 31 0.92 -4.18 6.58
CA MET A 31 1.20 -4.86 7.88
C MET A 31 0.92 -3.87 9.01
N ALA A 32 -0.31 -3.43 9.09
CA ALA A 32 -0.69 -2.43 10.13
C ALA A 32 -0.23 -1.04 9.66
N LYS A 33 0.59 -1.01 8.64
CA LYS A 33 1.09 0.29 8.11
C LYS A 33 0.11 0.80 7.04
N LYS A 34 -0.22 2.05 7.08
CA LYS A 34 -1.17 2.60 6.07
C LYS A 34 -0.39 3.23 4.93
N PHE A 35 -1.07 3.56 3.87
CA PHE A 35 -0.38 4.16 2.69
C PHE A 35 -1.40 4.93 1.85
N HIS A 36 -1.05 6.09 1.36
CA HIS A 36 -2.02 6.83 0.51
C HIS A 36 -2.37 5.90 -0.65
N PRO A 37 -3.63 5.79 -1.00
CA PRO A 37 -4.04 4.89 -2.12
C PRO A 37 -3.21 5.12 -3.39
N GLU A 38 -2.40 6.15 -3.39
CA GLU A 38 -1.55 6.45 -4.58
C GLU A 38 -0.07 6.26 -4.21
N HIS A 39 0.24 6.15 -2.93
CA HIS A 39 1.67 5.96 -2.52
C HIS A 39 1.90 4.48 -2.20
N PHE A 40 0.85 3.72 -2.06
CA PHE A 40 1.01 2.27 -1.78
C PHE A 40 1.39 1.59 -3.09
N VAL A 41 2.67 1.53 -3.37
CA VAL A 41 3.11 0.91 -4.64
C VAL A 41 3.76 -0.45 -4.37
N CYS A 42 4.06 -1.19 -5.40
CA CYS A 42 4.68 -2.52 -5.25
C CYS A 42 6.17 -2.37 -4.93
N ALA A 43 6.65 -3.05 -3.92
CA ALA A 43 8.10 -2.94 -3.56
C ALA A 43 8.94 -3.68 -4.63
N PHE A 44 8.59 -3.52 -5.88
CA PHE A 44 9.34 -4.18 -6.98
C PHE A 44 9.33 -3.26 -8.20
N CYS A 45 8.16 -2.99 -8.72
CA CYS A 45 8.05 -2.09 -9.90
C CYS A 45 7.71 -0.68 -9.40
N LEU A 46 7.20 -0.58 -8.20
CA LEU A 46 6.84 0.75 -7.63
C LEU A 46 5.90 1.51 -8.57
N LYS A 47 5.24 0.82 -9.46
CA LYS A 47 4.30 1.50 -10.40
C LYS A 47 3.06 1.96 -9.62
N GLN A 48 2.43 1.05 -8.93
CA GLN A 48 1.22 1.39 -8.13
C GLN A 48 0.75 0.11 -7.45
N LEU A 49 -0.04 0.22 -6.42
CA LEU A 49 -0.51 -1.01 -5.73
C LEU A 49 -1.75 -0.73 -4.89
N ASN A 50 -2.47 -1.76 -4.54
CA ASN A 50 -3.70 -1.59 -3.71
C ASN A 50 -3.97 -2.89 -2.95
N LYS A 51 -4.20 -2.79 -1.67
CA LYS A 51 -4.48 -4.00 -0.84
C LYS A 51 -5.60 -4.82 -1.50
N GLY A 52 -6.46 -4.18 -2.24
CA GLY A 52 -7.58 -4.89 -2.91
C GLY A 52 -7.08 -6.10 -3.69
N THR A 53 -5.92 -6.03 -4.29
CA THR A 53 -5.41 -7.20 -5.07
C THR A 53 -3.88 -7.25 -5.04
N PHE A 54 -3.26 -6.87 -3.97
CA PHE A 54 -1.77 -6.93 -3.92
C PHE A 54 -1.33 -8.22 -3.21
N LYS A 55 -0.05 -8.39 -3.11
CA LYS A 55 0.52 -9.59 -2.42
C LYS A 55 1.75 -9.12 -1.66
N GLU A 56 2.29 -9.92 -0.78
CA GLU A 56 3.50 -9.47 -0.03
C GLU A 56 4.50 -10.61 0.09
N GLN A 57 5.76 -10.28 0.16
CA GLN A 57 6.83 -11.31 0.29
C GLN A 57 8.02 -10.67 0.99
N ASN A 58 8.75 -11.41 1.76
CA ASN A 58 9.93 -10.83 2.47
C ASN A 58 9.52 -9.62 3.29
N ASP A 59 8.25 -9.49 3.61
CA ASP A 59 7.76 -8.34 4.44
C ASP A 59 7.60 -7.07 3.58
N LYS A 60 7.31 -7.22 2.32
CA LYS A 60 7.12 -6.01 1.46
C LYS A 60 5.99 -6.28 0.45
N PRO A 61 5.35 -5.24 -0.03
CA PRO A 61 4.22 -5.38 -1.00
C PRO A 61 4.66 -5.83 -2.38
N TYR A 62 3.77 -6.45 -3.09
CA TYR A 62 4.06 -6.95 -4.46
C TYR A 62 2.72 -7.17 -5.18
N CYS A 63 2.51 -6.56 -6.32
CA CYS A 63 1.22 -6.76 -7.02
C CYS A 63 0.99 -8.27 -7.16
N GLN A 64 -0.24 -8.69 -7.07
CA GLN A 64 -0.54 -10.15 -7.22
C GLN A 64 0.16 -10.65 -8.48
N ASN A 65 0.18 -9.83 -9.51
CA ASN A 65 0.86 -10.23 -10.77
C ASN A 65 2.36 -10.33 -10.49
N CYS A 66 2.87 -9.43 -9.69
CA CYS A 66 4.33 -9.47 -9.34
C CYS A 66 4.55 -10.71 -8.47
N PHE A 67 3.89 -10.79 -7.34
CA PHE A 67 4.03 -11.99 -6.47
C PHE A 67 3.87 -13.24 -7.34
N LEU A 68 2.88 -13.22 -8.18
CA LEU A 68 2.66 -14.36 -9.11
C LEU A 68 3.90 -14.53 -9.98
N LYS A 69 4.62 -13.46 -10.17
CA LYS A 69 5.86 -13.49 -10.99
C LYS A 69 7.06 -13.83 -10.10
N LEU A 70 7.09 -13.34 -8.90
CA LEU A 70 8.24 -13.62 -7.98
C LEU A 70 8.01 -14.95 -7.27
N PHE A 71 6.91 -15.09 -6.59
CA PHE A 71 6.62 -16.34 -5.84
C PHE A 71 6.28 -17.46 -6.83
N CYS A 72 5.89 -17.11 -8.03
CA CYS A 72 5.54 -18.17 -9.03
C CYS A 72 5.99 -17.73 -10.43
N TYR A 8 -7.94 19.42 18.56
CA TYR A 8 -9.02 19.96 17.69
C TYR A 8 -9.31 18.96 16.57
N HIS A 9 -10.45 18.33 16.61
CA HIS A 9 -10.83 17.34 15.56
C HIS A 9 -9.81 16.19 15.55
N GLU A 10 -8.72 16.35 14.86
CA GLU A 10 -7.67 15.28 14.80
C GLU A 10 -8.24 14.03 14.12
N ARG A 11 -7.39 13.16 13.64
CA ARG A 11 -7.87 11.91 12.96
C ARG A 11 -8.87 12.28 11.86
N ARG A 12 -8.37 12.72 10.73
CA ARG A 12 -9.28 13.09 9.61
C ARG A 12 -9.70 11.83 8.85
N GLY A 13 -8.90 10.81 8.88
CA GLY A 13 -9.26 9.55 8.17
C GLY A 13 -8.20 8.49 8.43
N SER A 14 -7.89 7.69 7.44
CA SER A 14 -6.88 6.61 7.60
C SER A 14 -5.49 7.14 7.21
N LEU A 15 -4.53 7.00 8.08
CA LEU A 15 -3.16 7.50 7.74
C LEU A 15 -2.52 6.58 6.70
N CYS A 16 -1.85 7.16 5.74
CA CYS A 16 -1.18 6.34 4.70
C CYS A 16 0.12 5.82 5.28
N SER A 17 0.22 4.53 5.51
CA SER A 17 1.46 3.99 6.08
C SER A 17 2.62 4.49 5.23
N GLY A 18 3.44 5.33 5.79
CA GLY A 18 4.57 5.93 5.04
C GLY A 18 4.40 7.46 5.09
N CYS A 19 3.17 7.90 5.17
CA CYS A 19 2.89 9.36 5.24
C CYS A 19 2.45 9.72 6.65
N GLN A 20 1.85 8.80 7.35
CA GLN A 20 1.35 9.07 8.73
C GLN A 20 0.36 10.24 8.68
N LYS A 21 -0.31 10.39 7.56
CA LYS A 21 -1.32 11.47 7.41
C LYS A 21 -2.58 10.86 6.79
N PRO A 22 -3.73 11.29 7.22
CA PRO A 22 -5.02 10.74 6.70
C PRO A 22 -5.04 10.61 5.17
N ILE A 23 -5.85 9.72 4.70
CA ILE A 23 -5.96 9.49 3.23
C ILE A 23 -7.31 10.03 2.75
N THR A 24 -7.32 11.24 2.24
CA THR A 24 -8.60 11.84 1.76
C THR A 24 -8.92 11.33 0.35
N GLY A 25 -9.87 10.45 0.25
CA GLY A 25 -10.25 9.87 -1.08
C GLY A 25 -10.13 8.35 -1.00
N ARG A 26 -9.79 7.71 -2.09
CA ARG A 26 -9.64 6.23 -2.05
C ARG A 26 -8.51 5.89 -1.09
N CYS A 27 -8.43 4.66 -0.65
CA CYS A 27 -7.34 4.29 0.30
C CYS A 27 -7.08 2.79 0.22
N ILE A 28 -5.82 2.41 0.21
CA ILE A 28 -5.47 0.96 0.15
C ILE A 28 -5.32 0.42 1.56
N THR A 29 -5.62 -0.83 1.77
CA THR A 29 -5.48 -1.43 3.12
C THR A 29 -4.67 -2.72 3.00
N ALA A 30 -3.44 -2.68 3.43
CA ALA A 30 -2.58 -3.91 3.34
C ALA A 30 -2.73 -4.72 4.63
N MET A 31 -1.64 -5.08 5.24
CA MET A 31 -1.70 -5.87 6.51
C MET A 31 -2.17 -4.93 7.62
N ALA A 32 -3.36 -4.40 7.47
CA ALA A 32 -3.91 -3.45 8.48
C ALA A 32 -3.25 -2.09 8.26
N LYS A 33 -2.23 -2.05 7.45
CA LYS A 33 -1.52 -0.77 7.15
C LYS A 33 -2.18 -0.11 5.95
N LYS A 34 -2.48 1.16 6.05
CA LYS A 34 -3.13 1.86 4.90
C LYS A 34 -2.06 2.54 4.06
N PHE A 35 -2.44 3.03 2.91
CA PHE A 35 -1.45 3.70 2.01
C PHE A 35 -2.20 4.62 1.05
N HIS A 36 -1.69 5.80 0.80
CA HIS A 36 -2.38 6.69 -0.18
C HIS A 36 -2.44 5.91 -1.49
N PRO A 37 -3.57 5.90 -2.15
CA PRO A 37 -3.71 5.15 -3.44
C PRO A 37 -2.56 5.45 -4.42
N GLU A 38 -1.75 6.42 -4.12
CA GLU A 38 -0.60 6.77 -5.00
C GLU A 38 0.72 6.46 -4.28
N HIS A 39 0.68 6.23 -2.99
CA HIS A 39 1.94 5.92 -2.24
C HIS A 39 2.03 4.41 -2.01
N PHE A 40 0.97 3.71 -2.26
CA PHE A 40 1.00 2.23 -2.10
C PHE A 40 1.73 1.63 -3.28
N VAL A 41 3.03 1.54 -3.20
CA VAL A 41 3.81 0.99 -4.33
C VAL A 41 4.33 -0.41 -3.99
N CYS A 42 4.89 -1.09 -4.95
CA CYS A 42 5.43 -2.46 -4.72
C CYS A 42 6.75 -2.37 -3.95
N ALA A 43 6.88 -3.11 -2.88
CA ALA A 43 8.15 -3.08 -2.09
C ALA A 43 9.27 -3.78 -2.89
N PHE A 44 9.30 -3.58 -4.18
CA PHE A 44 10.35 -4.20 -5.03
C PHE A 44 10.75 -3.21 -6.12
N CYS A 45 9.80 -2.86 -6.97
CA CYS A 45 10.09 -1.89 -8.05
C CYS A 45 9.64 -0.49 -7.60
N LEU A 46 8.79 -0.45 -6.61
CA LEU A 46 8.30 0.87 -6.08
C LEU A 46 7.69 1.70 -7.20
N LYS A 47 7.34 1.10 -8.29
CA LYS A 47 6.73 1.87 -9.43
C LYS A 47 5.33 2.34 -9.01
N GLN A 48 4.49 1.43 -8.60
CA GLN A 48 3.12 1.79 -8.17
C GLN A 48 2.41 0.50 -7.77
N LEU A 49 1.35 0.59 -7.00
CA LEU A 49 0.65 -0.66 -6.60
C LEU A 49 -0.78 -0.34 -6.13
N ASN A 50 -1.62 -1.34 -6.09
CA ASN A 50 -3.03 -1.13 -5.66
C ASN A 50 -3.59 -2.46 -5.15
N LYS A 51 -4.26 -2.44 -4.02
CA LYS A 51 -4.85 -3.69 -3.46
C LYS A 51 -5.68 -4.40 -4.53
N GLY A 52 -6.20 -3.65 -5.47
CA GLY A 52 -7.03 -4.24 -6.56
C GLY A 52 -6.43 -5.55 -7.06
N THR A 53 -5.13 -5.61 -7.24
CA THR A 53 -4.51 -6.88 -7.74
C THR A 53 -3.05 -6.99 -7.31
N PHE A 54 -2.73 -6.57 -6.10
CA PHE A 54 -1.32 -6.68 -5.65
C PHE A 54 -1.11 -8.00 -4.90
N LYS A 55 0.09 -8.22 -4.46
CA LYS A 55 0.41 -9.44 -3.69
C LYS A 55 1.38 -9.03 -2.57
N GLU A 56 1.71 -9.92 -1.68
CA GLU A 56 2.66 -9.54 -0.59
C GLU A 56 3.49 -10.73 -0.15
N GLN A 57 4.65 -10.47 0.38
CA GLN A 57 5.54 -11.55 0.85
C GLN A 57 6.48 -10.96 1.90
N ASN A 58 6.91 -11.75 2.85
CA ASN A 58 7.83 -11.23 3.90
C ASN A 58 7.23 -10.00 4.58
N ASP A 59 5.93 -9.80 4.49
CA ASP A 59 5.28 -8.63 5.14
C ASP A 59 5.49 -7.36 4.30
N LYS A 60 5.51 -7.49 3.00
CA LYS A 60 5.70 -6.28 2.14
C LYS A 60 4.91 -6.48 0.84
N PRO A 61 4.43 -5.40 0.26
CA PRO A 61 3.63 -5.47 -1.00
C PRO A 61 4.45 -5.87 -2.22
N TYR A 62 3.80 -6.42 -3.19
CA TYR A 62 4.49 -6.84 -4.44
C TYR A 62 3.44 -6.96 -5.54
N CYS A 63 3.62 -6.31 -6.65
CA CYS A 63 2.60 -6.42 -7.73
C CYS A 63 2.36 -7.89 -8.00
N GLN A 64 1.16 -8.26 -8.33
CA GLN A 64 0.87 -9.69 -8.61
C GLN A 64 1.90 -10.20 -9.62
N ASN A 65 2.28 -9.37 -10.55
CA ASN A 65 3.32 -9.78 -11.54
C ASN A 65 4.65 -9.95 -10.80
N CYS A 66 4.93 -9.07 -9.87
CA CYS A 66 6.19 -9.18 -9.08
C CYS A 66 6.10 -10.45 -8.23
N PHE A 67 5.12 -10.51 -7.36
CA PHE A 67 4.95 -11.73 -6.50
C PHE A 67 5.00 -12.96 -7.41
N LEU A 68 4.31 -12.89 -8.51
CA LEU A 68 4.32 -14.02 -9.49
C LEU A 68 5.77 -14.24 -9.95
N LYS A 69 6.56 -13.20 -9.87
CA LYS A 69 8.00 -13.27 -10.28
C LYS A 69 8.86 -13.67 -9.07
N LEU A 70 8.53 -13.19 -7.90
CA LEU A 70 9.33 -13.51 -6.69
C LEU A 70 8.86 -14.84 -6.10
N PHE A 71 7.60 -14.92 -5.76
CA PHE A 71 7.07 -16.17 -5.16
C PHE A 71 6.99 -17.27 -6.23
N CYS A 72 6.97 -16.91 -7.48
CA CYS A 72 6.89 -17.93 -8.56
C CYS A 72 7.75 -17.51 -9.76
N TYR A 8 -10.20 22.40 15.80
CA TYR A 8 -11.03 21.76 16.86
C TYR A 8 -10.90 20.24 16.74
N HIS A 9 -11.19 19.72 15.58
CA HIS A 9 -11.09 18.24 15.36
C HIS A 9 -10.70 17.98 13.92
N GLU A 10 -11.49 18.43 12.99
CA GLU A 10 -11.19 18.24 11.55
C GLU A 10 -10.90 16.75 11.27
N ARG A 11 -11.50 15.87 12.04
CA ARG A 11 -11.27 14.41 11.85
C ARG A 11 -9.78 14.08 11.98
N ARG A 12 -9.41 12.85 11.76
CA ARG A 12 -7.97 12.45 11.88
C ARG A 12 -7.47 11.98 10.52
N GLY A 13 -7.92 10.84 10.07
CA GLY A 13 -7.49 10.31 8.75
C GLY A 13 -6.42 9.23 8.96
N SER A 14 -6.36 8.28 8.08
CA SER A 14 -5.34 7.19 8.19
C SER A 14 -4.00 7.67 7.65
N LEU A 15 -2.95 7.57 8.42
CA LEU A 15 -1.62 8.02 7.91
C LEU A 15 -1.10 7.03 6.87
N CYS A 16 -0.51 7.53 5.82
CA CYS A 16 0.04 6.64 4.77
C CYS A 16 1.39 6.14 5.26
N SER A 17 1.49 4.87 5.54
CA SER A 17 2.79 4.33 6.02
C SER A 17 3.86 4.77 5.02
N GLY A 18 4.73 5.63 5.45
CA GLY A 18 5.78 6.18 4.54
C GLY A 18 5.65 7.70 4.54
N CYS A 19 4.44 8.18 4.70
CA CYS A 19 4.19 9.65 4.73
C CYS A 19 3.89 10.09 6.16
N GLN A 20 3.36 9.20 6.96
CA GLN A 20 3.01 9.56 8.36
C GLN A 20 2.03 10.75 8.34
N LYS A 21 1.25 10.83 7.29
CA LYS A 21 0.25 11.94 7.16
C LYS A 21 -1.07 11.32 6.70
N PRO A 22 -2.18 11.80 7.22
CA PRO A 22 -3.51 11.25 6.85
C PRO A 22 -3.69 11.02 5.35
N ILE A 23 -4.55 10.12 5.01
CA ILE A 23 -4.79 9.79 3.59
C ILE A 23 -6.16 10.35 3.18
N THR A 24 -6.19 11.51 2.59
CA THR A 24 -7.48 12.13 2.18
C THR A 24 -7.94 11.51 0.86
N GLY A 25 -9.01 10.75 0.90
CA GLY A 25 -9.52 10.09 -0.33
C GLY A 25 -9.46 8.58 -0.14
N ARG A 26 -9.21 7.84 -1.19
CA ARG A 26 -9.11 6.37 -1.04
C ARG A 26 -7.88 6.06 -0.18
N CYS A 27 -7.77 4.85 0.31
CA CYS A 27 -6.59 4.50 1.15
C CYS A 27 -6.35 3.00 1.12
N ILE A 28 -5.10 2.61 1.01
CA ILE A 28 -4.78 1.16 0.97
C ILE A 28 -4.46 0.67 2.38
N THR A 29 -4.75 -0.58 2.66
CA THR A 29 -4.46 -1.13 4.02
C THR A 29 -3.65 -2.41 3.85
N ALA A 30 -2.38 -2.36 4.16
CA ALA A 30 -1.53 -3.57 4.00
C ALA A 30 -1.54 -4.36 5.32
N MET A 31 -0.38 -4.71 5.83
CA MET A 31 -0.32 -5.46 7.11
C MET A 31 -0.69 -4.50 8.24
N ALA A 32 -1.89 -3.99 8.20
CA ALA A 32 -2.35 -3.01 9.23
C ALA A 32 -1.72 -1.65 8.92
N LYS A 33 -0.78 -1.63 8.01
CA LYS A 33 -0.13 -0.35 7.62
C LYS A 33 -0.91 0.28 6.46
N LYS A 34 -1.17 1.56 6.54
CA LYS A 34 -1.93 2.22 5.45
C LYS A 34 -0.95 2.84 4.45
N PHE A 35 -1.45 3.27 3.33
CA PHE A 35 -0.56 3.88 2.28
C PHE A 35 -1.39 4.75 1.37
N HIS A 36 -0.89 5.90 0.98
CA HIS A 36 -1.67 6.75 0.03
C HIS A 36 -1.89 5.89 -1.21
N PRO A 37 -3.08 5.89 -1.75
CA PRO A 37 -3.37 5.07 -2.97
C PRO A 37 -2.34 5.29 -4.09
N GLU A 38 -1.47 6.25 -3.92
CA GLU A 38 -0.42 6.53 -4.94
C GLU A 38 0.96 6.22 -4.36
N HIS A 39 1.06 6.04 -3.07
CA HIS A 39 2.39 5.73 -2.44
C HIS A 39 2.48 4.23 -2.16
N PHE A 40 1.38 3.54 -2.23
CA PHE A 40 1.41 2.07 -2.00
C PHE A 40 1.93 1.41 -3.26
N VAL A 41 3.22 1.29 -3.38
CA VAL A 41 3.82 0.68 -4.61
C VAL A 41 4.35 -0.71 -4.29
N CYS A 42 4.75 -1.42 -5.32
CA CYS A 42 5.28 -2.80 -5.12
C CYS A 42 6.72 -2.75 -4.61
N ALA A 43 7.03 -3.47 -3.57
CA ALA A 43 8.42 -3.46 -3.03
C ALA A 43 9.35 -4.22 -4.00
N PHE A 44 9.18 -4.01 -5.28
CA PHE A 44 10.03 -4.69 -6.30
C PHE A 44 10.24 -3.73 -7.48
N CYS A 45 9.16 -3.37 -8.12
CA CYS A 45 9.26 -2.42 -9.27
C CYS A 45 8.93 -1.01 -8.79
N LEU A 46 8.27 -0.92 -7.66
CA LEU A 46 7.90 0.41 -7.09
C LEU A 46 7.13 1.25 -8.11
N LYS A 47 6.56 0.62 -9.11
CA LYS A 47 5.79 1.38 -10.13
C LYS A 47 4.48 1.88 -9.49
N GLN A 48 3.72 0.98 -8.93
CA GLN A 48 2.44 1.37 -8.27
C GLN A 48 1.82 0.10 -7.70
N LEU A 49 0.89 0.21 -6.79
CA LEU A 49 0.28 -1.01 -6.22
C LEU A 49 -1.06 -0.69 -5.54
N ASN A 50 -1.86 -1.71 -5.32
CA ASN A 50 -3.17 -1.51 -4.66
C ASN A 50 -3.60 -2.82 -3.99
N LYS A 51 -3.97 -2.76 -2.74
CA LYS A 51 -4.41 -3.98 -2.00
C LYS A 51 -5.47 -4.73 -2.82
N GLY A 52 -6.20 -4.01 -3.65
CA GLY A 52 -7.27 -4.65 -4.47
C GLY A 52 -6.72 -5.86 -5.25
N THR A 53 -5.48 -5.80 -5.68
CA THR A 53 -4.92 -6.96 -6.45
C THR A 53 -3.41 -7.08 -6.22
N PHE A 54 -2.95 -6.80 -5.03
CA PHE A 54 -1.47 -6.93 -4.78
C PHE A 54 -1.19 -8.25 -4.06
N LYS A 55 0.06 -8.50 -3.81
CA LYS A 55 0.47 -9.73 -3.09
C LYS A 55 1.62 -9.34 -2.15
N GLU A 56 2.03 -10.20 -1.27
CA GLU A 56 3.14 -9.82 -0.35
C GLU A 56 4.06 -11.02 -0.11
N GLN A 57 5.31 -10.75 0.15
CA GLN A 57 6.29 -11.83 0.41
C GLN A 57 7.40 -11.26 1.29
N ASN A 58 7.98 -12.06 2.13
CA ASN A 58 9.07 -11.55 3.01
C ASN A 58 8.60 -10.32 3.80
N ASP A 59 7.30 -10.15 3.94
CA ASP A 59 6.76 -8.99 4.72
C ASP A 59 6.77 -7.71 3.87
N LYS A 60 6.66 -7.81 2.58
CA LYS A 60 6.66 -6.58 1.73
C LYS A 60 5.66 -6.77 0.58
N PRO A 61 5.14 -5.69 0.05
CA PRO A 61 4.14 -5.75 -1.06
C PRO A 61 4.74 -6.20 -2.39
N TYR A 62 3.92 -6.74 -3.23
CA TYR A 62 4.37 -7.21 -4.57
C TYR A 62 3.14 -7.32 -5.47
N CYS A 63 3.13 -6.68 -6.60
CA CYS A 63 1.94 -6.79 -7.48
C CYS A 63 1.61 -8.26 -7.69
N GLN A 64 0.37 -8.60 -7.79
CA GLN A 64 0.00 -10.02 -8.00
C GLN A 64 0.83 -10.56 -9.18
N ASN A 65 1.05 -9.74 -10.17
CA ASN A 65 1.87 -10.17 -11.33
C ASN A 65 3.30 -10.38 -10.85
N CYS A 66 3.76 -9.51 -9.97
CA CYS A 66 5.15 -9.66 -9.43
C CYS A 66 5.19 -10.93 -8.59
N PHE A 67 4.38 -10.99 -7.55
CA PHE A 67 4.33 -12.21 -6.70
C PHE A 67 4.20 -13.42 -7.60
N LEU A 68 3.33 -13.34 -8.57
CA LEU A 68 3.14 -14.45 -9.54
C LEU A 68 4.47 -14.68 -10.26
N LYS A 69 5.28 -13.66 -10.32
CA LYS A 69 6.61 -13.76 -10.98
C LYS A 69 7.66 -14.20 -9.96
N LEU A 70 7.58 -13.71 -8.75
CA LEU A 70 8.58 -14.09 -7.71
C LEU A 70 8.19 -15.41 -7.06
N PHE A 71 7.00 -15.48 -6.54
CA PHE A 71 6.54 -16.74 -5.87
C PHE A 71 6.24 -17.81 -6.92
N CYS A 72 6.04 -17.42 -8.15
CA CYS A 72 5.74 -18.43 -9.21
C CYS A 72 6.39 -18.00 -10.54
N TYR A 8 -7.62 15.79 18.16
CA TYR A 8 -6.17 15.65 18.47
C TYR A 8 -5.47 14.86 17.35
N HIS A 9 -5.82 13.62 17.19
CA HIS A 9 -5.19 12.79 16.12
C HIS A 9 -5.80 13.16 14.76
N GLU A 10 -5.22 12.67 13.70
CA GLU A 10 -5.74 12.98 12.34
C GLU A 10 -6.79 11.92 11.96
N ARG A 11 -7.81 11.78 12.76
CA ARG A 11 -8.88 10.78 12.45
C ARG A 11 -9.83 11.35 11.40
N ARG A 12 -9.33 12.23 10.56
CA ARG A 12 -10.20 12.83 9.51
C ARG A 12 -10.37 11.84 8.35
N GLY A 13 -9.61 10.78 8.36
CA GLY A 13 -9.72 9.78 7.26
C GLY A 13 -8.67 8.68 7.47
N SER A 14 -7.54 8.80 6.83
CA SER A 14 -6.47 7.77 6.97
C SER A 14 -5.18 8.30 6.35
N LEU A 15 -4.13 8.40 7.11
CA LEU A 15 -2.85 8.93 6.56
C LEU A 15 -2.25 7.90 5.60
N CYS A 16 -1.72 8.35 4.50
CA CYS A 16 -1.10 7.42 3.52
C CYS A 16 0.30 7.09 4.02
N SER A 17 0.52 5.87 4.43
CA SER A 17 1.87 5.51 4.92
C SER A 17 2.88 5.95 3.88
N GLY A 18 3.65 6.93 4.20
CA GLY A 18 4.64 7.47 3.21
C GLY A 18 4.36 8.97 3.07
N CYS A 19 3.12 9.36 3.23
CA CYS A 19 2.74 10.79 3.12
C CYS A 19 2.41 11.33 4.51
N GLN A 20 1.96 10.48 5.40
CA GLN A 20 1.60 10.93 6.77
C GLN A 20 0.51 12.00 6.67
N LYS A 21 -0.29 11.92 5.64
CA LYS A 21 -1.40 12.91 5.44
C LYS A 21 -2.66 12.13 5.04
N PRO A 22 -3.80 12.54 5.53
CA PRO A 22 -5.08 11.83 5.22
C PRO A 22 -5.23 11.46 3.74
N ILE A 23 -5.99 10.43 3.50
CA ILE A 23 -6.21 9.97 2.11
C ILE A 23 -7.64 10.35 1.67
N THR A 24 -7.77 11.44 0.97
CA THR A 24 -9.12 11.89 0.52
C THR A 24 -9.55 11.06 -0.70
N GLY A 25 -10.60 10.31 -0.56
CA GLY A 25 -11.09 9.44 -1.69
C GLY A 25 -10.87 7.99 -1.30
N ARG A 26 -10.63 7.13 -2.25
CA ARG A 26 -10.40 5.70 -1.89
C ARG A 26 -9.13 5.61 -1.07
N CYS A 27 -8.82 4.46 -0.55
CA CYS A 27 -7.58 4.32 0.27
C CYS A 27 -7.20 2.85 0.40
N ILE A 28 -5.93 2.56 0.28
CA ILE A 28 -5.48 1.14 0.40
C ILE A 28 -5.10 0.85 1.85
N THR A 29 -5.26 -0.37 2.27
CA THR A 29 -4.90 -0.74 3.67
C THR A 29 -3.99 -1.96 3.64
N ALA A 30 -2.73 -1.78 3.88
CA ALA A 30 -1.78 -2.92 3.86
C ALA A 30 -1.73 -3.56 5.24
N MET A 31 -0.55 -3.76 5.78
CA MET A 31 -0.43 -4.36 7.13
C MET A 31 -0.85 -3.32 8.16
N ALA A 32 -2.08 -2.89 8.07
CA ALA A 32 -2.60 -1.84 9.01
C ALA A 32 -2.09 -0.48 8.53
N LYS A 33 -1.15 -0.49 7.62
CA LYS A 33 -0.61 0.79 7.08
C LYS A 33 -1.44 1.22 5.87
N LYS A 34 -1.82 2.46 5.81
CA LYS A 34 -2.66 2.94 4.66
C LYS A 34 -1.74 3.52 3.59
N PHE A 35 -2.29 3.80 2.43
CA PHE A 35 -1.46 4.37 1.34
C PHE A 35 -2.39 5.09 0.35
N HIS A 36 -2.00 6.24 -0.13
CA HIS A 36 -2.88 6.92 -1.13
C HIS A 36 -3.05 5.93 -2.28
N PRO A 37 -4.25 5.78 -2.78
CA PRO A 37 -4.51 4.83 -3.91
C PRO A 37 -3.52 5.02 -5.06
N GLU A 38 -2.73 6.06 -5.01
CA GLU A 38 -1.73 6.32 -6.09
C GLU A 38 -0.31 6.19 -5.51
N HIS A 39 -0.18 6.15 -4.21
CA HIS A 39 1.18 6.02 -3.59
C HIS A 39 1.40 4.57 -3.13
N PHE A 40 0.36 3.78 -3.14
CA PHE A 40 0.50 2.35 -2.73
C PHE A 40 1.16 1.60 -3.89
N VAL A 41 2.46 1.57 -3.92
CA VAL A 41 3.16 0.87 -5.02
C VAL A 41 3.79 -0.42 -4.50
N CYS A 42 4.31 -1.23 -5.39
CA CYS A 42 4.94 -2.51 -4.98
C CYS A 42 6.32 -2.25 -4.40
N ALA A 43 6.61 -2.80 -3.25
CA ALA A 43 7.96 -2.59 -2.63
C ALA A 43 9.02 -3.38 -3.44
N PHE A 44 8.90 -3.38 -4.74
CA PHE A 44 9.87 -4.10 -5.60
C PHE A 44 10.07 -3.31 -6.89
N CYS A 45 9.01 -3.17 -7.65
CA CYS A 45 9.10 -2.39 -8.92
C CYS A 45 8.64 -0.95 -8.66
N LEU A 46 7.90 -0.76 -7.59
CA LEU A 46 7.41 0.61 -7.23
C LEU A 46 6.64 1.23 -8.40
N LYS A 47 6.20 0.43 -9.34
CA LYS A 47 5.43 0.96 -10.49
C LYS A 47 4.05 1.43 -10.00
N GLN A 48 3.33 0.56 -9.34
CA GLN A 48 1.99 0.92 -8.81
C GLN A 48 1.44 -0.31 -8.10
N LEU A 49 0.45 -0.15 -7.26
CA LEU A 49 -0.10 -1.33 -6.56
C LEU A 49 -1.51 -1.04 -6.03
N ASN A 50 -2.27 -2.08 -5.78
CA ASN A 50 -3.65 -1.90 -5.26
C ASN A 50 -4.02 -3.13 -4.41
N LYS A 51 -4.54 -2.91 -3.24
CA LYS A 51 -4.94 -4.06 -2.36
C LYS A 51 -5.85 -5.02 -3.15
N GLY A 52 -6.54 -4.51 -4.14
CA GLY A 52 -7.44 -5.36 -4.95
C GLY A 52 -6.69 -6.53 -5.57
N THR A 53 -5.43 -6.37 -5.88
CA THR A 53 -4.68 -7.50 -6.52
C THR A 53 -3.20 -7.47 -6.10
N PHE A 54 -2.90 -7.06 -4.89
CA PHE A 54 -1.47 -7.04 -4.46
C PHE A 54 -1.19 -8.23 -3.54
N LYS A 55 0.04 -8.36 -3.15
CA LYS A 55 0.46 -9.45 -2.22
C LYS A 55 1.52 -8.86 -1.29
N GLU A 56 1.92 -9.56 -0.26
CA GLU A 56 2.94 -8.99 0.65
C GLU A 56 3.92 -10.08 1.09
N GLN A 57 5.13 -9.67 1.39
CA GLN A 57 6.17 -10.64 1.83
C GLN A 57 7.20 -9.86 2.65
N ASN A 58 7.82 -10.49 3.60
CA ASN A 58 8.85 -9.79 4.43
C ASN A 58 8.26 -8.51 5.03
N ASP A 59 6.95 -8.41 5.10
CA ASP A 59 6.31 -7.19 5.70
C ASP A 59 6.31 -6.03 4.68
N LYS A 60 6.17 -6.34 3.42
CA LYS A 60 6.16 -5.25 2.39
C LYS A 60 5.24 -5.66 1.23
N PRO A 61 4.67 -4.70 0.54
CA PRO A 61 3.74 -4.99 -0.59
C PRO A 61 4.45 -5.56 -1.81
N TYR A 62 3.72 -6.28 -2.62
CA TYR A 62 4.29 -6.88 -3.84
C TYR A 62 3.12 -7.23 -4.77
N CYS A 63 3.12 -6.74 -5.99
CA CYS A 63 1.99 -7.08 -6.90
C CYS A 63 1.83 -8.59 -6.92
N GLN A 64 0.62 -9.08 -7.00
CA GLN A 64 0.40 -10.55 -7.03
C GLN A 64 1.34 -11.15 -8.07
N ASN A 65 1.54 -10.46 -9.16
CA ASN A 65 2.48 -10.96 -10.21
C ASN A 65 3.89 -10.95 -9.62
N CYS A 66 4.21 -9.94 -8.87
CA CYS A 66 5.56 -9.88 -8.24
C CYS A 66 5.65 -11.00 -7.20
N PHE A 67 4.77 -10.98 -6.22
CA PHE A 67 4.77 -12.07 -5.19
C PHE A 67 4.82 -13.41 -5.91
N LEU A 68 4.01 -13.54 -6.93
CA LEU A 68 4.00 -14.79 -7.74
C LEU A 68 5.40 -15.00 -8.32
N LYS A 69 6.12 -13.92 -8.49
CA LYS A 69 7.50 -13.98 -9.04
C LYS A 69 8.52 -14.16 -7.90
N LEU A 70 8.28 -13.52 -6.79
CA LEU A 70 9.23 -13.63 -5.64
C LEU A 70 8.90 -14.89 -4.83
N PHE A 71 7.70 -14.99 -4.35
CA PHE A 71 7.30 -16.16 -3.52
C PHE A 71 7.18 -17.41 -4.41
N CYS A 72 7.03 -17.22 -5.70
CA CYS A 72 6.89 -18.40 -6.61
C CYS A 72 7.60 -18.12 -7.94
N TYR A 8 -11.97 11.74 17.67
CA TYR A 8 -12.71 13.00 17.44
C TYR A 8 -12.93 13.20 15.94
N HIS A 9 -14.07 12.77 15.44
CA HIS A 9 -14.38 12.93 13.98
C HIS A 9 -13.18 12.41 13.15
N GLU A 10 -13.04 12.90 11.95
CA GLU A 10 -11.91 12.45 11.09
C GLU A 10 -10.59 12.95 11.69
N ARG A 11 -10.54 14.21 12.04
CA ARG A 11 -9.29 14.80 12.62
C ARG A 11 -8.17 14.78 11.58
N ARG A 12 -7.61 13.63 11.31
CA ARG A 12 -6.52 13.53 10.31
C ARG A 12 -6.93 12.56 9.21
N GLY A 13 -7.19 11.33 9.58
CA GLY A 13 -7.60 10.31 8.57
C GLY A 13 -6.62 9.13 8.62
N SER A 14 -5.59 9.17 7.82
CA SER A 14 -4.59 8.06 7.81
C SER A 14 -3.37 8.51 7.01
N LEU A 15 -2.22 8.54 7.63
CA LEU A 15 -0.99 8.97 6.90
C LEU A 15 -0.59 7.92 5.87
N CYS A 16 -0.22 8.35 4.70
CA CYS A 16 0.20 7.38 3.65
C CYS A 16 1.63 6.97 3.96
N SER A 17 1.83 5.74 4.34
CA SER A 17 3.21 5.29 4.65
C SER A 17 4.10 5.67 3.48
N GLY A 18 4.98 6.59 3.71
CA GLY A 18 5.88 7.09 2.63
C GLY A 18 5.66 8.59 2.49
N CYS A 19 4.47 9.05 2.80
CA CYS A 19 4.14 10.49 2.73
C CYS A 19 4.05 11.07 4.15
N GLN A 20 3.68 10.24 5.09
CA GLN A 20 3.53 10.73 6.50
C GLN A 20 2.51 11.86 6.53
N LYS A 21 1.58 11.84 5.62
CA LYS A 21 0.52 12.88 5.56
C LYS A 21 -0.83 12.19 5.38
N PRO A 22 -1.86 12.67 6.04
CA PRO A 22 -3.20 12.04 5.93
C PRO A 22 -3.62 11.72 4.50
N ILE A 23 -4.46 10.73 4.35
CA ILE A 23 -4.93 10.33 3.00
C ILE A 23 -6.37 10.80 2.83
N THR A 24 -6.55 11.94 2.21
CA THR A 24 -7.94 12.47 2.00
C THR A 24 -8.58 11.79 0.80
N GLY A 25 -9.38 10.79 1.04
CA GLY A 25 -10.05 10.06 -0.08
C GLY A 25 -9.85 8.56 0.14
N ARG A 26 -9.81 7.79 -0.90
CA ARG A 26 -9.59 6.32 -0.73
C ARG A 26 -8.25 6.11 -0.05
N CYS A 27 -8.04 4.97 0.55
CA CYS A 27 -6.73 4.73 1.23
C CYS A 27 -6.45 3.24 1.31
N ILE A 28 -5.23 2.85 1.04
CA ILE A 28 -4.86 1.42 1.10
C ILE A 28 -4.35 1.08 2.50
N THR A 29 -4.55 -0.13 2.94
CA THR A 29 -4.06 -0.54 4.28
C THR A 29 -3.24 -1.82 4.15
N ALA A 30 -1.95 -1.71 4.25
CA ALA A 30 -1.08 -2.91 4.12
C ALA A 30 -0.89 -3.54 5.50
N MET A 31 0.34 -3.80 5.88
CA MET A 31 0.60 -4.41 7.22
C MET A 31 0.36 -3.33 8.28
N ALA A 32 -0.84 -2.83 8.35
CA ALA A 32 -1.18 -1.76 9.32
C ALA A 32 -0.66 -0.43 8.77
N LYS A 33 0.16 -0.50 7.75
CA LYS A 33 0.71 0.74 7.13
C LYS A 33 -0.24 1.22 6.04
N LYS A 34 -0.53 2.48 6.00
CA LYS A 34 -1.47 3.01 4.96
C LYS A 34 -0.66 3.55 3.79
N PHE A 35 -1.31 3.85 2.71
CA PHE A 35 -0.60 4.37 1.51
C PHE A 35 -1.59 5.13 0.63
N HIS A 36 -1.20 6.26 0.10
CA HIS A 36 -2.14 6.99 -0.80
C HIS A 36 -2.49 6.01 -1.92
N PRO A 37 -3.75 5.91 -2.30
CA PRO A 37 -4.15 4.97 -3.38
C PRO A 37 -3.28 5.11 -4.64
N GLU A 38 -2.46 6.12 -4.68
CA GLU A 38 -1.56 6.33 -5.87
C GLU A 38 -0.10 6.13 -5.44
N HIS A 39 0.16 6.11 -4.15
CA HIS A 39 1.57 5.92 -3.68
C HIS A 39 1.77 4.46 -3.26
N PHE A 40 0.70 3.73 -3.14
CA PHE A 40 0.82 2.30 -2.75
C PHE A 40 1.29 1.52 -3.97
N VAL A 41 2.58 1.45 -4.16
CA VAL A 41 3.13 0.72 -5.35
C VAL A 41 3.76 -0.60 -4.91
N CYS A 42 4.13 -1.42 -5.86
CA CYS A 42 4.75 -2.73 -5.54
C CYS A 42 6.21 -2.51 -5.10
N ALA A 43 6.59 -3.08 -3.98
CA ALA A 43 8.00 -2.93 -3.52
C ALA A 43 8.95 -3.73 -4.43
N PHE A 44 8.69 -3.74 -5.71
CA PHE A 44 9.55 -4.48 -6.68
C PHE A 44 9.64 -3.67 -7.96
N CYS A 45 8.52 -3.49 -8.61
CA CYS A 45 8.50 -2.70 -9.88
C CYS A 45 8.12 -1.25 -9.56
N LEU A 46 7.51 -1.04 -8.42
CA LEU A 46 7.10 0.33 -8.00
C LEU A 46 6.23 1.00 -9.08
N LYS A 47 5.67 0.22 -9.97
CA LYS A 47 4.81 0.80 -11.04
C LYS A 47 3.52 1.33 -10.40
N GLN A 48 2.84 0.49 -9.67
CA GLN A 48 1.58 0.91 -9.00
C GLN A 48 1.02 -0.31 -8.26
N LEU A 49 0.17 -0.11 -7.30
CA LEU A 49 -0.38 -1.28 -6.56
C LEU A 49 -1.69 -0.91 -5.86
N ASN A 50 -2.46 -1.89 -5.50
CA ASN A 50 -3.76 -1.63 -4.82
C ASN A 50 -4.13 -2.86 -3.98
N LYS A 51 -4.52 -2.65 -2.74
CA LYS A 51 -4.90 -3.79 -1.87
C LYS A 51 -5.93 -4.68 -2.59
N GLY A 52 -6.68 -4.09 -3.48
CA GLY A 52 -7.72 -4.87 -4.23
C GLY A 52 -7.19 -6.23 -4.67
N THR A 53 -5.97 -6.30 -5.14
CA THR A 53 -5.42 -7.62 -5.59
C THR A 53 -3.89 -7.65 -5.47
N PHE A 54 -3.33 -7.05 -4.45
CA PHE A 54 -1.85 -7.08 -4.30
C PHE A 54 -1.44 -8.28 -3.45
N LYS A 55 -0.17 -8.43 -3.26
CA LYS A 55 0.37 -9.54 -2.43
C LYS A 55 1.53 -8.98 -1.61
N GLU A 56 2.10 -9.74 -0.71
CA GLU A 56 3.23 -9.20 0.08
C GLU A 56 4.20 -10.32 0.45
N GLN A 57 5.43 -9.96 0.66
CA GLN A 57 6.46 -10.95 1.05
C GLN A 57 7.59 -10.20 1.78
N ASN A 58 8.27 -10.86 2.67
CA ASN A 58 9.38 -10.18 3.41
C ASN A 58 8.87 -8.90 4.07
N ASP A 59 7.57 -8.76 4.24
CA ASP A 59 7.01 -7.53 4.90
C ASP A 59 6.93 -6.36 3.90
N LYS A 60 6.73 -6.66 2.64
CA LYS A 60 6.63 -5.56 1.63
C LYS A 60 5.60 -5.94 0.57
N PRO A 61 4.97 -4.96 -0.05
CA PRO A 61 3.92 -5.22 -1.08
C PRO A 61 4.48 -5.79 -2.38
N TYR A 62 3.64 -6.47 -3.10
CA TYR A 62 4.06 -7.08 -4.40
C TYR A 62 2.80 -7.38 -5.19
N CYS A 63 2.68 -6.88 -6.40
CA CYS A 63 1.45 -7.16 -7.19
C CYS A 63 1.24 -8.68 -7.21
N GLN A 64 0.01 -9.11 -7.18
CA GLN A 64 -0.26 -10.58 -7.21
C GLN A 64 0.56 -11.18 -8.36
N ASN A 65 0.65 -10.48 -9.45
CA ASN A 65 1.46 -10.98 -10.60
C ASN A 65 2.92 -11.02 -10.18
N CYS A 66 3.35 -10.02 -9.44
CA CYS A 66 4.76 -9.99 -8.97
C CYS A 66 4.94 -11.13 -7.96
N PHE A 67 4.18 -11.11 -6.89
CA PHE A 67 4.26 -12.20 -5.87
C PHE A 67 4.20 -13.54 -6.60
N LEU A 68 3.29 -13.64 -7.53
CA LEU A 68 3.16 -14.87 -8.35
C LEU A 68 4.48 -15.11 -9.08
N LYS A 69 5.20 -14.05 -9.33
CA LYS A 69 6.50 -14.13 -10.03
C LYS A 69 7.63 -14.34 -9.01
N LEU A 70 7.54 -13.72 -7.87
CA LEU A 70 8.61 -13.85 -6.84
C LEU A 70 8.35 -15.11 -5.99
N PHE A 71 7.21 -15.18 -5.37
CA PHE A 71 6.88 -16.35 -4.51
C PHE A 71 6.64 -17.58 -5.38
N CYS A 72 6.33 -17.39 -6.64
CA CYS A 72 6.08 -18.56 -7.53
C CYS A 72 6.64 -18.27 -8.93
N TYR A 8 -6.29 16.49 9.62
CA TYR A 8 -4.83 16.21 9.77
C TYR A 8 -4.63 15.13 10.85
N HIS A 9 -5.34 15.23 11.94
CA HIS A 9 -5.20 14.23 13.03
C HIS A 9 -5.85 12.91 12.60
N GLU A 10 -5.64 11.87 13.36
CA GLU A 10 -6.24 10.55 13.01
C GLU A 10 -7.74 10.57 13.36
N ARG A 11 -8.42 9.46 13.12
CA ARG A 11 -9.89 9.39 13.43
C ARG A 11 -10.68 10.20 12.39
N ARG A 12 -10.05 11.13 11.73
CA ARG A 12 -10.76 11.96 10.71
C ARG A 12 -10.82 11.19 9.39
N GLY A 13 -10.13 10.08 9.31
CA GLY A 13 -10.14 9.28 8.05
C GLY A 13 -9.11 8.14 8.16
N SER A 14 -7.95 8.34 7.61
CA SER A 14 -6.89 7.28 7.68
C SER A 14 -5.59 7.85 7.14
N LEU A 15 -4.56 7.88 7.95
CA LEU A 15 -3.26 8.43 7.48
C LEU A 15 -2.61 7.46 6.50
N CYS A 16 -2.05 7.96 5.43
CA CYS A 16 -1.39 7.08 4.45
C CYS A 16 -0.02 6.70 5.00
N SER A 17 0.16 5.46 5.35
CA SER A 17 1.48 5.05 5.90
C SER A 17 2.56 5.54 4.94
N GLY A 18 3.34 6.47 5.38
CA GLY A 18 4.39 7.05 4.50
C GLY A 18 4.13 8.55 4.40
N CYS A 19 2.88 8.94 4.50
CA CYS A 19 2.52 10.39 4.43
C CYS A 19 2.13 10.88 5.82
N GLN A 20 1.62 10.00 6.65
CA GLN A 20 1.19 10.39 8.02
C GLN A 20 0.12 11.49 7.92
N LYS A 21 -0.62 11.48 6.84
CA LYS A 21 -1.70 12.48 6.63
C LYS A 21 -2.95 11.75 6.16
N PRO A 22 -4.11 12.15 6.62
CA PRO A 22 -5.38 11.48 6.23
C PRO A 22 -5.49 11.20 4.73
N ILE A 23 -6.25 10.21 4.38
CA ILE A 23 -6.44 9.85 2.96
C ILE A 23 -7.84 10.28 2.51
N THR A 24 -7.94 11.42 1.90
CA THR A 24 -9.27 11.92 1.45
C THR A 24 -9.65 11.26 0.11
N GLY A 25 -10.46 10.24 0.16
CA GLY A 25 -10.87 9.53 -1.09
C GLY A 25 -10.66 8.03 -0.87
N ARG A 26 -10.37 7.30 -1.91
CA ARG A 26 -10.13 5.84 -1.75
C ARG A 26 -8.92 5.65 -0.83
N CYS A 27 -8.76 4.49 -0.27
CA CYS A 27 -7.60 4.26 0.65
C CYS A 27 -7.26 2.79 0.71
N ILE A 28 -5.99 2.47 0.64
CA ILE A 28 -5.57 1.05 0.70
C ILE A 28 -5.32 0.66 2.16
N THR A 29 -5.51 -0.59 2.49
CA THR A 29 -5.29 -1.05 3.89
C THR A 29 -4.38 -2.28 3.87
N ALA A 30 -3.14 -2.12 4.24
CA ALA A 30 -2.20 -3.27 4.25
C ALA A 30 -2.25 -3.96 5.61
N MET A 31 -1.12 -4.17 6.23
CA MET A 31 -1.11 -4.83 7.56
C MET A 31 -1.61 -3.82 8.59
N ALA A 32 -2.84 -3.38 8.43
CA ALA A 32 -3.41 -2.36 9.34
C ALA A 32 -2.85 -0.99 8.97
N LYS A 33 -1.85 -0.98 8.12
CA LYS A 33 -1.25 0.31 7.68
C LYS A 33 -1.97 0.80 6.44
N LYS A 34 -2.33 2.05 6.39
CA LYS A 34 -3.06 2.58 5.20
C LYS A 34 -2.06 3.20 4.23
N PHE A 35 -2.51 3.54 3.05
CA PHE A 35 -1.61 4.15 2.04
C PHE A 35 -2.46 4.93 1.03
N HIS A 36 -2.04 6.10 0.64
CA HIS A 36 -2.83 6.84 -0.38
C HIS A 36 -2.91 5.92 -1.61
N PRO A 37 -4.07 5.77 -2.20
CA PRO A 37 -4.22 4.89 -3.39
C PRO A 37 -3.14 5.14 -4.45
N GLU A 38 -2.39 6.20 -4.30
CA GLU A 38 -1.31 6.51 -5.28
C GLU A 38 0.06 6.32 -4.61
N HIS A 39 0.10 6.26 -3.29
CA HIS A 39 1.39 6.07 -2.59
C HIS A 39 1.58 4.60 -2.23
N PHE A 40 0.53 3.83 -2.33
CA PHE A 40 0.65 2.38 -2.03
C PHE A 40 1.35 1.73 -3.21
N VAL A 41 2.65 1.69 -3.18
CA VAL A 41 3.41 1.10 -4.32
C VAL A 41 4.00 -0.26 -3.93
N CYS A 42 4.58 -0.95 -4.88
CA CYS A 42 5.18 -2.28 -4.60
C CYS A 42 6.53 -2.11 -3.92
N ALA A 43 6.76 -2.81 -2.84
CA ALA A 43 8.08 -2.69 -2.14
C ALA A 43 9.17 -3.38 -2.97
N PHE A 44 9.15 -3.17 -4.27
CA PHE A 44 10.16 -3.79 -5.16
C PHE A 44 10.43 -2.82 -6.32
N CYS A 45 9.42 -2.56 -7.10
CA CYS A 45 9.57 -1.63 -8.25
C CYS A 45 9.09 -0.24 -7.83
N LEU A 46 8.30 -0.19 -6.78
CA LEU A 46 7.78 1.12 -6.28
C LEU A 46 7.07 1.89 -7.40
N LYS A 47 6.68 1.21 -8.45
CA LYS A 47 5.99 1.92 -9.58
C LYS A 47 4.57 2.32 -9.12
N GLN A 48 3.82 1.38 -8.63
CA GLN A 48 2.44 1.66 -8.16
C GLN A 48 1.85 0.35 -7.64
N LEU A 49 0.83 0.40 -6.84
CA LEU A 49 0.25 -0.86 -6.32
C LEU A 49 -1.18 -0.64 -5.83
N ASN A 50 -1.96 -1.68 -5.78
CA ASN A 50 -3.37 -1.58 -5.31
C ASN A 50 -3.76 -2.87 -4.59
N LYS A 51 -4.29 -2.77 -3.41
CA LYS A 51 -4.70 -3.99 -2.65
C LYS A 51 -5.60 -4.86 -3.54
N GLY A 52 -6.29 -4.25 -4.47
CA GLY A 52 -7.21 -5.02 -5.37
C GLY A 52 -6.46 -6.13 -6.10
N THR A 53 -5.19 -5.94 -6.39
CA THR A 53 -4.44 -7.00 -7.13
C THR A 53 -2.97 -7.04 -6.69
N PHE A 54 -2.69 -6.75 -5.45
CA PHE A 54 -1.27 -6.80 -4.99
C PHE A 54 -1.00 -8.10 -4.25
N LYS A 55 0.21 -8.28 -3.83
CA LYS A 55 0.60 -9.49 -3.06
C LYS A 55 1.61 -9.04 -2.00
N GLU A 56 1.92 -9.85 -1.03
CA GLU A 56 2.89 -9.42 0.01
C GLU A 56 3.87 -10.55 0.33
N GLN A 57 5.06 -10.19 0.71
CA GLN A 57 6.09 -11.20 1.05
C GLN A 57 7.07 -10.56 2.03
N ASN A 58 7.62 -11.33 2.93
CA ASN A 58 8.59 -10.77 3.92
C ASN A 58 7.97 -9.56 4.65
N ASP A 59 6.66 -9.47 4.68
CA ASP A 59 5.99 -8.33 5.39
C ASP A 59 6.05 -7.05 4.54
N LYS A 60 5.98 -7.17 3.24
CA LYS A 60 6.03 -5.97 2.38
C LYS A 60 5.17 -6.20 1.13
N PRO A 61 4.65 -5.15 0.54
CA PRO A 61 3.78 -5.28 -0.68
C PRO A 61 4.54 -5.69 -1.93
N TYR A 62 3.86 -6.29 -2.84
CA TYR A 62 4.47 -6.72 -4.12
C TYR A 62 3.35 -6.94 -5.14
N CYS A 63 3.42 -6.30 -6.28
CA CYS A 63 2.34 -6.50 -7.29
C CYS A 63 2.18 -8.00 -7.52
N GLN A 64 0.98 -8.45 -7.74
CA GLN A 64 0.76 -9.90 -7.99
C GLN A 64 1.76 -10.35 -9.06
N ASN A 65 2.00 -9.50 -10.03
CA ASN A 65 2.99 -9.85 -11.10
C ASN A 65 4.37 -9.94 -10.46
N CYS A 66 4.65 -9.06 -9.54
CA CYS A 66 5.97 -9.08 -8.85
C CYS A 66 6.01 -10.35 -7.98
N PHE A 67 5.09 -10.47 -7.05
CA PHE A 67 5.05 -11.69 -6.19
C PHE A 67 5.13 -12.91 -7.09
N LEU A 68 4.38 -12.89 -8.16
CA LEU A 68 4.40 -14.01 -9.13
C LEU A 68 5.84 -14.14 -9.67
N LYS A 69 6.55 -13.06 -9.66
CA LYS A 69 7.96 -13.05 -10.15
C LYS A 69 8.92 -13.39 -8.99
N LEU A 70 8.63 -12.93 -7.81
CA LEU A 70 9.52 -13.20 -6.65
C LEU A 70 9.16 -14.56 -6.03
N PHE A 71 7.93 -14.73 -5.65
CA PHE A 71 7.50 -16.02 -5.04
C PHE A 71 7.43 -17.11 -6.10
N CYS A 72 7.35 -16.75 -7.36
CA CYS A 72 7.27 -17.78 -8.43
C CYS A 72 8.03 -17.30 -9.67
N TYR A 8 -13.91 20.91 14.83
CA TYR A 8 -12.46 20.63 14.71
C TYR A 8 -12.10 20.41 13.23
N HIS A 9 -10.84 20.23 12.93
CA HIS A 9 -10.43 20.01 11.52
C HIS A 9 -10.67 18.55 11.14
N GLU A 10 -9.67 17.71 11.25
CA GLU A 10 -9.84 16.27 10.89
C GLU A 10 -9.73 15.42 12.17
N ARG A 11 -9.89 14.13 12.04
CA ARG A 11 -9.79 13.24 13.23
C ARG A 11 -9.13 11.93 12.83
N ARG A 12 -9.55 11.35 11.74
CA ARG A 12 -8.95 10.06 11.27
C ARG A 12 -8.04 10.33 10.07
N GLY A 13 -8.37 9.78 8.93
CA GLY A 13 -7.53 10.02 7.72
C GLY A 13 -6.51 8.88 7.57
N SER A 14 -5.96 8.42 8.67
CA SER A 14 -4.95 7.31 8.63
C SER A 14 -3.67 7.81 7.95
N LEU A 15 -2.57 7.78 8.65
CA LEU A 15 -1.29 8.25 8.04
C LEU A 15 -0.81 7.26 6.99
N CYS A 16 -0.33 7.75 5.87
CA CYS A 16 0.18 6.86 4.81
C CYS A 16 1.58 6.43 5.19
N SER A 17 1.76 5.18 5.53
CA SER A 17 3.12 4.72 5.92
C SER A 17 4.09 5.17 4.82
N GLY A 18 4.97 6.07 5.16
CA GLY A 18 5.92 6.62 4.16
C GLY A 18 5.72 8.14 4.12
N CYS A 19 4.49 8.56 4.35
CA CYS A 19 4.19 10.02 4.37
C CYS A 19 3.97 10.47 5.80
N GLN A 20 3.51 9.58 6.64
CA GLN A 20 3.26 9.94 8.07
C GLN A 20 2.27 11.10 8.12
N LYS A 21 1.39 11.15 7.15
CA LYS A 21 0.36 12.22 7.08
C LYS A 21 -0.98 11.56 6.74
N PRO A 22 -2.06 12.01 7.35
CA PRO A 22 -3.39 11.41 7.09
C PRO A 22 -3.69 11.17 5.62
N ILE A 23 -4.52 10.22 5.35
CA ILE A 23 -4.89 9.88 3.94
C ILE A 23 -6.32 10.38 3.68
N THR A 24 -6.45 11.54 3.10
CA THR A 24 -7.81 12.09 2.81
C THR A 24 -8.36 11.48 1.52
N GLY A 25 -9.17 10.46 1.64
CA GLY A 25 -9.75 9.79 0.44
C GLY A 25 -9.57 8.29 0.60
N ARG A 26 -9.43 7.57 -0.49
CA ARG A 26 -9.24 6.10 -0.39
C ARG A 26 -7.95 5.84 0.39
N CYS A 27 -7.78 4.66 0.91
CA CYS A 27 -6.54 4.37 1.68
C CYS A 27 -6.26 2.87 1.69
N ILE A 28 -5.02 2.50 1.49
CA ILE A 28 -4.66 1.06 1.49
C ILE A 28 -4.28 0.63 2.90
N THR A 29 -4.44 -0.63 3.21
CA THR A 29 -4.07 -1.13 4.57
C THR A 29 -3.21 -2.37 4.43
N ALA A 30 -1.94 -2.25 4.68
CA ALA A 30 -1.04 -3.43 4.56
C ALA A 30 -0.97 -4.14 5.91
N MET A 31 0.22 -4.40 6.40
CA MET A 31 0.36 -5.08 7.72
C MET A 31 -0.01 -4.07 8.80
N ALA A 32 -1.22 -3.59 8.78
CA ALA A 32 -1.67 -2.57 9.76
C ALA A 32 -1.11 -1.21 9.34
N LYS A 33 -0.20 -1.22 8.39
CA LYS A 33 0.40 0.06 7.90
C LYS A 33 -0.45 0.59 6.75
N LYS A 34 -0.77 1.86 6.78
CA LYS A 34 -1.60 2.44 5.69
C LYS A 34 -0.69 3.04 4.61
N PHE A 35 -1.26 3.41 3.50
CA PHE A 35 -0.45 4.01 2.40
C PHE A 35 -1.37 4.81 1.49
N HIS A 36 -0.96 5.98 1.07
CA HIS A 36 -1.83 6.76 0.15
C HIS A 36 -2.09 5.86 -1.06
N PRO A 37 -3.31 5.76 -1.53
CA PRO A 37 -3.63 4.91 -2.70
C PRO A 37 -2.67 5.14 -3.87
N GLU A 38 -1.88 6.17 -3.80
CA GLU A 38 -0.91 6.47 -4.89
C GLU A 38 0.52 6.21 -4.39
N HIS A 39 0.70 6.11 -3.09
CA HIS A 39 2.07 5.86 -2.55
C HIS A 39 2.23 4.37 -2.25
N PHE A 40 1.14 3.65 -2.21
CA PHE A 40 1.23 2.19 -1.97
C PHE A 40 1.70 1.53 -3.26
N VAL A 41 2.98 1.45 -3.45
CA VAL A 41 3.51 0.83 -4.70
C VAL A 41 4.10 -0.54 -4.42
N CYS A 42 4.45 -1.26 -5.45
CA CYS A 42 5.03 -2.62 -5.28
C CYS A 42 6.48 -2.51 -4.83
N ALA A 43 6.84 -3.23 -3.79
CA ALA A 43 8.25 -3.18 -3.30
C ALA A 43 9.18 -3.89 -4.30
N PHE A 44 8.92 -3.73 -5.57
CA PHE A 44 9.77 -4.38 -6.62
C PHE A 44 9.89 -3.40 -7.79
N CYS A 45 8.79 -3.09 -8.41
CA CYS A 45 8.83 -2.14 -9.57
C CYS A 45 8.49 -0.74 -9.06
N LEU A 46 7.88 -0.66 -7.90
CA LEU A 46 7.51 0.66 -7.31
C LEU A 46 6.69 1.49 -8.30
N LYS A 47 6.10 0.85 -9.28
CA LYS A 47 5.27 1.61 -10.27
C LYS A 47 3.98 2.09 -9.59
N GLN A 48 3.26 1.18 -9.01
CA GLN A 48 1.99 1.53 -8.31
C GLN A 48 1.39 0.25 -7.74
N LEU A 49 0.54 0.34 -6.76
CA LEU A 49 -0.04 -0.88 -6.18
C LEU A 49 -1.34 -0.57 -5.44
N ASN A 50 -2.15 -1.57 -5.19
CA ASN A 50 -3.43 -1.36 -4.48
C ASN A 50 -3.85 -2.67 -3.80
N LYS A 51 -4.22 -2.60 -2.55
CA LYS A 51 -4.64 -3.84 -1.81
C LYS A 51 -5.70 -4.58 -2.62
N GLY A 52 -6.44 -3.87 -3.44
CA GLY A 52 -7.52 -4.50 -4.27
C GLY A 52 -7.02 -5.79 -4.90
N THR A 53 -5.80 -5.82 -5.39
CA THR A 53 -5.29 -7.07 -6.04
C THR A 53 -3.77 -7.16 -5.92
N PHE A 54 -3.20 -6.75 -4.82
CA PHE A 54 -1.72 -6.85 -4.67
C PHE A 54 -1.36 -8.16 -3.98
N LYS A 55 -0.10 -8.39 -3.79
CA LYS A 55 0.38 -9.61 -3.11
C LYS A 55 1.55 -9.19 -2.22
N GLU A 56 2.03 -10.07 -1.38
CA GLU A 56 3.17 -9.67 -0.49
C GLU A 56 4.11 -10.86 -0.28
N GLN A 57 5.36 -10.57 -0.06
CA GLN A 57 6.36 -11.64 0.18
C GLN A 57 7.50 -11.05 1.00
N ASN A 58 8.15 -11.84 1.80
CA ASN A 58 9.28 -11.31 2.62
C ASN A 58 8.84 -10.09 3.44
N ASP A 59 7.54 -9.93 3.64
CA ASP A 59 7.03 -8.76 4.44
C ASP A 59 7.01 -7.49 3.61
N LYS A 60 6.78 -7.60 2.33
CA LYS A 60 6.73 -6.37 1.47
C LYS A 60 5.69 -6.57 0.36
N PRO A 61 5.10 -5.50 -0.13
CA PRO A 61 4.07 -5.59 -1.19
C PRO A 61 4.61 -6.02 -2.55
N TYR A 62 3.76 -6.57 -3.35
CA TYR A 62 4.17 -7.03 -4.71
C TYR A 62 2.91 -7.18 -5.55
N CYS A 63 2.83 -6.54 -6.68
CA CYS A 63 1.60 -6.67 -7.52
C CYS A 63 1.34 -8.16 -7.74
N GLN A 64 0.10 -8.56 -7.78
CA GLN A 64 -0.22 -9.99 -7.99
C GLN A 64 0.58 -10.47 -9.21
N ASN A 65 0.70 -9.62 -10.20
CA ASN A 65 1.49 -9.98 -11.42
C ASN A 65 2.95 -10.13 -11.00
N CYS A 66 3.42 -9.27 -10.13
CA CYS A 66 4.82 -9.37 -9.66
C CYS A 66 4.94 -10.63 -8.80
N PHE A 67 4.18 -10.72 -7.74
CA PHE A 67 4.20 -11.94 -6.87
C PHE A 67 4.10 -13.16 -7.77
N LEU A 68 3.19 -13.11 -8.70
CA LEU A 68 3.02 -14.24 -9.65
C LEU A 68 4.35 -14.43 -10.40
N LYS A 69 5.11 -13.39 -10.51
CA LYS A 69 6.43 -13.45 -11.20
C LYS A 69 7.53 -13.82 -10.20
N LEU A 70 7.45 -13.33 -8.99
CA LEU A 70 8.48 -13.64 -7.97
C LEU A 70 8.17 -14.97 -7.29
N PHE A 71 7.01 -15.09 -6.72
CA PHE A 71 6.61 -16.34 -6.02
C PHE A 71 6.35 -17.45 -7.05
N CYS A 72 6.07 -17.09 -8.27
CA CYS A 72 5.80 -18.12 -9.31
C CYS A 72 6.40 -17.68 -10.66
N TYR A 8 -12.63 16.53 11.34
CA TYR A 8 -11.57 17.54 11.04
C TYR A 8 -10.76 17.82 12.32
N HIS A 9 -9.57 18.33 12.17
CA HIS A 9 -8.71 18.64 13.34
C HIS A 9 -8.54 17.38 14.21
N GLU A 10 -9.41 17.17 15.17
CA GLU A 10 -9.30 15.97 16.04
C GLU A 10 -9.43 14.70 15.18
N ARG A 11 -10.27 14.74 14.18
CA ARG A 11 -10.43 13.54 13.31
C ARG A 11 -9.33 13.53 12.25
N ARG A 12 -8.47 12.56 12.29
CA ARG A 12 -7.36 12.48 11.29
C ARG A 12 -7.77 11.54 10.16
N GLY A 13 -7.85 10.27 10.46
CA GLY A 13 -8.23 9.28 9.42
C GLY A 13 -7.26 8.10 9.45
N SER A 14 -6.22 8.15 8.65
CA SER A 14 -5.23 7.04 8.63
C SER A 14 -3.97 7.53 7.93
N LEU A 15 -2.84 7.51 8.61
CA LEU A 15 -1.58 8.00 7.98
C LEU A 15 -1.13 7.03 6.90
N CYS A 16 -0.68 7.54 5.79
CA CYS A 16 -0.20 6.66 4.69
C CYS A 16 1.21 6.23 5.02
N SER A 17 1.40 4.97 5.32
CA SER A 17 2.77 4.51 5.65
C SER A 17 3.70 4.99 4.54
N GLY A 18 4.59 5.87 4.87
CA GLY A 18 5.51 6.46 3.87
C GLY A 18 5.31 7.97 3.87
N CYS A 19 4.10 8.39 4.14
CA CYS A 19 3.79 9.84 4.19
C CYS A 19 3.61 10.26 5.65
N GLN A 20 3.17 9.35 6.48
CA GLN A 20 2.95 9.68 7.92
C GLN A 20 1.95 10.83 8.01
N LYS A 21 1.06 10.90 7.06
CA LYS A 21 0.02 11.96 7.04
C LYS A 21 -1.32 11.31 6.71
N PRO A 22 -2.39 11.74 7.32
CA PRO A 22 -3.73 11.14 7.07
C PRO A 22 -4.03 10.90 5.60
N ILE A 23 -4.87 9.94 5.35
CA ILE A 23 -5.24 9.60 3.95
C ILE A 23 -6.67 10.08 3.69
N THR A 24 -6.81 11.23 3.09
CA THR A 24 -8.16 11.78 2.80
C THR A 24 -8.75 11.11 1.56
N GLY A 25 -9.83 10.39 1.73
CA GLY A 25 -10.47 9.68 0.59
C GLY A 25 -10.31 8.18 0.82
N ARG A 26 -10.20 7.41 -0.23
CA ARG A 26 -10.03 5.93 -0.04
C ARG A 26 -8.69 5.69 0.64
N CYS A 27 -8.42 4.48 1.03
CA CYS A 27 -7.13 4.20 1.71
C CYS A 27 -6.81 2.71 1.66
N ILE A 28 -5.58 2.38 1.39
CA ILE A 28 -5.18 0.95 1.32
C ILE A 28 -4.72 0.49 2.69
N THR A 29 -4.90 -0.78 2.99
CA THR A 29 -4.46 -1.31 4.30
C THR A 29 -3.60 -2.54 4.06
N ALA A 30 -2.32 -2.43 4.26
CA ALA A 30 -1.41 -3.59 4.04
C ALA A 30 -1.31 -4.38 5.34
N MET A 31 -0.10 -4.71 5.75
CA MET A 31 0.07 -5.47 7.02
C MET A 31 -0.27 -4.53 8.19
N ALA A 32 -1.48 -4.07 8.22
CA ALA A 32 -1.91 -3.10 9.28
C ALA A 32 -1.38 -1.72 8.88
N LYS A 33 -0.47 -1.69 7.94
CA LYS A 33 0.11 -0.41 7.48
C LYS A 33 -0.82 0.23 6.44
N LYS A 34 -1.06 1.51 6.54
CA LYS A 34 -1.94 2.18 5.55
C LYS A 34 -1.09 2.82 4.46
N PHE A 35 -1.70 3.23 3.39
CA PHE A 35 -0.94 3.86 2.27
C PHE A 35 -1.90 4.71 1.45
N HIS A 36 -1.48 5.87 1.02
CA HIS A 36 -2.38 6.68 0.16
C HIS A 36 -2.73 5.83 -1.05
N PRO A 37 -3.97 5.79 -1.46
CA PRO A 37 -4.37 4.96 -2.63
C PRO A 37 -3.48 5.20 -3.87
N GLU A 38 -2.59 6.15 -3.77
CA GLU A 38 -1.67 6.45 -4.90
C GLU A 38 -0.22 6.21 -4.46
N HIS A 39 0.02 6.04 -3.19
CA HIS A 39 1.42 5.79 -2.69
C HIS A 39 1.61 4.31 -2.39
N PHE A 40 0.54 3.56 -2.37
CA PHE A 40 0.67 2.10 -2.11
C PHE A 40 1.20 1.45 -3.38
N VAL A 41 2.50 1.38 -3.50
CA VAL A 41 3.10 0.78 -4.73
C VAL A 41 3.74 -0.58 -4.41
N CYS A 42 4.16 -1.28 -5.42
CA CYS A 42 4.79 -2.61 -5.21
C CYS A 42 6.22 -2.43 -4.71
N ALA A 43 6.59 -3.12 -3.67
CA ALA A 43 7.98 -3.00 -3.14
C ALA A 43 8.96 -3.68 -4.11
N PHE A 44 8.72 -3.57 -5.39
CA PHE A 44 9.63 -4.19 -6.41
C PHE A 44 9.74 -3.24 -7.59
N CYS A 45 8.63 -2.99 -8.25
CA CYS A 45 8.66 -2.06 -9.42
C CYS A 45 8.25 -0.67 -8.95
N LEU A 46 7.61 -0.59 -7.81
CA LEU A 46 7.17 0.73 -7.24
C LEU A 46 6.34 1.51 -8.27
N LYS A 47 5.80 0.83 -9.25
CA LYS A 47 4.97 1.53 -10.27
C LYS A 47 3.64 1.96 -9.62
N GLN A 48 2.95 1.02 -9.03
CA GLN A 48 1.66 1.33 -8.36
C GLN A 48 1.12 0.03 -7.77
N LEU A 49 0.21 0.10 -6.86
CA LEU A 49 -0.32 -1.15 -6.26
C LEU A 49 -1.66 -0.91 -5.58
N ASN A 50 -2.44 -1.96 -5.40
CA ASN A 50 -3.76 -1.83 -4.74
C ASN A 50 -4.08 -3.12 -3.98
N LYS A 51 -4.44 -3.02 -2.74
CA LYS A 51 -4.76 -4.23 -1.93
C LYS A 51 -5.80 -5.07 -2.68
N GLY A 52 -6.57 -4.45 -3.53
CA GLY A 52 -7.62 -5.19 -4.30
C GLY A 52 -7.02 -6.38 -5.05
N THR A 53 -5.79 -6.26 -5.52
CA THR A 53 -5.18 -7.40 -6.27
C THR A 53 -3.67 -7.44 -6.06
N PHE A 54 -3.18 -7.08 -4.89
CA PHE A 54 -1.71 -7.12 -4.67
C PHE A 54 -1.34 -8.41 -3.94
N LYS A 55 -0.08 -8.59 -3.69
CA LYS A 55 0.41 -9.78 -2.96
C LYS A 55 1.56 -9.32 -2.06
N GLU A 56 2.06 -10.15 -1.20
CA GLU A 56 3.18 -9.69 -0.33
C GLU A 56 4.15 -10.84 -0.06
N GLN A 57 5.38 -10.49 0.22
CA GLN A 57 6.42 -11.52 0.51
C GLN A 57 7.51 -10.85 1.32
N ASN A 58 8.18 -11.59 2.17
CA ASN A 58 9.27 -10.98 3.00
C ASN A 58 8.74 -9.76 3.77
N ASP A 59 7.44 -9.65 3.93
CA ASP A 59 6.84 -8.50 4.68
C ASP A 59 6.82 -7.24 3.81
N LYS A 60 6.62 -7.40 2.52
CA LYS A 60 6.56 -6.20 1.63
C LYS A 60 5.55 -6.47 0.51
N PRO A 61 4.93 -5.43 0.00
CA PRO A 61 3.90 -5.58 -1.08
C PRO A 61 4.50 -6.00 -2.42
N TYR A 62 3.70 -6.62 -3.22
CA TYR A 62 4.15 -7.08 -4.56
C TYR A 62 2.90 -7.31 -5.42
N CYS A 63 2.81 -6.67 -6.56
CA CYS A 63 1.61 -6.88 -7.41
C CYS A 63 1.41 -8.38 -7.61
N GLN A 64 0.19 -8.83 -7.66
CA GLN A 64 -0.06 -10.28 -7.85
C GLN A 64 0.79 -10.75 -9.04
N ASN A 65 0.90 -9.92 -10.04
CA ASN A 65 1.73 -10.27 -11.22
C ASN A 65 3.20 -10.34 -10.78
N CYS A 66 3.60 -9.45 -9.91
CA CYS A 66 5.00 -9.47 -9.41
C CYS A 66 5.15 -10.70 -8.51
N PHE A 67 4.37 -10.79 -7.46
CA PHE A 67 4.43 -11.99 -6.56
C PHE A 67 4.39 -13.24 -7.44
N LEU A 68 3.51 -13.25 -8.39
CA LEU A 68 3.41 -14.41 -9.32
C LEU A 68 4.77 -14.57 -10.02
N LYS A 69 5.49 -13.49 -10.15
CA LYS A 69 6.83 -13.51 -10.80
C LYS A 69 7.91 -13.81 -9.76
N LEU A 70 7.77 -13.29 -8.56
CA LEU A 70 8.81 -13.52 -7.51
C LEU A 70 8.53 -14.85 -6.82
N PHE A 71 7.36 -15.01 -6.26
CA PHE A 71 7.02 -16.27 -5.54
C PHE A 71 6.82 -17.41 -6.54
N CYS A 72 6.56 -17.09 -7.79
CA CYS A 72 6.36 -18.16 -8.81
C CYS A 72 6.97 -17.73 -10.14
N TYR A 8 -1.46 18.51 6.37
CA TYR A 8 -2.63 19.12 7.08
C TYR A 8 -3.06 18.22 8.23
N HIS A 9 -4.16 18.52 8.86
CA HIS A 9 -4.65 17.68 10.00
C HIS A 9 -6.12 17.31 9.76
N GLU A 10 -6.97 18.30 9.72
CA GLU A 10 -8.42 18.04 9.49
C GLU A 10 -8.95 17.06 10.55
N ARG A 11 -9.18 15.83 10.16
CA ARG A 11 -9.70 14.82 11.13
C ARG A 11 -8.69 13.68 11.27
N ARG A 12 -9.02 12.67 12.04
CA ARG A 12 -8.08 11.53 12.22
C ARG A 12 -8.49 10.40 11.26
N GLY A 13 -8.44 9.18 11.71
CA GLY A 13 -8.84 8.05 10.82
C GLY A 13 -7.69 7.04 10.72
N SER A 14 -6.96 7.05 9.64
CA SER A 14 -5.83 6.09 9.48
C SER A 14 -4.70 6.77 8.71
N LEU A 15 -3.54 6.87 9.31
CA LEU A 15 -2.40 7.53 8.61
C LEU A 15 -1.89 6.63 7.49
N CYS A 16 -1.60 7.20 6.35
CA CYS A 16 -1.07 6.40 5.22
C CYS A 16 0.40 6.13 5.49
N SER A 17 0.74 4.90 5.76
CA SER A 17 2.17 4.60 6.04
C SER A 17 3.00 5.20 4.90
N GLY A 18 3.79 6.18 5.21
CA GLY A 18 4.59 6.86 4.17
C GLY A 18 4.19 8.34 4.17
N CYS A 19 2.96 8.61 4.51
CA CYS A 19 2.46 10.02 4.56
C CYS A 19 2.32 10.45 6.02
N GLN A 20 2.07 9.52 6.90
CA GLN A 20 1.89 9.85 8.34
C GLN A 20 0.75 10.85 8.48
N LYS A 21 -0.20 10.80 7.57
CA LYS A 21 -1.36 11.71 7.62
C LYS A 21 -2.63 10.88 7.39
N PRO A 22 -3.69 11.17 8.11
CA PRO A 22 -4.96 10.39 7.96
C PRO A 22 -5.37 10.16 6.51
N ILE A 23 -6.11 9.11 6.28
CA ILE A 23 -6.56 8.78 4.91
C ILE A 23 -8.06 9.09 4.80
N THR A 24 -8.40 10.26 4.34
CA THR A 24 -9.84 10.64 4.21
C THR A 24 -10.43 10.04 2.94
N GLY A 25 -10.87 8.81 3.00
CA GLY A 25 -11.46 8.14 1.80
C GLY A 25 -11.07 6.67 1.82
N ARG A 26 -10.98 6.05 0.68
CA ARG A 26 -10.57 4.62 0.65
C ARG A 26 -9.22 4.49 1.33
N CYS A 27 -8.90 3.33 1.84
CA CYS A 27 -7.58 3.16 2.53
C CYS A 27 -7.14 1.71 2.48
N ILE A 28 -5.89 1.48 2.20
CA ILE A 28 -5.36 0.08 2.15
C ILE A 28 -4.83 -0.31 3.53
N THR A 29 -4.85 -1.57 3.84
CA THR A 29 -4.34 -2.02 5.17
C THR A 29 -3.36 -3.18 4.95
N ALA A 30 -2.10 -2.91 5.10
CA ALA A 30 -1.08 -3.99 4.90
C ALA A 30 -0.83 -4.69 6.24
N MET A 31 0.41 -4.82 6.64
CA MET A 31 0.72 -5.47 7.94
C MET A 31 0.34 -4.51 9.06
N ALA A 32 -0.92 -4.17 9.12
CA ALA A 32 -1.40 -3.20 10.15
C ALA A 32 -1.02 -1.79 9.70
N LYS A 33 -0.19 -1.70 8.69
CA LYS A 33 0.23 -0.37 8.16
C LYS A 33 -0.78 0.07 7.08
N LYS A 34 -1.23 1.29 7.15
CA LYS A 34 -2.21 1.77 6.13
C LYS A 34 -1.47 2.49 5.01
N PHE A 35 -2.15 2.79 3.95
CA PHE A 35 -1.51 3.49 2.79
C PHE A 35 -2.59 4.19 1.98
N HIS A 36 -2.36 5.41 1.56
CA HIS A 36 -3.38 6.08 0.71
C HIS A 36 -3.59 5.18 -0.50
N PRO A 37 -4.82 4.93 -0.90
CA PRO A 37 -5.09 4.05 -2.06
C PRO A 37 -4.26 4.44 -3.30
N GLU A 38 -3.61 5.57 -3.23
CA GLU A 38 -2.77 6.03 -4.37
C GLU A 38 -1.28 5.97 -3.97
N HIS A 39 -1.00 5.83 -2.69
CA HIS A 39 0.42 5.76 -2.25
C HIS A 39 0.79 4.30 -1.96
N PHE A 40 -0.19 3.44 -1.89
CA PHE A 40 0.10 2.00 -1.65
C PHE A 40 0.63 1.42 -2.96
N VAL A 41 1.92 1.49 -3.16
CA VAL A 41 2.51 0.98 -4.42
C VAL A 41 3.27 -0.32 -4.17
N CYS A 42 3.70 -0.96 -5.23
CA CYS A 42 4.46 -2.24 -5.08
C CYS A 42 5.90 -1.95 -4.66
N ALA A 43 6.38 -2.64 -3.66
CA ALA A 43 7.79 -2.41 -3.20
C ALA A 43 8.76 -2.98 -4.23
N PHE A 44 8.45 -2.85 -5.50
CA PHE A 44 9.35 -3.36 -6.57
C PHE A 44 9.33 -2.37 -7.73
N CYS A 45 8.17 -2.17 -8.32
CA CYS A 45 8.05 -1.22 -9.46
C CYS A 45 7.54 0.12 -8.93
N LEU A 46 6.94 0.11 -7.75
CA LEU A 46 6.41 1.36 -7.14
C LEU A 46 5.47 2.08 -8.11
N LYS A 47 4.94 1.38 -9.07
CA LYS A 47 4.00 2.02 -10.04
C LYS A 47 2.67 2.30 -9.33
N GLN A 48 2.09 1.29 -8.72
CA GLN A 48 0.81 1.46 -8.00
C GLN A 48 0.43 0.10 -7.41
N LEU A 49 -0.43 0.07 -6.43
CA LEU A 49 -0.80 -1.24 -5.83
C LEU A 49 -2.13 -1.13 -5.09
N ASN A 50 -2.79 -2.25 -4.91
CA ASN A 50 -4.10 -2.26 -4.19
C ASN A 50 -4.25 -3.59 -3.46
N LYS A 51 -4.57 -3.55 -2.19
CA LYS A 51 -4.74 -4.81 -1.41
C LYS A 51 -5.72 -5.74 -2.14
N GLY A 52 -6.60 -5.18 -2.92
CA GLY A 52 -7.60 -6.00 -3.66
C GLY A 52 -6.90 -7.03 -4.54
N THR A 53 -5.73 -6.74 -5.05
CA THR A 53 -5.04 -7.74 -5.93
C THR A 53 -3.52 -7.65 -5.76
N PHE A 54 -3.04 -7.37 -4.57
CA PHE A 54 -1.56 -7.29 -4.37
C PHE A 54 -1.07 -8.57 -3.70
N LYS A 55 0.21 -8.65 -3.52
CA LYS A 55 0.84 -9.82 -2.85
C LYS A 55 1.97 -9.28 -1.99
N GLU A 56 2.52 -10.08 -1.11
CA GLU A 56 3.63 -9.57 -0.25
C GLU A 56 4.73 -10.62 -0.11
N GLN A 57 5.93 -10.18 0.05
CA GLN A 57 7.08 -11.11 0.20
C GLN A 57 8.17 -10.38 0.99
N ASN A 58 8.96 -11.10 1.74
CA ASN A 58 10.04 -10.44 2.52
C ASN A 58 9.48 -9.31 3.39
N ASP A 59 8.18 -9.32 3.65
CA ASP A 59 7.56 -8.25 4.50
C ASP A 59 7.35 -6.97 3.69
N LYS A 60 7.07 -7.08 2.42
CA LYS A 60 6.84 -5.85 1.60
C LYS A 60 5.80 -6.17 0.51
N PRO A 61 5.10 -5.17 0.04
CA PRO A 61 4.04 -5.36 -0.99
C PRO A 61 4.60 -5.70 -2.36
N TYR A 62 3.81 -6.34 -3.17
CA TYR A 62 4.23 -6.73 -4.54
C TYR A 62 2.97 -7.01 -5.35
N CYS A 63 2.80 -6.37 -6.49
CA CYS A 63 1.58 -6.65 -7.30
C CYS A 63 1.47 -8.15 -7.50
N GLN A 64 0.28 -8.66 -7.52
CA GLN A 64 0.11 -10.12 -7.73
C GLN A 64 0.92 -10.53 -8.96
N ASN A 65 0.95 -9.69 -9.96
CA ASN A 65 1.75 -10.00 -11.17
C ASN A 65 3.24 -9.98 -10.78
N CYS A 66 3.62 -9.07 -9.92
CA CYS A 66 5.04 -9.01 -9.47
C CYS A 66 5.31 -10.26 -8.65
N PHE A 67 4.59 -10.44 -7.56
CA PHE A 67 4.78 -11.67 -6.72
C PHE A 67 4.76 -12.88 -7.65
N LEU A 68 3.82 -12.91 -8.54
CA LEU A 68 3.74 -14.04 -9.51
C LEU A 68 5.05 -14.07 -10.31
N LYS A 69 5.69 -12.95 -10.41
CA LYS A 69 6.99 -12.85 -11.15
C LYS A 69 8.16 -13.12 -10.20
N LEU A 70 8.07 -12.66 -8.98
CA LEU A 70 9.18 -12.88 -8.01
C LEU A 70 9.04 -14.25 -7.36
N PHE A 71 7.90 -14.50 -6.74
CA PHE A 71 7.69 -15.80 -6.06
C PHE A 71 7.47 -16.91 -7.10
N CYS A 72 7.12 -16.55 -8.31
CA CYS A 72 6.90 -17.59 -9.35
C CYS A 72 7.38 -17.08 -10.71
N TYR A 8 -19.04 13.07 9.49
CA TYR A 8 -17.89 12.53 10.27
C TYR A 8 -17.23 13.67 11.06
N HIS A 9 -16.44 13.33 12.05
CA HIS A 9 -15.77 14.38 12.87
C HIS A 9 -14.55 14.92 12.11
N GLU A 10 -13.74 15.70 12.76
CA GLU A 10 -12.53 16.26 12.10
C GLU A 10 -11.31 16.09 13.01
N ARG A 11 -10.32 15.35 12.57
CA ARG A 11 -9.11 15.15 13.42
C ARG A 11 -7.87 15.09 12.53
N ARG A 12 -7.84 14.16 11.60
CA ARG A 12 -6.66 14.06 10.69
C ARG A 12 -6.98 13.12 9.53
N GLY A 13 -7.00 11.85 9.79
CA GLY A 13 -7.30 10.89 8.70
C GLY A 13 -6.44 9.63 8.88
N SER A 14 -5.35 9.55 8.16
CA SER A 14 -4.46 8.35 8.28
C SER A 14 -3.12 8.68 7.63
N LEU A 15 -2.04 8.55 8.36
CA LEU A 15 -0.70 8.88 7.78
C LEU A 15 -0.32 7.81 6.75
N CYS A 16 0.21 8.24 5.64
CA CYS A 16 0.64 7.26 4.60
C CYS A 16 1.98 6.70 5.02
N SER A 17 2.02 5.43 5.35
CA SER A 17 3.31 4.83 5.77
C SER A 17 4.35 5.16 4.71
N GLY A 18 5.30 5.98 5.06
CA GLY A 18 6.33 6.41 4.09
C GLY A 18 6.29 7.94 4.02
N CYS A 19 5.12 8.50 4.23
CA CYS A 19 4.96 9.99 4.19
C CYS A 19 4.78 10.51 5.61
N GLN A 20 4.23 9.70 6.48
CA GLN A 20 3.99 10.14 7.89
C GLN A 20 3.10 11.38 7.86
N LYS A 21 2.26 11.48 6.86
CA LYS A 21 1.32 12.64 6.75
C LYS A 21 -0.06 12.10 6.41
N PRO A 22 -1.09 12.66 6.99
CA PRO A 22 -2.48 12.18 6.73
C PRO A 22 -2.78 11.95 5.26
N ILE A 23 -3.70 11.06 4.99
CA ILE A 23 -4.07 10.75 3.59
C ILE A 23 -5.43 11.38 3.29
N THR A 24 -5.43 12.55 2.69
CA THR A 24 -6.72 13.24 2.38
C THR A 24 -7.30 12.65 1.08
N GLY A 25 -8.27 11.78 1.22
CA GLY A 25 -8.90 11.15 0.02
C GLY A 25 -8.88 9.64 0.20
N ARG A 26 -8.79 8.89 -0.87
CA ARG A 26 -8.74 7.41 -0.73
C ARG A 26 -7.50 7.04 0.07
N CYS A 27 -7.45 5.86 0.62
CA CYS A 27 -6.26 5.47 1.41
C CYS A 27 -6.12 3.94 1.43
N ILE A 28 -4.92 3.47 1.26
CA ILE A 28 -4.70 1.99 1.27
C ILE A 28 -4.34 1.55 2.68
N THR A 29 -4.73 0.36 3.05
CA THR A 29 -4.42 -0.16 4.42
C THR A 29 -3.71 -1.51 4.28
N ALA A 30 -2.43 -1.54 4.51
CA ALA A 30 -1.67 -2.81 4.39
C ALA A 30 -1.67 -3.53 5.74
N MET A 31 -0.51 -3.94 6.21
CA MET A 31 -0.42 -4.63 7.51
C MET A 31 -0.66 -3.61 8.62
N ALA A 32 -1.84 -3.01 8.61
CA ALA A 32 -2.17 -1.96 9.61
C ALA A 32 -1.47 -0.66 9.21
N LYS A 33 -0.59 -0.75 8.26
CA LYS A 33 0.14 0.47 7.78
C LYS A 33 -0.65 1.09 6.63
N LYS A 34 -0.81 2.39 6.64
CA LYS A 34 -1.57 3.05 5.55
C LYS A 34 -0.62 3.54 4.48
N PHE A 35 -1.13 3.95 3.36
CA PHE A 35 -0.25 4.44 2.25
C PHE A 35 -1.07 5.33 1.32
N HIS A 36 -0.53 6.43 0.88
CA HIS A 36 -1.29 7.29 -0.06
C HIS A 36 -1.64 6.40 -1.26
N PRO A 37 -2.85 6.46 -1.75
CA PRO A 37 -3.25 5.61 -2.91
C PRO A 37 -2.26 5.69 -4.09
N GLU A 38 -1.31 6.59 -4.00
CA GLU A 38 -0.29 6.72 -5.08
C GLU A 38 1.10 6.36 -4.54
N HIS A 39 1.24 6.27 -3.23
CA HIS A 39 2.57 5.92 -2.65
C HIS A 39 2.60 4.43 -2.29
N PHE A 40 1.45 3.79 -2.29
CA PHE A 40 1.41 2.34 -2.00
C PHE A 40 1.92 1.61 -3.23
N VAL A 41 3.21 1.40 -3.30
CA VAL A 41 3.79 0.73 -4.49
C VAL A 41 4.26 -0.68 -4.13
N CYS A 42 4.65 -1.44 -5.13
CA CYS A 42 5.12 -2.83 -4.89
C CYS A 42 6.55 -2.81 -4.36
N ALA A 43 6.82 -3.53 -3.30
CA ALA A 43 8.21 -3.56 -2.74
C ALA A 43 9.12 -4.37 -3.68
N PHE A 44 8.97 -4.20 -4.96
CA PHE A 44 9.81 -4.94 -5.95
C PHE A 44 10.06 -4.02 -7.15
N CYS A 45 9.00 -3.65 -7.83
CA CYS A 45 9.14 -2.75 -9.01
C CYS A 45 8.87 -1.31 -8.56
N LEU A 46 8.21 -1.15 -7.44
CA LEU A 46 7.91 0.22 -6.91
C LEU A 46 7.19 1.05 -7.97
N LYS A 47 6.61 0.42 -8.96
CA LYS A 47 5.88 1.18 -10.01
C LYS A 47 4.60 1.76 -9.42
N GLN A 48 3.80 0.91 -8.82
CA GLN A 48 2.52 1.36 -8.20
C GLN A 48 1.84 0.13 -7.60
N LEU A 49 0.93 0.31 -6.70
CA LEU A 49 0.26 -0.88 -6.11
C LEU A 49 -1.09 -0.50 -5.51
N ASN A 50 -1.95 -1.47 -5.33
CA ASN A 50 -3.30 -1.21 -4.77
C ASN A 50 -3.74 -2.44 -3.96
N LYS A 51 -4.07 -2.25 -2.71
CA LYS A 51 -4.50 -3.39 -1.86
C LYS A 51 -5.61 -4.17 -2.57
N GLY A 52 -6.36 -3.52 -3.41
CA GLY A 52 -7.47 -4.21 -4.14
C GLY A 52 -6.94 -5.38 -4.98
N THR A 53 -5.71 -5.31 -5.43
CA THR A 53 -5.16 -6.43 -6.26
C THR A 53 -3.67 -6.63 -5.98
N PHE A 54 -3.22 -6.40 -4.78
CA PHE A 54 -1.77 -6.60 -4.48
C PHE A 54 -1.58 -7.93 -3.74
N LYS A 55 -0.35 -8.25 -3.46
CA LYS A 55 -0.02 -9.49 -2.72
C LYS A 55 1.15 -9.16 -1.78
N GLU A 56 1.47 -10.00 -0.85
CA GLU A 56 2.60 -9.68 0.07
C GLU A 56 3.45 -10.93 0.32
N GLN A 57 4.71 -10.72 0.55
CA GLN A 57 5.64 -11.84 0.82
C GLN A 57 6.79 -11.31 1.67
N ASN A 58 7.37 -12.13 2.51
CA ASN A 58 8.50 -11.65 3.36
C ASN A 58 8.07 -10.40 4.15
N ASP A 59 6.79 -10.16 4.28
CA ASP A 59 6.31 -8.97 5.05
C ASP A 59 6.41 -7.69 4.20
N LYS A 60 6.24 -7.81 2.91
CA LYS A 60 6.32 -6.59 2.05
C LYS A 60 5.33 -6.74 0.89
N PRO A 61 4.85 -5.64 0.35
CA PRO A 61 3.85 -5.67 -0.76
C PRO A 61 4.43 -6.17 -2.08
N TYR A 62 3.58 -6.68 -2.91
CA TYR A 62 4.00 -7.21 -4.24
C TYR A 62 2.76 -7.28 -5.13
N CYS A 63 2.76 -6.65 -6.27
CA CYS A 63 1.56 -6.73 -7.15
C CYS A 63 1.20 -8.19 -7.35
N GLN A 64 -0.07 -8.50 -7.42
CA GLN A 64 -0.48 -9.91 -7.62
C GLN A 64 0.32 -10.47 -8.79
N ASN A 65 0.56 -9.67 -9.79
CA ASN A 65 1.36 -10.13 -10.96
C ASN A 65 2.79 -10.36 -10.48
N CYS A 66 3.28 -9.52 -9.61
CA CYS A 66 4.65 -9.70 -9.07
C CYS A 66 4.65 -10.96 -8.20
N PHE A 67 3.84 -10.98 -7.16
CA PHE A 67 3.75 -12.19 -6.29
C PHE A 67 3.60 -13.41 -7.19
N LEU A 68 2.73 -13.30 -8.16
CA LEU A 68 2.52 -14.42 -9.12
C LEU A 68 3.85 -14.70 -9.82
N LYS A 69 4.68 -13.70 -9.90
CA LYS A 69 6.02 -13.85 -10.55
C LYS A 69 7.06 -14.31 -9.51
N LEU A 70 6.96 -13.81 -8.31
CA LEU A 70 7.94 -14.19 -7.25
C LEU A 70 7.51 -15.50 -6.59
N PHE A 71 6.32 -15.53 -6.06
CA PHE A 71 5.82 -16.76 -5.38
C PHE A 71 5.51 -17.84 -6.41
N CYS A 72 5.32 -17.46 -7.65
CA CYS A 72 5.01 -18.48 -8.70
C CYS A 72 5.69 -18.09 -10.02
N TYR A 8 -14.92 16.31 14.75
CA TYR A 8 -15.01 17.49 13.86
C TYR A 8 -13.78 17.52 12.93
N HIS A 9 -13.86 18.28 11.86
CA HIS A 9 -12.72 18.37 10.91
C HIS A 9 -12.27 16.98 10.47
N GLU A 10 -11.09 16.86 9.92
CA GLU A 10 -10.60 15.53 9.46
C GLU A 10 -9.07 15.53 9.44
N ARG A 11 -8.46 16.17 10.43
CA ARG A 11 -6.98 16.21 10.48
C ARG A 11 -6.42 14.86 10.92
N ARG A 12 -7.27 13.87 11.07
CA ARG A 12 -6.80 12.52 11.50
C ARG A 12 -7.34 11.47 10.53
N GLY A 13 -7.49 10.25 10.99
CA GLY A 13 -8.03 9.18 10.10
C GLY A 13 -7.04 8.01 10.06
N SER A 14 -6.31 7.87 8.98
CA SER A 14 -5.34 6.75 8.86
C SER A 14 -4.04 7.27 8.25
N LEU A 15 -2.95 7.16 8.96
CA LEU A 15 -1.65 7.66 8.40
C LEU A 15 -1.17 6.73 7.31
N CYS A 16 -0.66 7.26 6.23
CA CYS A 16 -0.14 6.42 5.13
C CYS A 16 1.22 5.91 5.54
N SER A 17 1.35 4.63 5.79
CA SER A 17 2.68 4.10 6.19
C SER A 17 3.71 4.59 5.18
N GLY A 18 4.60 5.42 5.62
CA GLY A 18 5.61 6.00 4.71
C GLY A 18 5.45 7.52 4.72
N CYS A 19 4.24 7.98 4.95
CA CYS A 19 3.97 9.44 5.00
C CYS A 19 3.74 9.85 6.46
N GLN A 20 3.24 8.95 7.27
CA GLN A 20 2.95 9.28 8.70
C GLN A 20 1.97 10.45 8.75
N LYS A 21 1.13 10.56 7.75
CA LYS A 21 0.12 11.65 7.70
C LYS A 21 -1.22 11.03 7.30
N PRO A 22 -2.29 11.47 7.91
CA PRO A 22 -3.64 10.91 7.61
C PRO A 22 -3.92 10.78 6.11
N ILE A 23 -4.78 9.87 5.77
CA ILE A 23 -5.13 9.64 4.34
C ILE A 23 -6.54 10.18 4.09
N THR A 24 -6.65 11.41 3.64
CA THR A 24 -7.99 12.01 3.39
C THR A 24 -8.52 11.54 2.02
N GLY A 25 -9.20 10.43 2.00
CA GLY A 25 -9.76 9.89 0.72
C GLY A 25 -9.58 8.38 0.71
N ARG A 26 -9.46 7.79 -0.44
CA ARG A 26 -9.26 6.31 -0.50
C ARG A 26 -8.03 5.96 0.32
N CYS A 27 -7.94 4.75 0.81
CA CYS A 27 -6.76 4.37 1.62
C CYS A 27 -6.53 2.86 1.55
N ILE A 28 -5.29 2.47 1.39
CA ILE A 28 -4.98 1.01 1.31
C ILE A 28 -4.64 0.49 2.71
N THR A 29 -4.94 -0.74 2.98
CA THR A 29 -4.63 -1.32 4.32
C THR A 29 -3.83 -2.61 4.13
N ALA A 30 -2.55 -2.57 4.38
CA ALA A 30 -1.71 -3.78 4.21
C ALA A 30 -1.70 -4.58 5.52
N MET A 31 -0.54 -4.94 6.00
CA MET A 31 -0.46 -5.72 7.27
C MET A 31 -0.80 -4.76 8.42
N ALA A 32 -1.98 -4.23 8.40
CA ALA A 32 -2.42 -3.26 9.46
C ALA A 32 -1.79 -1.90 9.14
N LYS A 33 -0.86 -1.88 8.22
CA LYS A 33 -0.21 -0.60 7.82
C LYS A 33 -1.00 0.04 6.70
N LYS A 34 -1.29 1.31 6.79
CA LYS A 34 -2.07 1.99 5.71
C LYS A 34 -1.12 2.62 4.71
N PHE A 35 -1.63 3.07 3.60
CA PHE A 35 -0.76 3.69 2.56
C PHE A 35 -1.62 4.57 1.66
N HIS A 36 -1.15 5.75 1.32
CA HIS A 36 -1.96 6.60 0.41
C HIS A 36 -2.18 5.77 -0.87
N PRO A 37 -3.38 5.76 -1.40
CA PRO A 37 -3.67 4.97 -2.62
C PRO A 37 -2.65 5.23 -3.74
N GLU A 38 -1.81 6.20 -3.57
CA GLU A 38 -0.77 6.51 -4.59
C GLU A 38 0.62 6.20 -4.03
N HIS A 39 0.73 6.01 -2.73
CA HIS A 39 2.06 5.70 -2.13
C HIS A 39 2.17 4.20 -1.87
N PHE A 40 1.08 3.50 -1.95
CA PHE A 40 1.11 2.02 -1.75
C PHE A 40 1.72 1.41 -3.00
N VAL A 41 3.01 1.27 -3.03
CA VAL A 41 3.68 0.71 -4.24
C VAL A 41 4.20 -0.70 -3.95
N CYS A 42 4.67 -1.36 -4.98
CA CYS A 42 5.20 -2.75 -4.82
C CYS A 42 6.60 -2.70 -4.22
N ALA A 43 6.85 -3.50 -3.21
CA ALA A 43 8.21 -3.51 -2.60
C ALA A 43 9.19 -4.23 -3.53
N PHE A 44 9.10 -3.94 -4.81
CA PHE A 44 10.01 -4.58 -5.81
C PHE A 44 10.28 -3.58 -6.93
N CYS A 45 9.25 -3.19 -7.63
CA CYS A 45 9.40 -2.20 -8.73
C CYS A 45 9.05 -0.81 -8.19
N LEU A 46 8.33 -0.76 -7.10
CA LEU A 46 7.94 0.55 -6.49
C LEU A 46 7.24 1.43 -7.52
N LYS A 47 6.73 0.85 -8.57
CA LYS A 47 6.01 1.66 -9.60
C LYS A 47 4.68 2.13 -9.03
N GLN A 48 3.89 1.21 -8.53
CA GLN A 48 2.57 1.55 -7.95
C GLN A 48 1.93 0.25 -7.48
N LEU A 49 0.95 0.32 -6.62
CA LEU A 49 0.32 -0.94 -6.15
C LEU A 49 -1.08 -0.67 -5.60
N ASN A 50 -1.90 -1.68 -5.57
CA ASN A 50 -3.29 -1.53 -5.05
C ASN A 50 -3.70 -2.83 -4.35
N LYS A 51 -4.09 -2.72 -3.09
CA LYS A 51 -4.50 -3.94 -2.33
C LYS A 51 -5.53 -4.74 -3.13
N GLY A 52 -6.32 -4.08 -3.93
CA GLY A 52 -7.35 -4.78 -4.75
C GLY A 52 -6.71 -5.84 -5.65
N THR A 53 -5.46 -5.66 -6.04
CA THR A 53 -4.82 -6.67 -6.94
C THR A 53 -3.33 -6.83 -6.61
N PHE A 54 -2.96 -6.69 -5.36
CA PHE A 54 -1.51 -6.85 -5.01
C PHE A 54 -1.29 -8.21 -4.36
N LYS A 55 -0.06 -8.49 -4.03
CA LYS A 55 0.29 -9.77 -3.37
C LYS A 55 1.40 -9.45 -2.37
N GLU A 56 1.71 -10.35 -1.47
CA GLU A 56 2.79 -10.03 -0.49
C GLU A 56 3.70 -11.25 -0.32
N GLN A 57 4.94 -11.00 -0.01
CA GLN A 57 5.92 -12.09 0.19
C GLN A 57 7.01 -11.58 1.12
N ASN A 58 7.58 -12.44 1.93
CA ASN A 58 8.65 -11.99 2.86
C ASN A 58 8.15 -10.83 3.73
N ASP A 59 6.86 -10.66 3.85
CA ASP A 59 6.30 -9.56 4.69
C ASP A 59 6.33 -8.22 3.96
N LYS A 60 6.23 -8.22 2.65
CA LYS A 60 6.26 -6.94 1.89
C LYS A 60 5.32 -7.05 0.69
N PRO A 61 4.83 -5.93 0.19
CA PRO A 61 3.88 -5.93 -0.97
C PRO A 61 4.54 -6.30 -2.29
N TYR A 62 3.75 -6.80 -3.20
CA TYR A 62 4.26 -7.19 -4.54
C TYR A 62 3.06 -7.26 -5.48
N CYS A 63 3.09 -6.56 -6.58
CA CYS A 63 1.93 -6.62 -7.51
C CYS A 63 1.64 -8.08 -7.83
N GLN A 64 0.39 -8.43 -7.98
CA GLN A 64 0.06 -9.84 -8.30
C GLN A 64 0.93 -10.29 -9.48
N ASN A 65 1.17 -9.39 -10.41
CA ASN A 65 2.04 -9.73 -11.56
C ASN A 65 3.46 -9.96 -11.04
N CYS A 66 3.88 -9.17 -10.10
CA CYS A 66 5.23 -9.34 -9.51
C CYS A 66 5.24 -10.66 -8.74
N PHE A 67 4.39 -10.79 -7.74
CA PHE A 67 4.31 -12.06 -6.97
C PHE A 67 4.25 -13.22 -7.96
N LEU A 68 3.41 -13.08 -8.95
CA LEU A 68 3.28 -14.12 -10.00
C LEU A 68 4.65 -14.30 -10.66
N LYS A 69 5.46 -13.27 -10.63
CA LYS A 69 6.82 -13.33 -11.23
C LYS A 69 7.83 -13.82 -10.18
N LEU A 70 7.67 -13.42 -8.95
CA LEU A 70 8.62 -13.84 -7.89
C LEU A 70 8.21 -15.20 -7.34
N PHE A 71 7.00 -15.32 -6.88
CA PHE A 71 6.52 -16.61 -6.31
C PHE A 71 6.29 -17.62 -7.44
N CYS A 72 6.15 -17.16 -8.65
CA CYS A 72 5.91 -18.11 -9.78
C CYS A 72 6.61 -17.58 -11.04
N TYR A 8 -9.91 17.35 17.23
CA TYR A 8 -10.45 17.07 15.88
C TYR A 8 -9.73 17.97 14.86
N HIS A 9 -8.57 17.59 14.42
CA HIS A 9 -7.82 18.41 13.43
C HIS A 9 -6.66 17.59 12.85
N GLU A 10 -5.88 16.99 13.69
CA GLU A 10 -4.73 16.17 13.21
C GLU A 10 -5.26 14.97 12.43
N ARG A 11 -5.92 14.06 13.10
CA ARG A 11 -6.46 12.86 12.40
C ARG A 11 -7.69 13.26 11.58
N ARG A 12 -7.60 13.17 10.28
CA ARG A 12 -8.76 13.54 9.42
C ARG A 12 -9.27 12.30 8.70
N GLY A 13 -8.67 11.17 8.97
CA GLY A 13 -9.11 9.91 8.30
C GLY A 13 -8.09 8.80 8.56
N SER A 14 -7.44 8.33 7.52
CA SER A 14 -6.43 7.25 7.70
C SER A 14 -5.07 7.75 7.18
N LEU A 15 -4.06 7.68 8.01
CA LEU A 15 -2.72 8.16 7.55
C LEU A 15 -2.13 7.18 6.55
N CYS A 16 -1.54 7.70 5.50
CA CYS A 16 -0.93 6.81 4.47
C CYS A 16 0.41 6.35 5.00
N SER A 17 0.54 5.09 5.30
CA SER A 17 1.84 4.60 5.84
C SER A 17 2.93 5.06 4.87
N GLY A 18 3.76 5.95 5.33
CA GLY A 18 4.83 6.51 4.46
C GLY A 18 4.65 8.03 4.43
N CYS A 19 3.43 8.47 4.54
CA CYS A 19 3.13 9.92 4.54
C CYS A 19 2.76 10.37 5.96
N GLN A 20 2.23 9.48 6.75
CA GLN A 20 1.83 9.85 8.14
C GLN A 20 0.82 10.99 8.07
N LYS A 21 0.07 11.06 7.01
CA LYS A 21 -0.96 12.13 6.84
C LYS A 21 -2.24 11.47 6.35
N PRO A 22 -3.38 11.92 6.84
CA PRO A 22 -4.68 11.32 6.43
C PRO A 22 -4.82 11.10 4.93
N ILE A 23 -5.63 10.15 4.56
CA ILE A 23 -5.84 9.84 3.13
C ILE A 23 -7.23 10.33 2.70
N THR A 24 -7.29 11.52 2.15
CA THR A 24 -8.61 12.08 1.72
C THR A 24 -9.01 11.48 0.38
N GLY A 25 -9.94 10.55 0.38
CA GLY A 25 -10.39 9.90 -0.87
C GLY A 25 -10.26 8.39 -0.71
N ARG A 26 -9.99 7.69 -1.78
CA ARG A 26 -9.82 6.21 -1.66
C ARG A 26 -8.62 5.93 -0.76
N CYS A 27 -8.50 4.74 -0.25
CA CYS A 27 -7.34 4.44 0.64
C CYS A 27 -7.07 2.94 0.65
N ILE A 28 -5.82 2.57 0.57
CA ILE A 28 -5.46 1.13 0.57
C ILE A 28 -5.22 0.67 2.02
N THR A 29 -5.40 -0.59 2.27
CA THR A 29 -5.18 -1.11 3.66
C THR A 29 -4.33 -2.38 3.58
N ALA A 30 -3.09 -2.29 3.93
CA ALA A 30 -2.20 -3.48 3.88
C ALA A 30 -2.30 -4.23 5.21
N MET A 31 -1.19 -4.56 5.81
CA MET A 31 -1.22 -5.27 7.12
C MET A 31 -1.67 -4.27 8.19
N ALA A 32 -2.85 -3.74 8.03
CA ALA A 32 -3.37 -2.71 8.98
C ALA A 32 -2.73 -1.37 8.61
N LYS A 33 -1.72 -1.42 7.77
CA LYS A 33 -1.04 -0.18 7.33
C LYS A 33 -1.79 0.44 6.16
N LYS A 34 -2.07 1.71 6.22
CA LYS A 34 -2.80 2.36 5.09
C LYS A 34 -1.80 2.98 4.13
N PHE A 35 -2.27 3.39 2.98
CA PHE A 35 -1.35 3.99 1.98
C PHE A 35 -2.16 4.85 1.01
N HIS A 36 -1.69 6.01 0.64
CA HIS A 36 -2.45 6.82 -0.33
C HIS A 36 -2.60 5.95 -1.59
N PRO A 37 -3.76 5.90 -2.17
CA PRO A 37 -3.97 5.05 -3.39
C PRO A 37 -2.90 5.28 -4.46
N GLU A 38 -2.07 6.27 -4.28
CA GLU A 38 -0.98 6.55 -5.25
C GLU A 38 0.38 6.27 -4.60
N HIS A 39 0.42 6.15 -3.29
CA HIS A 39 1.72 5.89 -2.59
C HIS A 39 1.83 4.40 -2.27
N PHE A 40 0.75 3.67 -2.40
CA PHE A 40 0.79 2.22 -2.14
C PHE A 40 1.50 1.56 -3.31
N VAL A 41 2.79 1.43 -3.24
CA VAL A 41 3.55 0.84 -4.36
C VAL A 41 4.08 -0.55 -3.98
N CYS A 42 4.64 -1.26 -4.93
CA CYS A 42 5.18 -2.62 -4.66
C CYS A 42 6.51 -2.51 -3.94
N ALA A 43 6.70 -3.26 -2.88
CA ALA A 43 8.00 -3.21 -2.14
C ALA A 43 9.10 -3.91 -2.97
N PHE A 44 9.06 -3.73 -4.25
CA PHE A 44 10.09 -4.37 -5.14
C PHE A 44 10.41 -3.41 -6.28
N CYS A 45 9.43 -3.10 -7.09
CA CYS A 45 9.66 -2.16 -8.22
C CYS A 45 9.25 -0.75 -7.77
N LEU A 46 8.43 -0.67 -6.74
CA LEU A 46 7.98 0.65 -6.23
C LEU A 46 7.34 1.49 -7.35
N LYS A 47 6.93 0.85 -8.42
CA LYS A 47 6.31 1.61 -9.54
C LYS A 47 4.91 2.07 -9.11
N GLN A 48 4.10 1.16 -8.64
CA GLN A 48 2.74 1.49 -8.18
C GLN A 48 2.07 0.20 -7.71
N LEU A 49 1.04 0.29 -6.93
CA LEU A 49 0.39 -0.96 -6.46
C LEU A 49 -1.05 -0.69 -6.03
N ASN A 50 -1.86 -1.72 -6.03
CA ASN A 50 -3.29 -1.56 -5.63
C ASN A 50 -3.75 -2.83 -4.90
N LYS A 51 -4.24 -2.69 -3.69
CA LYS A 51 -4.70 -3.87 -2.91
C LYS A 51 -5.63 -4.74 -3.77
N GLY A 52 -6.36 -4.13 -4.66
CA GLY A 52 -7.30 -4.89 -5.53
C GLY A 52 -6.56 -5.95 -6.34
N THR A 53 -5.30 -5.77 -6.63
CA THR A 53 -4.56 -6.78 -7.43
C THR A 53 -3.10 -6.91 -6.96
N PHE A 54 -2.85 -6.70 -5.69
CA PHE A 54 -1.44 -6.84 -5.20
C PHE A 54 -1.28 -8.16 -4.47
N LYS A 55 -0.09 -8.43 -4.03
CA LYS A 55 0.22 -9.67 -3.27
C LYS A 55 1.24 -9.30 -2.20
N GLU A 56 1.46 -10.14 -1.23
CA GLU A 56 2.45 -9.79 -0.18
C GLU A 56 3.34 -10.99 0.14
N GLN A 57 4.55 -10.72 0.53
CA GLN A 57 5.49 -11.81 0.88
C GLN A 57 6.53 -11.24 1.85
N ASN A 58 7.02 -12.04 2.75
CA ASN A 58 8.04 -11.54 3.72
C ASN A 58 7.50 -10.31 4.47
N ASP A 59 6.20 -10.11 4.48
CA ASP A 59 5.62 -8.93 5.21
C ASP A 59 5.76 -7.65 4.37
N LYS A 60 5.69 -7.74 3.07
CA LYS A 60 5.81 -6.52 2.23
C LYS A 60 4.96 -6.70 0.97
N PRO A 61 4.47 -5.62 0.41
CA PRO A 61 3.61 -5.68 -0.81
C PRO A 61 4.36 -6.11 -2.06
N TYR A 62 3.64 -6.66 -2.99
CA TYR A 62 4.26 -7.12 -4.27
C TYR A 62 3.15 -7.25 -5.30
N CYS A 63 3.24 -6.56 -6.41
CA CYS A 63 2.16 -6.68 -7.43
C CYS A 63 1.92 -8.15 -7.71
N GLN A 64 0.70 -8.54 -7.92
CA GLN A 64 0.40 -9.97 -8.19
C GLN A 64 1.38 -10.46 -9.27
N ASN A 65 1.67 -9.63 -10.22
CA ASN A 65 2.65 -10.01 -11.29
C ASN A 65 4.01 -10.17 -10.62
N CYS A 66 4.36 -9.24 -9.78
CA CYS A 66 5.66 -9.32 -9.05
C CYS A 66 5.63 -10.58 -8.19
N PHE A 67 4.71 -10.67 -7.27
CA PHE A 67 4.60 -11.90 -6.40
C PHE A 67 4.65 -13.12 -7.31
N LEU A 68 3.87 -13.09 -8.37
CA LEU A 68 3.86 -14.22 -9.34
C LEU A 68 5.29 -14.40 -9.87
N LYS A 69 6.06 -13.34 -9.84
CA LYS A 69 7.48 -13.39 -10.31
C LYS A 69 8.40 -13.76 -9.15
N LEU A 70 8.12 -13.27 -7.97
CA LEU A 70 8.98 -13.59 -6.80
C LEU A 70 8.57 -14.92 -6.19
N PHE A 71 7.33 -15.03 -5.78
CA PHE A 71 6.85 -16.30 -5.15
C PHE A 71 6.76 -17.41 -6.21
N CYS A 72 6.67 -17.03 -7.47
CA CYS A 72 6.57 -18.06 -8.54
C CYS A 72 7.38 -17.62 -9.77
N TYR A 8 -18.47 16.08 14.92
CA TYR A 8 -18.04 16.72 13.65
C TYR A 8 -17.08 17.87 13.96
N HIS A 9 -15.87 17.57 14.38
CA HIS A 9 -14.89 18.63 14.70
C HIS A 9 -13.48 18.05 14.69
N GLU A 10 -13.29 16.93 15.32
CA GLU A 10 -11.94 16.29 15.36
C GLU A 10 -11.53 15.88 13.94
N ARG A 11 -10.26 15.89 13.65
CA ARG A 11 -9.80 15.50 12.28
C ARG A 11 -8.58 14.57 12.39
N ARG A 12 -8.75 13.33 12.02
CA ARG A 12 -7.60 12.36 12.10
C ARG A 12 -7.33 11.81 10.69
N GLY A 13 -7.03 10.54 10.60
CA GLY A 13 -6.76 9.94 9.26
C GLY A 13 -5.72 8.83 9.39
N SER A 14 -4.72 8.85 8.55
CA SER A 14 -3.66 7.81 8.61
C SER A 14 -2.46 8.26 7.78
N LEU A 15 -1.30 8.33 8.36
CA LEU A 15 -0.10 8.77 7.59
C LEU A 15 0.28 7.72 6.56
N CYS A 16 0.60 8.13 5.37
CA CYS A 16 1.00 7.17 4.31
C CYS A 16 2.45 6.80 4.56
N SER A 17 2.71 5.57 4.93
CA SER A 17 4.11 5.18 5.18
C SER A 17 4.93 5.57 3.95
N GLY A 18 5.77 6.54 4.11
CA GLY A 18 6.58 7.05 2.96
C GLY A 18 6.34 8.55 2.87
N CYS A 19 5.16 8.99 3.24
CA CYS A 19 4.82 10.43 3.18
C CYS A 19 4.76 11.00 4.61
N GLN A 20 4.45 10.16 5.56
CA GLN A 20 4.34 10.63 6.98
C GLN A 20 3.29 11.73 7.06
N LYS A 21 2.32 11.68 6.19
CA LYS A 21 1.23 12.70 6.19
C LYS A 21 -0.10 11.96 6.05
N PRO A 22 -1.13 12.42 6.74
CA PRO A 22 -2.45 11.74 6.68
C PRO A 22 -2.90 11.39 5.26
N ILE A 23 -3.71 10.38 5.16
CA ILE A 23 -4.20 9.93 3.84
C ILE A 23 -5.67 10.35 3.68
N THR A 24 -5.90 11.45 3.01
CA THR A 24 -7.29 11.93 2.81
C THR A 24 -7.96 11.14 1.68
N GLY A 25 -8.93 10.34 2.02
CA GLY A 25 -9.63 9.52 0.98
C GLY A 25 -9.36 8.04 1.29
N ARG A 26 -9.36 7.19 0.30
CA ARG A 26 -9.09 5.76 0.56
C ARG A 26 -7.71 5.62 1.18
N CYS A 27 -7.36 4.45 1.63
CA CYS A 27 -6.03 4.27 2.26
C CYS A 27 -5.67 2.78 2.31
N ILE A 28 -4.45 2.45 1.99
CA ILE A 28 -4.03 1.03 2.01
C ILE A 28 -3.43 0.71 3.38
N THR A 29 -3.54 -0.52 3.81
CA THR A 29 -2.97 -0.92 5.13
C THR A 29 -2.09 -2.15 4.93
N ALA A 30 -0.80 -1.98 4.99
CA ALA A 30 0.12 -3.14 4.81
C ALA A 30 0.42 -3.77 6.16
N MET A 31 1.67 -3.97 6.48
CA MET A 31 2.02 -4.57 7.80
C MET A 31 1.78 -3.52 8.88
N ALA A 32 0.56 -3.08 9.00
CA ALA A 32 0.21 -2.03 10.00
C ALA A 32 0.65 -0.69 9.44
N LYS A 33 1.41 -0.71 8.37
CA LYS A 33 1.89 0.55 7.75
C LYS A 33 0.87 1.01 6.71
N LYS A 34 0.53 2.26 6.71
CA LYS A 34 -0.48 2.77 5.73
C LYS A 34 0.25 3.33 4.50
N PHE A 35 -0.49 3.61 3.47
CA PHE A 35 0.14 4.15 2.22
C PHE A 35 -0.91 4.89 1.41
N HIS A 36 -0.59 6.02 0.85
CA HIS A 36 -1.60 6.72 0.02
C HIS A 36 -2.02 5.74 -1.08
N PRO A 37 -3.28 5.61 -1.35
CA PRO A 37 -3.75 4.67 -2.39
C PRO A 37 -2.99 4.81 -3.72
N GLU A 38 -2.18 5.83 -3.82
CA GLU A 38 -1.39 6.05 -5.07
C GLU A 38 0.11 5.86 -4.75
N HIS A 39 0.48 5.85 -3.50
CA HIS A 39 1.91 5.68 -3.14
C HIS A 39 2.17 4.21 -2.78
N PHE A 40 1.12 3.46 -2.54
CA PHE A 40 1.29 2.03 -2.21
C PHE A 40 1.58 1.29 -3.51
N VAL A 41 2.83 1.22 -3.89
CA VAL A 41 3.18 0.55 -5.16
C VAL A 41 3.85 -0.81 -4.88
N CYS A 42 4.07 -1.57 -5.91
CA CYS A 42 4.70 -2.91 -5.76
C CYS A 42 6.21 -2.74 -5.54
N ALA A 43 6.76 -3.39 -4.54
CA ALA A 43 8.22 -3.28 -4.28
C ALA A 43 8.99 -4.04 -5.38
N PHE A 44 8.53 -3.96 -6.61
CA PHE A 44 9.21 -4.65 -7.73
C PHE A 44 9.13 -3.77 -8.97
N CYS A 45 7.93 -3.51 -9.42
CA CYS A 45 7.74 -2.64 -10.61
C CYS A 45 7.44 -1.21 -10.14
N LEU A 46 7.02 -1.07 -8.92
CA LEU A 46 6.72 0.28 -8.35
C LEU A 46 5.72 1.02 -9.26
N LYS A 47 4.99 0.32 -10.07
CA LYS A 47 3.99 0.99 -10.97
C LYS A 47 2.81 1.46 -10.12
N GLN A 48 2.23 0.58 -9.37
CA GLN A 48 1.07 0.93 -8.50
C GLN A 48 0.64 -0.32 -7.75
N LEU A 49 -0.09 -0.18 -6.68
CA LEU A 49 -0.50 -1.39 -5.93
C LEU A 49 -1.70 -1.08 -5.02
N ASN A 50 -2.41 -2.10 -4.62
CA ASN A 50 -3.58 -1.90 -3.73
C ASN A 50 -3.79 -3.16 -2.88
N LYS A 51 -3.94 -3.00 -1.59
CA LYS A 51 -4.15 -4.19 -0.70
C LYS A 51 -5.31 -5.03 -1.24
N GLY A 52 -6.21 -4.42 -1.97
CA GLY A 52 -7.38 -5.16 -2.52
C GLY A 52 -6.92 -6.37 -3.35
N THR A 53 -5.80 -6.27 -4.01
CA THR A 53 -5.33 -7.44 -4.85
C THR A 53 -3.81 -7.50 -4.88
N PHE A 54 -3.13 -7.13 -3.83
CA PHE A 54 -1.65 -7.20 -3.84
C PHE A 54 -1.19 -8.47 -3.12
N LYS A 55 0.10 -8.67 -3.08
CA LYS A 55 0.69 -9.83 -2.38
C LYS A 55 1.97 -9.35 -1.72
N GLU A 56 2.57 -10.12 -0.84
CA GLU A 56 3.81 -9.66 -0.18
C GLU A 56 4.81 -10.81 -0.08
N GLN A 57 6.08 -10.48 -0.09
CA GLN A 57 7.13 -11.51 0.01
C GLN A 57 8.38 -10.84 0.58
N ASN A 58 9.18 -11.57 1.31
CA ASN A 58 10.42 -10.97 1.89
C ASN A 58 10.07 -9.71 2.72
N ASP A 59 8.82 -9.56 3.11
CA ASP A 59 8.41 -8.38 3.92
C ASP A 59 8.21 -7.14 3.03
N LYS A 60 7.79 -7.34 1.81
CA LYS A 60 7.56 -6.17 0.90
C LYS A 60 6.38 -6.46 -0.01
N PRO A 61 5.70 -5.43 -0.49
CA PRO A 61 4.52 -5.61 -1.37
C PRO A 61 4.87 -6.12 -2.76
N TYR A 62 3.92 -6.75 -3.39
CA TYR A 62 4.12 -7.30 -4.75
C TYR A 62 2.74 -7.53 -5.36
N CYS A 63 2.46 -6.97 -6.51
CA CYS A 63 1.11 -7.19 -7.12
C CYS A 63 0.86 -8.69 -7.20
N GLN A 64 -0.36 -9.11 -7.00
CA GLN A 64 -0.66 -10.56 -7.07
C GLN A 64 -0.06 -11.11 -8.37
N ASN A 65 -0.12 -10.33 -9.42
CA ASN A 65 0.47 -10.76 -10.71
C ASN A 65 1.99 -10.86 -10.54
N CYS A 66 2.56 -9.95 -9.80
CA CYS A 66 4.04 -10.00 -9.56
C CYS A 66 4.32 -11.19 -8.64
N PHE A 67 3.73 -11.21 -7.48
CA PHE A 67 3.93 -12.37 -6.54
C PHE A 67 3.70 -13.66 -7.34
N LEU A 68 2.66 -13.69 -8.11
CA LEU A 68 2.36 -14.87 -8.96
C LEU A 68 3.57 -15.11 -9.88
N LYS A 69 4.27 -14.06 -10.18
CA LYS A 69 5.48 -14.15 -11.06
C LYS A 69 6.72 -14.45 -10.23
N LEU A 70 6.82 -13.87 -9.06
CA LEU A 70 8.01 -14.10 -8.20
C LEU A 70 7.84 -15.39 -7.40
N PHE A 71 6.77 -15.48 -6.65
CA PHE A 71 6.53 -16.70 -5.82
C PHE A 71 6.11 -17.87 -6.72
N CYS A 72 5.65 -17.58 -7.91
CA CYS A 72 5.23 -18.69 -8.82
C CYS A 72 5.60 -18.34 -10.27
N TYR A 8 -17.11 17.06 16.52
CA TYR A 8 -15.98 17.30 15.57
C TYR A 8 -14.77 16.48 16.00
N HIS A 9 -14.37 16.61 17.25
CA HIS A 9 -13.19 15.84 17.76
C HIS A 9 -12.00 16.01 16.81
N GLU A 10 -11.07 15.09 16.84
CA GLU A 10 -9.88 15.20 15.95
C GLU A 10 -10.19 14.54 14.61
N ARG A 11 -10.03 13.24 14.53
CA ARG A 11 -10.31 12.51 13.25
C ARG A 11 -9.40 13.05 12.14
N ARG A 12 -8.23 12.46 11.99
CA ARG A 12 -7.29 12.93 10.92
C ARG A 12 -7.59 12.19 9.62
N GLY A 13 -7.81 10.90 9.72
CA GLY A 13 -8.11 10.09 8.50
C GLY A 13 -7.19 8.87 8.47
N SER A 14 -6.09 8.96 7.77
CA SER A 14 -5.13 7.82 7.69
C SER A 14 -3.83 8.29 7.03
N LEU A 15 -2.75 8.25 7.77
CA LEU A 15 -1.45 8.71 7.19
C LEU A 15 -0.94 7.69 6.19
N CYS A 16 -0.43 8.15 5.08
CA CYS A 16 0.11 7.21 4.05
C CYS A 16 1.48 6.77 4.51
N SER A 17 1.62 5.53 4.89
CA SER A 17 2.95 5.06 5.36
C SER A 17 3.97 5.45 4.29
N GLY A 18 4.86 6.32 4.65
CA GLY A 18 5.87 6.82 3.68
C GLY A 18 5.70 8.33 3.59
N CYS A 19 4.49 8.80 3.74
CA CYS A 19 4.21 10.26 3.70
C CYS A 19 3.94 10.76 5.11
N GLN A 20 3.43 9.90 5.96
CA GLN A 20 3.12 10.31 7.36
C GLN A 20 2.16 11.49 7.33
N LYS A 21 1.33 11.54 6.32
CA LYS A 21 0.33 12.63 6.19
C LYS A 21 -1.01 11.99 5.82
N PRO A 22 -2.10 12.50 6.36
CA PRO A 22 -3.45 11.92 6.08
C PRO A 22 -3.69 11.66 4.59
N ILE A 23 -4.55 10.71 4.32
CA ILE A 23 -4.85 10.36 2.91
C ILE A 23 -6.25 10.88 2.56
N THR A 24 -6.32 12.05 1.97
CA THR A 24 -7.64 12.63 1.62
C THR A 24 -8.17 11.99 0.33
N GLY A 25 -8.94 10.94 0.46
CA GLY A 25 -9.49 10.24 -0.73
C GLY A 25 -9.37 8.74 -0.52
N ARG A 26 -9.27 7.98 -1.57
CA ARG A 26 -9.11 6.51 -1.41
C ARG A 26 -7.85 6.24 -0.60
N CYS A 27 -7.74 5.09 0.00
CA CYS A 27 -6.52 4.81 0.82
C CYS A 27 -6.29 3.31 0.90
N ILE A 28 -5.06 2.88 0.75
CA ILE A 28 -4.75 1.43 0.83
C ILE A 28 -4.44 1.06 2.27
N THR A 29 -4.66 -0.17 2.64
CA THR A 29 -4.36 -0.60 4.04
C THR A 29 -3.55 -1.89 3.99
N ALA A 30 -2.28 -1.81 4.28
CA ALA A 30 -1.43 -3.02 4.25
C ALA A 30 -1.42 -3.67 5.63
N MET A 31 -0.27 -3.96 6.18
CA MET A 31 -0.22 -4.56 7.54
C MET A 31 -0.58 -3.49 8.56
N ALA A 32 -1.77 -2.98 8.46
CA ALA A 32 -2.23 -1.89 9.38
C ALA A 32 -1.60 -0.57 8.92
N LYS A 33 -0.65 -0.66 8.02
CA LYS A 33 0.01 0.58 7.49
C LYS A 33 -0.76 1.07 6.27
N LYS A 34 -1.05 2.35 6.21
CA LYS A 34 -1.81 2.89 5.05
C LYS A 34 -0.84 3.42 4.00
N PHE A 35 -1.36 3.75 2.85
CA PHE A 35 -0.48 4.27 1.75
C PHE A 35 -1.34 5.07 0.79
N HIS A 36 -0.88 6.20 0.33
CA HIS A 36 -1.69 6.97 -0.66
C HIS A 36 -1.92 6.03 -1.84
N PRO A 37 -3.12 5.95 -2.35
CA PRO A 37 -3.42 5.04 -3.49
C PRO A 37 -2.41 5.20 -4.64
N GLU A 38 -1.58 6.21 -4.57
CA GLU A 38 -0.56 6.43 -5.63
C GLU A 38 0.84 6.17 -5.05
N HIS A 39 0.96 6.12 -3.75
CA HIS A 39 2.30 5.88 -3.12
C HIS A 39 2.41 4.41 -2.74
N PHE A 40 1.31 3.70 -2.73
CA PHE A 40 1.34 2.25 -2.41
C PHE A 40 1.91 1.52 -3.61
N VAL A 41 3.21 1.39 -3.67
CA VAL A 41 3.83 0.71 -4.83
C VAL A 41 4.35 -0.67 -4.44
N CYS A 42 4.80 -1.43 -5.41
CA CYS A 42 5.32 -2.79 -5.12
C CYS A 42 6.74 -2.69 -4.55
N ALA A 43 6.99 -3.38 -3.47
CA ALA A 43 8.37 -3.35 -2.87
C ALA A 43 9.34 -4.13 -3.76
N PHE A 44 9.21 -3.99 -5.05
CA PHE A 44 10.12 -4.71 -6.00
C PHE A 44 10.37 -3.81 -7.20
N CYS A 45 9.32 -3.48 -7.92
CA CYS A 45 9.47 -2.60 -9.11
C CYS A 45 9.12 -1.16 -8.69
N LEU A 46 8.41 -1.02 -7.61
CA LEU A 46 8.03 0.34 -7.11
C LEU A 46 7.30 1.12 -8.21
N LYS A 47 6.78 0.45 -9.20
CA LYS A 47 6.06 1.17 -10.28
C LYS A 47 4.71 1.69 -9.75
N GLN A 48 3.93 0.81 -9.17
CA GLN A 48 2.62 1.21 -8.60
C GLN A 48 1.97 -0.03 -8.00
N LEU A 49 1.02 0.14 -7.13
CA LEU A 49 0.39 -1.07 -6.51
C LEU A 49 -0.98 -0.72 -5.92
N ASN A 50 -1.82 -1.71 -5.77
CA ASN A 50 -3.18 -1.48 -5.21
C ASN A 50 -3.61 -2.73 -4.44
N LYS A 51 -4.04 -2.56 -3.22
CA LYS A 51 -4.49 -3.74 -2.40
C LYS A 51 -5.50 -4.56 -3.19
N GLY A 52 -6.22 -3.92 -4.09
CA GLY A 52 -7.25 -4.64 -4.90
C GLY A 52 -6.63 -5.82 -5.64
N THR A 53 -5.38 -5.73 -6.03
CA THR A 53 -4.76 -6.87 -6.78
C THR A 53 -3.27 -7.00 -6.44
N PHE A 54 -2.88 -6.71 -5.22
CA PHE A 54 -1.44 -6.85 -4.87
C PHE A 54 -1.22 -8.14 -4.07
N LYS A 55 0.01 -8.39 -3.74
CA LYS A 55 0.36 -9.59 -2.95
C LYS A 55 1.48 -9.17 -1.98
N GLU A 56 1.79 -9.99 -1.01
CA GLU A 56 2.86 -9.59 -0.05
C GLU A 56 3.77 -10.78 0.24
N GLN A 57 5.01 -10.50 0.51
CA GLN A 57 5.98 -11.58 0.84
C GLN A 57 7.09 -10.99 1.70
N ASN A 58 7.66 -11.76 2.57
CA ASN A 58 8.75 -11.23 3.45
C ASN A 58 8.28 -9.96 4.19
N ASP A 59 6.98 -9.76 4.30
CA ASP A 59 6.45 -8.56 5.02
C ASP A 59 6.53 -7.31 4.13
N LYS A 60 6.37 -7.47 2.84
CA LYS A 60 6.42 -6.29 1.93
C LYS A 60 5.46 -6.51 0.76
N PRO A 61 4.97 -5.45 0.16
CA PRO A 61 4.02 -5.56 -0.98
C PRO A 61 4.66 -6.07 -2.26
N TYR A 62 3.86 -6.64 -3.11
CA TYR A 62 4.35 -7.18 -4.40
C TYR A 62 3.16 -7.32 -5.35
N CYS A 63 3.21 -6.73 -6.50
CA CYS A 63 2.04 -6.86 -7.43
C CYS A 63 1.73 -8.34 -7.57
N GLN A 64 0.48 -8.68 -7.71
CA GLN A 64 0.11 -10.10 -7.86
C GLN A 64 0.98 -10.71 -8.96
N ASN A 65 1.26 -9.95 -9.99
CA ASN A 65 2.13 -10.46 -11.09
C ASN A 65 3.52 -10.66 -10.51
N CYS A 66 3.98 -9.69 -9.76
CA CYS A 66 5.32 -9.81 -9.12
C CYS A 66 5.31 -11.02 -8.20
N PHE A 67 4.46 -11.02 -7.20
CA PHE A 67 4.37 -12.19 -6.28
C PHE A 67 4.27 -13.46 -7.12
N LEU A 68 3.41 -13.43 -8.10
CA LEU A 68 3.26 -14.60 -9.01
C LEU A 68 4.63 -14.88 -9.65
N LYS A 69 5.45 -13.88 -9.73
CA LYS A 69 6.81 -14.02 -10.33
C LYS A 69 7.82 -14.39 -9.23
N LEU A 70 7.68 -13.82 -8.06
CA LEU A 70 8.63 -14.13 -6.96
C LEU A 70 8.21 -15.41 -6.24
N PHE A 71 7.00 -15.45 -5.76
CA PHE A 71 6.51 -16.66 -5.03
C PHE A 71 6.24 -17.79 -6.02
N CYS A 72 6.09 -17.48 -7.28
CA CYS A 72 5.82 -18.55 -8.30
C CYS A 72 6.53 -18.21 -9.61
N TYR A 8 -6.95 21.43 8.62
CA TYR A 8 -8.18 21.71 9.41
C TYR A 8 -8.27 20.70 10.56
N HIS A 9 -8.00 21.15 11.77
CA HIS A 9 -8.06 20.25 12.97
C HIS A 9 -7.58 18.84 12.60
N GLU A 10 -8.32 17.82 12.94
CA GLU A 10 -7.91 16.43 12.60
C GLU A 10 -9.15 15.56 12.41
N ARG A 11 -8.97 14.31 12.06
CA ARG A 11 -10.14 13.41 11.87
C ARG A 11 -9.70 11.95 12.07
N ARG A 12 -8.49 11.74 12.51
CA ARG A 12 -7.97 10.36 12.73
C ARG A 12 -7.94 9.63 11.39
N GLY A 13 -9.05 9.05 10.99
CA GLY A 13 -9.09 8.34 9.69
C GLY A 13 -8.06 7.20 9.67
N SER A 14 -6.96 7.41 9.02
CA SER A 14 -5.90 6.35 8.94
C SER A 14 -4.62 6.96 8.37
N LEU A 15 -3.54 6.90 9.11
CA LEU A 15 -2.27 7.48 8.60
C LEU A 15 -1.70 6.58 7.50
N CYS A 16 -1.22 7.18 6.45
CA CYS A 16 -0.63 6.38 5.34
C CYS A 16 0.76 5.95 5.77
N SER A 17 0.95 4.68 6.01
CA SER A 17 2.30 4.22 6.45
C SER A 17 3.32 4.77 5.45
N GLY A 18 4.14 5.66 5.91
CA GLY A 18 5.14 6.31 5.01
C GLY A 18 4.89 7.82 5.06
N CYS A 19 3.65 8.20 5.26
CA CYS A 19 3.29 9.64 5.34
C CYS A 19 3.01 10.01 6.79
N GLN A 20 2.55 9.07 7.58
CA GLN A 20 2.23 9.36 9.01
C GLN A 20 1.18 10.47 9.07
N LYS A 21 0.35 10.54 8.06
CA LYS A 21 -0.73 11.58 8.01
C LYS A 21 -2.02 10.90 7.57
N PRO A 22 -3.14 11.26 8.16
CA PRO A 22 -4.44 10.63 7.81
C PRO A 22 -4.67 10.51 6.31
N ILE A 23 -5.47 9.56 5.93
CA ILE A 23 -5.77 9.34 4.50
C ILE A 23 -7.21 9.80 4.22
N THR A 24 -7.37 11.00 3.73
CA THR A 24 -8.74 11.53 3.45
C THR A 24 -9.22 11.03 2.08
N GLY A 25 -9.81 9.86 2.05
CA GLY A 25 -10.31 9.30 0.77
C GLY A 25 -10.07 7.80 0.77
N ARG A 26 -9.87 7.20 -0.38
CA ARG A 26 -9.60 5.74 -0.43
C ARG A 26 -8.36 5.46 0.42
N CYS A 27 -8.21 4.26 0.90
CA CYS A 27 -7.02 3.94 1.74
C CYS A 27 -6.72 2.45 1.70
N ILE A 28 -5.47 2.11 1.54
CA ILE A 28 -5.08 0.68 1.50
C ILE A 28 -4.77 0.22 2.93
N THR A 29 -4.98 -1.04 3.22
CA THR A 29 -4.69 -1.56 4.58
C THR A 29 -3.86 -2.83 4.46
N ALA A 30 -2.59 -2.74 4.71
CA ALA A 30 -1.71 -3.95 4.62
C ALA A 30 -1.72 -4.68 5.95
N MET A 31 -0.56 -4.99 6.48
CA MET A 31 -0.50 -5.69 7.79
C MET A 31 -0.87 -4.71 8.89
N ALA A 32 -2.07 -4.19 8.82
CA ALA A 32 -2.53 -3.18 9.82
C ALA A 32 -1.93 -1.82 9.44
N LYS A 33 -0.99 -1.82 8.53
CA LYS A 33 -0.36 -0.54 8.09
C LYS A 33 -1.15 0.02 6.92
N LYS A 34 -1.51 1.26 6.97
CA LYS A 34 -2.30 1.87 5.85
C LYS A 34 -1.35 2.55 4.87
N PHE A 35 -1.88 2.97 3.75
CA PHE A 35 -1.03 3.65 2.72
C PHE A 35 -1.92 4.49 1.82
N HIS A 36 -1.53 5.69 1.51
CA HIS A 36 -2.37 6.50 0.59
C HIS A 36 -2.51 5.69 -0.70
N PRO A 37 -3.69 5.57 -1.24
CA PRO A 37 -3.89 4.78 -2.49
C PRO A 37 -2.88 5.15 -3.59
N GLU A 38 -2.16 6.22 -3.39
CA GLU A 38 -1.14 6.65 -4.38
C GLU A 38 0.26 6.40 -3.81
N HIS A 39 0.37 6.20 -2.52
CA HIS A 39 1.71 5.96 -1.90
C HIS A 39 1.88 4.46 -1.68
N PHE A 40 0.83 3.70 -1.78
CA PHE A 40 0.94 2.23 -1.61
C PHE A 40 1.58 1.67 -2.86
N VAL A 41 2.87 1.62 -2.90
CA VAL A 41 3.57 1.10 -4.11
C VAL A 41 4.13 -0.30 -3.85
N CYS A 42 4.66 -0.91 -4.86
CA CYS A 42 5.23 -2.29 -4.71
C CYS A 42 6.61 -2.22 -4.07
N ALA A 43 6.85 -3.00 -3.05
CA ALA A 43 8.19 -2.99 -2.39
C ALA A 43 9.21 -3.67 -3.31
N PHE A 44 9.16 -3.36 -4.58
CA PHE A 44 10.12 -3.96 -5.56
C PHE A 44 10.39 -2.93 -6.65
N CYS A 45 9.37 -2.57 -7.38
CA CYS A 45 9.54 -1.55 -8.46
C CYS A 45 9.13 -0.18 -7.93
N LEU A 46 8.37 -0.17 -6.85
CA LEU A 46 7.92 1.13 -6.25
C LEU A 46 7.24 2.02 -7.29
N LYS A 47 6.78 1.43 -8.38
CA LYS A 47 6.11 2.24 -9.43
C LYS A 47 4.73 2.69 -8.92
N GLN A 48 3.95 1.75 -8.46
CA GLN A 48 2.60 2.07 -7.91
C GLN A 48 1.94 0.74 -7.54
N LEU A 49 0.98 0.75 -6.66
CA LEU A 49 0.36 -0.53 -6.28
C LEU A 49 -1.04 -0.32 -5.71
N ASN A 50 -1.88 -1.31 -5.87
CA ASN A 50 -3.27 -1.23 -5.36
C ASN A 50 -3.62 -2.60 -4.75
N LYS A 51 -3.95 -2.64 -3.49
CA LYS A 51 -4.27 -3.93 -2.84
C LYS A 51 -5.22 -4.75 -3.72
N GLY A 52 -6.25 -4.12 -4.23
CA GLY A 52 -7.25 -4.82 -5.08
C GLY A 52 -6.56 -5.85 -5.99
N THR A 53 -5.33 -5.61 -6.37
CA THR A 53 -4.63 -6.59 -7.25
C THR A 53 -3.16 -6.68 -6.84
N PHE A 54 -2.85 -6.54 -5.58
CA PHE A 54 -1.42 -6.64 -5.15
C PHE A 54 -1.17 -8.00 -4.51
N LYS A 55 0.06 -8.24 -4.16
CA LYS A 55 0.47 -9.50 -3.49
C LYS A 55 1.52 -9.14 -2.45
N GLU A 56 1.84 -10.03 -1.55
CA GLU A 56 2.87 -9.69 -0.53
C GLU A 56 3.84 -10.85 -0.35
N GLN A 57 5.06 -10.54 -0.02
CA GLN A 57 6.09 -11.59 0.19
C GLN A 57 7.13 -11.05 1.17
N ASN A 58 7.67 -11.90 2.00
CA ASN A 58 8.70 -11.43 2.98
C ASN A 58 8.15 -10.28 3.84
N ASP A 59 6.84 -10.16 3.93
CA ASP A 59 6.23 -9.07 4.77
C ASP A 59 6.22 -7.73 4.03
N LYS A 60 6.15 -7.74 2.72
CA LYS A 60 6.13 -6.45 1.96
C LYS A 60 5.22 -6.59 0.74
N PRO A 61 4.72 -5.50 0.22
CA PRO A 61 3.81 -5.53 -0.96
C PRO A 61 4.52 -5.85 -2.27
N TYR A 62 3.79 -6.39 -3.20
CA TYR A 62 4.36 -6.74 -4.52
C TYR A 62 3.21 -6.86 -5.52
N CYS A 63 3.25 -6.14 -6.60
CA CYS A 63 2.14 -6.23 -7.59
C CYS A 63 1.92 -7.71 -7.92
N GLN A 64 0.69 -8.11 -8.11
CA GLN A 64 0.42 -9.53 -8.45
C GLN A 64 1.36 -9.94 -9.59
N ASN A 65 1.59 -9.04 -10.51
CA ASN A 65 2.51 -9.33 -11.63
C ASN A 65 3.92 -9.50 -11.07
N CYS A 66 4.27 -8.69 -10.10
CA CYS A 66 5.61 -8.81 -9.47
C CYS A 66 5.65 -10.13 -8.71
N PHE A 67 4.77 -10.31 -7.75
CA PHE A 67 4.72 -11.59 -6.98
C PHE A 67 4.73 -12.74 -7.99
N LEU A 68 3.94 -12.61 -9.01
CA LEU A 68 3.89 -13.65 -10.08
C LEU A 68 5.29 -13.77 -10.69
N LYS A 69 6.03 -12.70 -10.62
CA LYS A 69 7.42 -12.69 -11.18
C LYS A 69 8.42 -13.16 -10.11
N LEU A 70 8.20 -12.79 -8.88
CA LEU A 70 9.13 -13.19 -7.78
C LEU A 70 8.76 -14.58 -7.27
N PHE A 71 7.54 -14.75 -6.85
CA PHE A 71 7.08 -16.06 -6.33
C PHE A 71 6.93 -17.07 -7.46
N CYS A 72 6.82 -16.60 -8.67
CA CYS A 72 6.67 -17.53 -9.83
C CYS A 72 7.39 -16.97 -11.06
N TYR A 8 -16.84 12.54 6.04
CA TYR A 8 -16.63 13.89 6.63
C TYR A 8 -15.17 14.02 7.09
N HIS A 9 -14.82 15.12 7.68
CA HIS A 9 -13.42 15.33 8.14
C HIS A 9 -13.14 14.40 9.33
N GLU A 10 -11.89 14.26 9.69
CA GLU A 10 -11.54 13.37 10.85
C GLU A 10 -10.54 14.10 11.75
N ARG A 11 -10.38 13.64 12.97
CA ARG A 11 -9.41 14.29 13.89
C ARG A 11 -8.00 14.12 13.34
N ARG A 12 -7.65 12.91 12.97
CA ARG A 12 -6.29 12.64 12.43
C ARG A 12 -6.42 11.94 11.07
N GLY A 13 -7.01 10.77 11.08
CA GLY A 13 -7.17 10.00 9.81
C GLY A 13 -6.22 8.81 9.80
N SER A 14 -5.16 8.89 9.04
CA SER A 14 -4.18 7.77 8.97
C SER A 14 -2.96 8.22 8.19
N LEU A 15 -1.80 8.21 8.81
CA LEU A 15 -0.57 8.66 8.09
C LEU A 15 -0.18 7.62 7.03
N CYS A 16 0.21 8.08 5.87
CA CYS A 16 0.63 7.14 4.81
C CYS A 16 2.05 6.71 5.09
N SER A 17 2.25 5.47 5.45
CA SER A 17 3.64 5.01 5.74
C SER A 17 4.51 5.40 4.56
N GLY A 18 5.41 6.31 4.80
CA GLY A 18 6.28 6.82 3.70
C GLY A 18 6.10 8.33 3.64
N CYS A 19 4.91 8.79 3.95
CA CYS A 19 4.62 10.25 3.96
C CYS A 19 4.53 10.75 5.40
N GLN A 20 4.13 9.88 6.29
CA GLN A 20 3.99 10.27 7.73
C GLN A 20 3.01 11.44 7.81
N LYS A 21 2.07 11.48 6.90
CA LYS A 21 1.04 12.56 6.89
C LYS A 21 -0.32 11.91 6.65
N PRO A 22 -1.36 12.39 7.30
CA PRO A 22 -2.71 11.80 7.15
C PRO A 22 -3.09 11.49 5.71
N ILE A 23 -3.96 10.53 5.54
CA ILE A 23 -4.41 10.14 4.18
C ILE A 23 -5.85 10.62 3.96
N THR A 24 -6.01 11.74 3.32
CA THR A 24 -7.37 12.28 3.07
C THR A 24 -8.00 11.56 1.87
N GLY A 25 -9.01 10.77 2.12
CA GLY A 25 -9.68 10.01 1.02
C GLY A 25 -9.49 8.52 1.28
N ARG A 26 -9.45 7.72 0.26
CA ARG A 26 -9.25 6.25 0.47
C ARG A 26 -7.92 6.04 1.18
N CYS A 27 -7.65 4.83 1.59
CA CYS A 27 -6.37 4.56 2.29
C CYS A 27 -6.08 3.07 2.32
N ILE A 28 -4.86 2.69 2.04
CA ILE A 28 -4.50 1.25 2.05
C ILE A 28 -3.99 0.87 3.43
N THR A 29 -4.17 -0.36 3.83
CA THR A 29 -3.69 -0.81 5.16
C THR A 29 -2.86 -2.07 4.98
N ALA A 30 -1.56 -1.96 5.11
CA ALA A 30 -0.69 -3.15 4.95
C ALA A 30 -0.49 -3.82 6.31
N MET A 31 0.73 -4.09 6.69
CA MET A 31 0.98 -4.73 8.01
C MET A 31 0.72 -3.69 9.10
N ALA A 32 -0.48 -3.21 9.18
CA ALA A 32 -0.84 -2.15 10.17
C ALA A 32 -0.31 -0.82 9.66
N LYS A 33 0.51 -0.85 8.64
CA LYS A 33 1.07 0.41 8.07
C LYS A 33 0.13 0.92 6.98
N LYS A 34 -0.16 2.19 6.99
CA LYS A 34 -1.09 2.76 5.98
C LYS A 34 -0.28 3.33 4.80
N PHE A 35 -0.94 3.67 3.75
CA PHE A 35 -0.23 4.22 2.55
C PHE A 35 -1.22 5.02 1.72
N HIS A 36 -0.84 6.17 1.23
CA HIS A 36 -1.77 6.94 0.37
C HIS A 36 -2.16 6.01 -0.79
N PRO A 37 -3.42 5.93 -1.13
CA PRO A 37 -3.85 5.03 -2.24
C PRO A 37 -3.02 5.24 -3.51
N GLU A 38 -2.18 6.24 -3.52
CA GLU A 38 -1.33 6.51 -4.70
C GLU A 38 0.15 6.25 -4.34
N HIS A 39 0.45 6.15 -3.06
CA HIS A 39 1.87 5.90 -2.63
C HIS A 39 2.05 4.43 -2.30
N PHE A 40 0.96 3.70 -2.16
CA PHE A 40 1.07 2.25 -1.86
C PHE A 40 1.50 1.56 -3.16
N VAL A 41 2.78 1.45 -3.37
CA VAL A 41 3.26 0.81 -4.63
C VAL A 41 3.87 -0.56 -4.33
N CYS A 42 4.21 -1.28 -5.36
CA CYS A 42 4.79 -2.65 -5.18
C CYS A 42 6.27 -2.52 -4.79
N ALA A 43 6.68 -3.22 -3.76
CA ALA A 43 8.12 -3.16 -3.34
C ALA A 43 8.98 -3.92 -4.36
N PHE A 44 8.71 -3.73 -5.63
CA PHE A 44 9.48 -4.42 -6.70
C PHE A 44 9.55 -3.49 -7.91
N CYS A 45 8.42 -3.19 -8.49
CA CYS A 45 8.38 -2.28 -9.66
C CYS A 45 8.06 -0.87 -9.18
N LEU A 46 7.50 -0.75 -8.01
CA LEU A 46 7.14 0.59 -7.44
C LEU A 46 6.27 1.37 -8.42
N LYS A 47 5.64 0.69 -9.35
CA LYS A 47 4.77 1.41 -10.32
C LYS A 47 3.50 1.90 -9.60
N GLN A 48 2.83 1.00 -8.94
CA GLN A 48 1.59 1.35 -8.19
C GLN A 48 1.05 0.07 -7.55
N LEU A 49 0.23 0.18 -6.55
CA LEU A 49 -0.29 -1.05 -5.91
C LEU A 49 -1.61 -0.77 -5.19
N ASN A 50 -2.38 -1.79 -4.95
CA ASN A 50 -3.68 -1.63 -4.25
C ASN A 50 -3.96 -2.89 -3.43
N LYS A 51 -4.20 -2.72 -2.15
CA LYS A 51 -4.49 -3.90 -1.26
C LYS A 51 -5.59 -4.76 -1.89
N GLY A 52 -6.46 -4.16 -2.66
CA GLY A 52 -7.56 -4.92 -3.30
C GLY A 52 -7.02 -6.06 -4.18
N THR A 53 -5.84 -5.91 -4.73
CA THR A 53 -5.30 -6.99 -5.60
C THR A 53 -3.77 -7.08 -5.46
N PHE A 54 -3.24 -6.80 -4.30
CA PHE A 54 -1.75 -6.90 -4.14
C PHE A 54 -1.39 -8.19 -3.43
N LYS A 55 -0.12 -8.42 -3.27
CA LYS A 55 0.38 -9.63 -2.56
C LYS A 55 1.60 -9.20 -1.74
N GLU A 56 2.05 -10.01 -0.83
CA GLU A 56 3.24 -9.60 -0.03
C GLU A 56 4.22 -10.76 0.10
N GLN A 57 5.47 -10.45 0.20
CA GLN A 57 6.52 -11.50 0.33
C GLN A 57 7.70 -10.90 1.09
N ASN A 58 8.38 -11.69 1.88
CA ASN A 58 9.55 -11.16 2.64
C ASN A 58 9.15 -9.93 3.46
N ASP A 59 7.88 -9.77 3.75
CA ASP A 59 7.40 -8.61 4.58
C ASP A 59 7.30 -7.33 3.73
N LYS A 60 7.02 -7.46 2.45
CA LYS A 60 6.89 -6.24 1.60
C LYS A 60 5.79 -6.47 0.56
N PRO A 61 5.20 -5.41 0.05
CA PRO A 61 4.11 -5.52 -0.96
C PRO A 61 4.60 -5.97 -2.33
N TYR A 62 3.71 -6.55 -3.07
CA TYR A 62 4.05 -7.05 -4.44
C TYR A 62 2.74 -7.23 -5.21
N CYS A 63 2.60 -6.62 -6.35
CA CYS A 63 1.32 -6.79 -7.11
C CYS A 63 1.06 -8.28 -7.28
N GLN A 64 -0.18 -8.68 -7.24
CA GLN A 64 -0.50 -10.12 -7.40
C GLN A 64 0.23 -10.63 -8.65
N ASN A 65 0.30 -9.81 -9.66
CA ASN A 65 1.02 -10.21 -10.90
C ASN A 65 2.50 -10.35 -10.56
N CYS A 66 3.02 -9.47 -9.73
CA CYS A 66 4.45 -9.56 -9.32
C CYS A 66 4.61 -10.81 -8.47
N PHE A 67 3.90 -10.89 -7.36
CA PHE A 67 3.98 -12.10 -6.50
C PHE A 67 3.82 -13.33 -7.38
N LEU A 68 2.87 -13.28 -8.27
CA LEU A 68 2.64 -14.41 -9.22
C LEU A 68 3.92 -14.60 -10.05
N LYS A 69 4.67 -13.55 -10.19
CA LYS A 69 5.94 -13.60 -10.96
C LYS A 69 7.10 -13.98 -10.04
N LEU A 70 7.09 -13.50 -8.83
CA LEU A 70 8.19 -13.82 -7.88
C LEU A 70 7.91 -15.16 -7.18
N PHE A 71 6.77 -15.27 -6.55
CA PHE A 71 6.42 -16.53 -5.84
C PHE A 71 6.09 -17.62 -6.84
N CYS A 72 5.76 -17.27 -8.06
CA CYS A 72 5.41 -18.29 -9.09
C CYS A 72 5.93 -17.85 -10.46
N TYR A 8 -15.78 20.10 10.54
CA TYR A 8 -15.64 19.52 9.17
C TYR A 8 -14.70 18.33 9.21
N HIS A 9 -13.61 18.45 9.93
CA HIS A 9 -12.64 17.31 10.02
C HIS A 9 -13.16 16.26 11.00
N GLU A 10 -12.56 15.10 11.00
CA GLU A 10 -13.02 14.02 11.92
C GLU A 10 -11.81 13.39 12.61
N ARG A 11 -10.68 14.04 12.56
CA ARG A 11 -9.45 13.49 13.20
C ARG A 11 -9.14 12.09 12.63
N ARG A 12 -8.24 11.37 13.26
CA ARG A 12 -7.89 10.01 12.75
C ARG A 12 -7.31 10.14 11.35
N GLY A 13 -7.97 9.60 10.36
CA GLY A 13 -7.44 9.71 8.98
C GLY A 13 -6.42 8.61 8.71
N SER A 14 -5.73 8.16 9.73
CA SER A 14 -4.71 7.08 9.56
C SER A 14 -3.53 7.61 8.72
N LEU A 15 -2.36 7.62 9.29
CA LEU A 15 -1.18 8.14 8.53
C LEU A 15 -0.79 7.14 7.45
N CYS A 16 -0.44 7.64 6.29
CA CYS A 16 -0.03 6.74 5.17
C CYS A 16 1.42 6.36 5.41
N SER A 17 1.68 5.13 5.75
CA SER A 17 3.08 4.72 5.99
C SER A 17 3.91 5.16 4.79
N GLY A 18 4.81 6.07 5.01
CA GLY A 18 5.63 6.62 3.90
C GLY A 18 5.37 8.12 3.85
N CYS A 19 4.18 8.52 4.21
CA CYS A 19 3.81 9.97 4.22
C CYS A 19 3.75 10.45 5.68
N GLN A 20 3.41 9.57 6.58
CA GLN A 20 3.30 9.95 8.02
C GLN A 20 2.28 11.08 8.14
N LYS A 21 1.30 11.09 7.27
CA LYS A 21 0.24 12.13 7.30
C LYS A 21 -1.11 11.42 7.15
N PRO A 22 -2.11 11.85 7.87
CA PRO A 22 -3.45 11.22 7.80
C PRO A 22 -3.94 10.96 6.37
N ILE A 23 -4.78 9.98 6.23
CA ILE A 23 -5.32 9.61 4.89
C ILE A 23 -6.78 10.06 4.81
N THR A 24 -7.03 11.22 4.26
CA THR A 24 -8.43 11.73 4.17
C THR A 24 -9.13 11.10 2.97
N GLY A 25 -9.71 9.94 3.15
CA GLY A 25 -10.41 9.24 2.04
C GLY A 25 -10.16 7.74 2.16
N ARG A 26 -10.19 7.03 1.07
CA ARG A 26 -9.93 5.56 1.14
C ARG A 26 -8.55 5.35 1.75
N CYS A 27 -8.31 4.20 2.32
CA CYS A 27 -6.98 3.95 2.94
C CYS A 27 -6.65 2.46 2.93
N ILE A 28 -5.45 2.13 2.59
CA ILE A 28 -5.04 0.70 2.55
C ILE A 28 -4.52 0.29 3.93
N THR A 29 -4.55 -0.99 4.24
CA THR A 29 -4.04 -1.45 5.56
C THR A 29 -3.10 -2.64 5.35
N ALA A 30 -1.83 -2.42 5.48
CA ALA A 30 -0.85 -3.53 5.28
C ALA A 30 -0.59 -4.20 6.63
N MET A 31 0.65 -4.37 7.00
CA MET A 31 0.96 -5.01 8.31
C MET A 31 0.62 -4.01 9.42
N ALA A 32 -0.62 -3.61 9.49
CA ALA A 32 -1.04 -2.61 10.51
C ALA A 32 -0.58 -1.23 10.02
N LYS A 33 0.20 -1.20 8.98
CA LYS A 33 0.70 0.09 8.43
C LYS A 33 -0.25 0.56 7.33
N LYS A 34 -0.65 1.81 7.37
CA LYS A 34 -1.58 2.33 6.33
C LYS A 34 -0.79 2.91 5.16
N PHE A 35 -1.47 3.24 4.11
CA PHE A 35 -0.80 3.82 2.91
C PHE A 35 -1.84 4.58 2.09
N HIS A 36 -1.52 5.74 1.61
CA HIS A 36 -2.51 6.47 0.77
C HIS A 36 -2.85 5.54 -0.40
N PRO A 37 -4.11 5.39 -0.72
CA PRO A 37 -4.51 4.48 -1.85
C PRO A 37 -3.73 4.76 -3.14
N GLU A 38 -2.91 5.77 -3.13
CA GLU A 38 -2.10 6.11 -4.33
C GLU A 38 -0.60 6.00 -3.99
N HIS A 39 -0.27 5.81 -2.73
CA HIS A 39 1.17 5.69 -2.34
C HIS A 39 1.50 4.23 -2.08
N PHE A 40 0.51 3.40 -1.89
CA PHE A 40 0.77 1.96 -1.69
C PHE A 40 1.17 1.38 -3.04
N VAL A 41 2.43 1.41 -3.35
CA VAL A 41 2.91 0.90 -4.66
C VAL A 41 3.65 -0.42 -4.49
N CYS A 42 4.01 -1.04 -5.59
CA CYS A 42 4.74 -2.34 -5.53
C CYS A 42 6.20 -2.09 -5.18
N ALA A 43 6.74 -2.80 -4.21
CA ALA A 43 8.17 -2.61 -3.84
C ALA A 43 9.07 -3.19 -4.93
N PHE A 44 8.71 -2.99 -6.17
CA PHE A 44 9.54 -3.51 -7.31
C PHE A 44 9.47 -2.50 -8.45
N CYS A 45 8.29 -2.26 -8.96
CA CYS A 45 8.13 -1.29 -10.08
C CYS A 45 7.68 0.05 -9.49
N LEU A 46 7.14 0.03 -8.29
CA LEU A 46 6.67 1.28 -7.62
C LEU A 46 5.70 2.03 -8.52
N LYS A 47 5.10 1.36 -9.47
CA LYS A 47 4.13 2.04 -10.38
C LYS A 47 2.85 2.36 -9.59
N GLN A 48 2.28 1.36 -8.98
CA GLN A 48 1.04 1.56 -8.18
C GLN A 48 0.64 0.20 -7.62
N LEU A 49 -0.14 0.17 -6.57
CA LEU A 49 -0.54 -1.14 -6.00
C LEU A 49 -1.79 -1.00 -5.14
N ASN A 50 -2.51 -2.08 -4.97
CA ASN A 50 -3.75 -2.04 -4.14
C ASN A 50 -3.86 -3.35 -3.35
N LYS A 51 -4.06 -3.25 -2.06
CA LYS A 51 -4.18 -4.48 -1.22
C LYS A 51 -5.26 -5.39 -1.80
N GLY A 52 -6.21 -4.82 -2.50
CA GLY A 52 -7.31 -5.63 -3.10
C GLY A 52 -6.77 -6.82 -3.88
N THR A 53 -5.65 -6.67 -4.55
CA THR A 53 -5.11 -7.83 -5.33
C THR A 53 -3.58 -7.77 -5.40
N PHE A 54 -2.93 -7.33 -4.36
CA PHE A 54 -1.44 -7.28 -4.38
C PHE A 54 -0.87 -8.56 -3.79
N LYS A 55 0.42 -8.67 -3.77
CA LYS A 55 1.10 -9.85 -3.20
C LYS A 55 2.32 -9.35 -2.42
N GLU A 56 3.04 -10.20 -1.75
CA GLU A 56 4.21 -9.71 -0.99
C GLU A 56 5.27 -10.81 -0.87
N GLN A 57 6.50 -10.40 -0.72
CA GLN A 57 7.62 -11.37 -0.58
C GLN A 57 8.74 -10.68 0.17
N ASN A 58 9.54 -11.41 0.89
CA ASN A 58 10.67 -10.77 1.65
C ASN A 58 10.13 -9.65 2.55
N ASP A 59 8.84 -9.65 2.83
CA ASP A 59 8.25 -8.60 3.71
C ASP A 59 8.02 -7.30 2.93
N LYS A 60 7.76 -7.39 1.65
CA LYS A 60 7.52 -6.14 0.85
C LYS A 60 6.40 -6.42 -0.16
N PRO A 61 5.66 -5.40 -0.54
CA PRO A 61 4.54 -5.56 -1.51
C PRO A 61 5.00 -5.87 -2.93
N TYR A 62 4.13 -6.48 -3.68
CA TYR A 62 4.45 -6.83 -5.09
C TYR A 62 3.12 -7.07 -5.82
N CYS A 63 2.89 -6.40 -6.92
CA CYS A 63 1.61 -6.62 -7.64
C CYS A 63 1.42 -8.11 -7.85
N GLN A 64 0.22 -8.59 -7.80
CA GLN A 64 -0.02 -10.03 -8.01
C GLN A 64 0.69 -10.45 -9.30
N ASN A 65 0.68 -9.58 -10.29
CA ASN A 65 1.37 -9.89 -11.56
C ASN A 65 2.87 -9.88 -11.29
N CYS A 66 3.34 -8.97 -10.46
CA CYS A 66 4.78 -8.92 -10.12
C CYS A 66 5.13 -10.17 -9.33
N PHE A 67 4.50 -10.37 -8.20
CA PHE A 67 4.77 -11.59 -7.38
C PHE A 67 4.67 -12.80 -8.29
N LEU A 68 3.66 -12.82 -9.13
CA LEU A 68 3.50 -13.93 -10.10
C LEU A 68 4.73 -13.96 -11.02
N LYS A 69 5.37 -12.82 -11.16
CA LYS A 69 6.58 -12.72 -12.00
C LYS A 69 7.84 -13.01 -11.16
N LEU A 70 7.85 -12.56 -9.94
CA LEU A 70 9.05 -12.78 -9.07
C LEU A 70 8.96 -14.16 -8.41
N PHE A 71 7.90 -14.42 -7.71
CA PHE A 71 7.74 -15.74 -7.03
C PHE A 71 7.46 -16.83 -8.05
N CYS A 72 6.99 -16.46 -9.22
CA CYS A 72 6.70 -17.48 -10.27
C CYS A 72 7.07 -16.94 -11.65
#